data_8GKV
# 
_entry.id   8GKV 
# 
_audit_conform.dict_name       mmcif_pdbx.dic 
_audit_conform.dict_version    5.388 
_audit_conform.dict_location   http://mmcif.pdb.org/dictionaries/ascii/mmcif_pdbx.dic 
# 
loop_
_database_2.database_id 
_database_2.database_code 
_database_2.pdbx_database_accession 
_database_2.pdbx_DOI 
PDB   8GKV         pdb_00008gkv 10.2210/pdb8gkv/pdb 
WWPDB D_1000273110 ?            ?                   
# 
_pdbx_audit_revision_history.ordinal             1 
_pdbx_audit_revision_history.data_content_type   'Structure model' 
_pdbx_audit_revision_history.major_revision      1 
_pdbx_audit_revision_history.minor_revision      0 
_pdbx_audit_revision_history.revision_date       2024-03-27 
# 
_pdbx_audit_revision_details.ordinal             1 
_pdbx_audit_revision_details.revision_ordinal    1 
_pdbx_audit_revision_details.data_content_type   'Structure model' 
_pdbx_audit_revision_details.provider            repository 
_pdbx_audit_revision_details.type                'Initial release' 
_pdbx_audit_revision_details.description         ? 
_pdbx_audit_revision_details.details             ? 
# 
_pdbx_database_status.status_code                     REL 
_pdbx_database_status.status_code_sf                  REL 
_pdbx_database_status.status_code_mr                  ? 
_pdbx_database_status.entry_id                        8GKV 
_pdbx_database_status.recvd_initial_deposition_date   2023-03-20 
_pdbx_database_status.SG_entry                        N 
_pdbx_database_status.deposit_site                    RCSB 
_pdbx_database_status.process_site                    RCSB 
_pdbx_database_status.status_code_cs                  ? 
_pdbx_database_status.status_code_nmr_data            ? 
_pdbx_database_status.methods_development_category    ? 
_pdbx_database_status.pdb_format_compatible           Y 
# 
_pdbx_contact_author.id                 2 
_pdbx_contact_author.email              jix@mail.nih.gov 
_pdbx_contact_author.name_first         Xinhua 
_pdbx_contact_author.name_last          Ji 
_pdbx_contact_author.name_mi            ? 
_pdbx_contact_author.role               'principal investigator/group leader' 
_pdbx_contact_author.identifier_ORCID   0000-0001-6942-1514 
# 
loop_
_audit_author.name 
_audit_author.pdbx_ordinal 
_audit_author.identifier_ORCID 
'Shaw, G.X.'    1 0000-0002-2510-3538 
'Gan, J.'       2 ?                   
'Suburaman, P.' 3 ?                   
'Battesti, A.'  4 ?                   
'Zhou, Y.N.'    5 ?                   
'Wickner, S.'   6 ?                   
'Gottesman, S.' 7 ?                   
'Ji, X.'        8 0000-0001-6942-1514 
# 
_citation.abstract                  ? 
_citation.abstract_id_CAS           ? 
_citation.book_id_ISBN              ? 
_citation.book_publisher            ? 
_citation.book_publisher_city       ? 
_citation.book_title                ? 
_citation.coordinate_linkage        ? 
_citation.country                   ? 
_citation.database_id_Medline       ? 
_citation.details                   ? 
_citation.id                        primary 
_citation.journal_abbrev            'to be published' 
_citation.journal_id_ASTM           ? 
_citation.journal_id_CSD            0353 
_citation.journal_id_ISSN           ? 
_citation.journal_full              ? 
_citation.journal_issue             ? 
_citation.journal_volume            ? 
_citation.language                  ? 
_citation.page_first                ? 
_citation.page_last                 ? 
_citation.title                     'Structural and functional study of anti-adaptor IraP-mediated regulation of RpoS proteolysis' 
_citation.year                      ? 
_citation.database_id_CSD           ? 
_citation.pdbx_database_id_DOI      ? 
_citation.pdbx_database_id_PubMed   ? 
_citation.pdbx_database_id_patent   ? 
_citation.unpublished_flag          ? 
# 
loop_
_citation_author.citation_id 
_citation_author.name 
_citation_author.ordinal 
_citation_author.identifier_ORCID 
primary 'Tripathi, A.'  1  ?                   
primary 'Hoskins, J.'   2  ?                   
primary 'Shaw, G.X.'    3  0000-0002-2510-3538 
primary 'Gan, J.'       4  ?                   
primary 'Tong, S.'      5  ?                   
primary 'Battesti, A.'  6  ?                   
primary 'Jenkins, L.M.' 7  ?                   
primary 'Ji, X.'        8  0000-0001-6942-1514 
primary 'Wickner, S.'   9  ?                   
primary 'Gottesman, S.' 10 ?                   
# 
loop_
_entity.id 
_entity.type 
_entity.src_method 
_entity.pdbx_description 
_entity.formula_weight 
_entity.pdbx_number_of_molecules 
_entity.pdbx_ec 
_entity.pdbx_mutation 
_entity.pdbx_fragment 
_entity.details 
1 polymer     man 'Anti-adapter protein IraP'                           10048.501 2  ? C23S 'N-terminal domain, residues 1-86' ? 
2 non-polymer syn '4-(2-HYDROXYETHYL)-1-PIPERAZINE ETHANESULFONIC ACID' 238.305   1  ? ?    ?                                  ? 
3 non-polymer syn 1,2-ETHANEDIOL                                        62.068    3  ? ?    ?                                  ? 
4 non-polymer syn 'CHLORIDE ION'                                        35.453    8  ? ?    ?                                  ? 
5 non-polymer syn 2-AMINO-2-HYDROXYMETHYL-PROPANE-1,3-DIOL              122.143   1  ? ?    ?                                  ? 
6 water       nat water                                                 18.015    30 ? ?    ?                                  ? 
# 
_entity_poly.entity_id                      1 
_entity_poly.type                           'polypeptide(L)' 
_entity_poly.nstd_linkage                   no 
_entity_poly.nstd_monomer                   no 
_entity_poly.pdbx_seq_one_letter_code       
;GGMKNLIAELLFKLAQKEEESKELSAQVEALEIIVTAMLRNMAQNDQQRLIDQVEGALYEVKPDASIPDDDTELLRDYVK
KLLKHPRQ
;
_entity_poly.pdbx_seq_one_letter_code_can   
;GGMKNLIAELLFKLAQKEEESKELSAQVEALEIIVTAMLRNMAQNDQQRLIDQVEGALYEVKPDASIPDDDTELLRDYVK
KLLKHPRQ
;
_entity_poly.pdbx_strand_id                 A,B 
_entity_poly.pdbx_target_identifier         ? 
# 
loop_
_pdbx_entity_nonpoly.entity_id 
_pdbx_entity_nonpoly.name 
_pdbx_entity_nonpoly.comp_id 
2 '4-(2-HYDROXYETHYL)-1-PIPERAZINE ETHANESULFONIC ACID' EPE 
3 1,2-ETHANEDIOL                                        EDO 
4 'CHLORIDE ION'                                        CL  
5 2-AMINO-2-HYDROXYMETHYL-PROPANE-1,3-DIOL              TRS 
6 water                                                 HOH 
# 
loop_
_entity_poly_seq.entity_id 
_entity_poly_seq.num 
_entity_poly_seq.mon_id 
_entity_poly_seq.hetero 
1 1  GLY n 
1 2  GLY n 
1 3  MET n 
1 4  LYS n 
1 5  ASN n 
1 6  LEU n 
1 7  ILE n 
1 8  ALA n 
1 9  GLU n 
1 10 LEU n 
1 11 LEU n 
1 12 PHE n 
1 13 LYS n 
1 14 LEU n 
1 15 ALA n 
1 16 GLN n 
1 17 LYS n 
1 18 GLU n 
1 19 GLU n 
1 20 GLU n 
1 21 SER n 
1 22 LYS n 
1 23 GLU n 
1 24 LEU n 
1 25 SER n 
1 26 ALA n 
1 27 GLN n 
1 28 VAL n 
1 29 GLU n 
1 30 ALA n 
1 31 LEU n 
1 32 GLU n 
1 33 ILE n 
1 34 ILE n 
1 35 VAL n 
1 36 THR n 
1 37 ALA n 
1 38 MET n 
1 39 LEU n 
1 40 ARG n 
1 41 ASN n 
1 42 MET n 
1 43 ALA n 
1 44 GLN n 
1 45 ASN n 
1 46 ASP n 
1 47 GLN n 
1 48 GLN n 
1 49 ARG n 
1 50 LEU n 
1 51 ILE n 
1 52 ASP n 
1 53 GLN n 
1 54 VAL n 
1 55 GLU n 
1 56 GLY n 
1 57 ALA n 
1 58 LEU n 
1 59 TYR n 
1 60 GLU n 
1 61 VAL n 
1 62 LYS n 
1 63 PRO n 
1 64 ASP n 
1 65 ALA n 
1 66 SER n 
1 67 ILE n 
1 68 PRO n 
1 69 ASP n 
1 70 ASP n 
1 71 ASP n 
1 72 THR n 
1 73 GLU n 
1 74 LEU n 
1 75 LEU n 
1 76 ARG n 
1 77 ASP n 
1 78 TYR n 
1 79 VAL n 
1 80 LYS n 
1 81 LYS n 
1 82 LEU n 
1 83 LEU n 
1 84 LYS n 
1 85 HIS n 
1 86 PRO n 
1 87 ARG n 
1 88 GLN n 
# 
_entity_src_gen.entity_id                          1 
_entity_src_gen.pdbx_src_id                        1 
_entity_src_gen.pdbx_alt_source_flag               sample 
_entity_src_gen.pdbx_seq_type                      'Biological sequence' 
_entity_src_gen.pdbx_beg_seq_num                   1 
_entity_src_gen.pdbx_end_seq_num                   88 
_entity_src_gen.gene_src_common_name               ? 
_entity_src_gen.gene_src_genus                     ? 
_entity_src_gen.pdbx_gene_src_gene                 'iraP, yaiB, b0382, JW0373' 
_entity_src_gen.gene_src_species                   ? 
_entity_src_gen.gene_src_strain                    K12 
_entity_src_gen.gene_src_tissue                    ? 
_entity_src_gen.gene_src_tissue_fraction           ? 
_entity_src_gen.gene_src_details                   ? 
_entity_src_gen.pdbx_gene_src_fragment             ? 
_entity_src_gen.pdbx_gene_src_scientific_name      'Escherichia coli K-12' 
_entity_src_gen.pdbx_gene_src_ncbi_taxonomy_id     83333 
_entity_src_gen.pdbx_gene_src_variant              ? 
_entity_src_gen.pdbx_gene_src_cell_line            ? 
_entity_src_gen.pdbx_gene_src_atcc                 ? 
_entity_src_gen.pdbx_gene_src_organ                ? 
_entity_src_gen.pdbx_gene_src_organelle            ? 
_entity_src_gen.pdbx_gene_src_cell                 ? 
_entity_src_gen.pdbx_gene_src_cellular_location    ? 
_entity_src_gen.host_org_common_name               ? 
_entity_src_gen.pdbx_host_org_scientific_name      'Escherichia coli BL21(DE3)' 
_entity_src_gen.pdbx_host_org_ncbi_taxonomy_id     469008 
_entity_src_gen.host_org_genus                     ? 
_entity_src_gen.pdbx_host_org_gene                 ? 
_entity_src_gen.pdbx_host_org_organ                ? 
_entity_src_gen.host_org_species                   ? 
_entity_src_gen.pdbx_host_org_tissue               ? 
_entity_src_gen.pdbx_host_org_tissue_fraction      ? 
_entity_src_gen.pdbx_host_org_strain               ? 
_entity_src_gen.pdbx_host_org_variant              ? 
_entity_src_gen.pdbx_host_org_cell_line            ? 
_entity_src_gen.pdbx_host_org_atcc                 ? 
_entity_src_gen.pdbx_host_org_culture_collection   ? 
_entity_src_gen.pdbx_host_org_cell                 ? 
_entity_src_gen.pdbx_host_org_organelle            ? 
_entity_src_gen.pdbx_host_org_cellular_location    ? 
_entity_src_gen.pdbx_host_org_vector_type          plasmid 
_entity_src_gen.pdbx_host_org_vector               ? 
_entity_src_gen.host_org_details                   ? 
_entity_src_gen.expression_system_id               ? 
_entity_src_gen.plasmid_name                       IraPC23S 
_entity_src_gen.plasmid_details                    ? 
_entity_src_gen.pdbx_description                   ? 
# 
loop_
_chem_comp.id 
_chem_comp.type 
_chem_comp.mon_nstd_flag 
_chem_comp.name 
_chem_comp.pdbx_synonyms 
_chem_comp.formula 
_chem_comp.formula_weight 
ALA 'L-peptide linking' y ALANINE                                               ?                 'C3 H7 N O2'     89.093  
ARG 'L-peptide linking' y ARGININE                                              ?                 'C6 H15 N4 O2 1' 175.209 
ASN 'L-peptide linking' y ASPARAGINE                                            ?                 'C4 H8 N2 O3'    132.118 
ASP 'L-peptide linking' y 'ASPARTIC ACID'                                       ?                 'C4 H7 N O4'     133.103 
CL  non-polymer         . 'CHLORIDE ION'                                        ?                 'Cl -1'          35.453  
CYS 'L-peptide linking' y CYSTEINE                                              ?                 'C3 H7 N O2 S'   121.158 
EDO non-polymer         . 1,2-ETHANEDIOL                                        'ETHYLENE GLYCOL' 'C2 H6 O2'       62.068  
EPE non-polymer         . '4-(2-HYDROXYETHYL)-1-PIPERAZINE ETHANESULFONIC ACID' HEPES             'C8 H18 N2 O4 S' 238.305 
GLN 'L-peptide linking' y GLUTAMINE                                             ?                 'C5 H10 N2 O3'   146.144 
GLU 'L-peptide linking' y 'GLUTAMIC ACID'                                       ?                 'C5 H9 N O4'     147.129 
GLY 'peptide linking'   y GLYCINE                                               ?                 'C2 H5 N O2'     75.067  
HIS 'L-peptide linking' y HISTIDINE                                             ?                 'C6 H10 N3 O2 1' 156.162 
HOH non-polymer         . WATER                                                 ?                 'H2 O'           18.015  
ILE 'L-peptide linking' y ISOLEUCINE                                            ?                 'C6 H13 N O2'    131.173 
LEU 'L-peptide linking' y LEUCINE                                               ?                 'C6 H13 N O2'    131.173 
LYS 'L-peptide linking' y LYSINE                                                ?                 'C6 H15 N2 O2 1' 147.195 
MET 'L-peptide linking' y METHIONINE                                            ?                 'C5 H11 N O2 S'  149.211 
PHE 'L-peptide linking' y PHENYLALANINE                                         ?                 'C9 H11 N O2'    165.189 
PRO 'L-peptide linking' y PROLINE                                               ?                 'C5 H9 N O2'     115.130 
SER 'L-peptide linking' y SERINE                                                ?                 'C3 H7 N O3'     105.093 
THR 'L-peptide linking' y THREONINE                                             ?                 'C4 H9 N O3'     119.119 
TRS non-polymer         . 2-AMINO-2-HYDROXYMETHYL-PROPANE-1,3-DIOL              'TRIS BUFFER'     'C4 H12 N O3 1'  122.143 
TYR 'L-peptide linking' y TYROSINE                                              ?                 'C9 H11 N O3'    181.189 
VAL 'L-peptide linking' y VALINE                                                ?                 'C5 H11 N O2'    117.146 
# 
loop_
_pdbx_poly_seq_scheme.asym_id 
_pdbx_poly_seq_scheme.entity_id 
_pdbx_poly_seq_scheme.seq_id 
_pdbx_poly_seq_scheme.mon_id 
_pdbx_poly_seq_scheme.ndb_seq_num 
_pdbx_poly_seq_scheme.pdb_seq_num 
_pdbx_poly_seq_scheme.auth_seq_num 
_pdbx_poly_seq_scheme.pdb_mon_id 
_pdbx_poly_seq_scheme.auth_mon_id 
_pdbx_poly_seq_scheme.pdb_strand_id 
_pdbx_poly_seq_scheme.pdb_ins_code 
_pdbx_poly_seq_scheme.hetero 
A 1 1  GLY 1  -1 -1 GLY GLY A . n 
A 1 2  GLY 2  0  0  GLY GLY A . n 
A 1 3  MET 3  1  1  MET MET A . n 
A 1 4  LYS 4  2  2  LYS LYS A . n 
A 1 5  ASN 5  3  3  ASN ASN A . n 
A 1 6  LEU 6  4  4  LEU LEU A . n 
A 1 7  ILE 7  5  5  ILE ILE A . n 
A 1 8  ALA 8  6  6  ALA ALA A . n 
A 1 9  GLU 9  7  7  GLU GLU A . n 
A 1 10 LEU 10 8  8  LEU LEU A . n 
A 1 11 LEU 11 9  9  LEU LEU A . n 
A 1 12 PHE 12 10 10 PHE PHE A . n 
A 1 13 LYS 13 11 11 LYS LYS A . n 
A 1 14 LEU 14 12 12 LEU LEU A . n 
A 1 15 ALA 15 13 13 ALA ALA A . n 
A 1 16 GLN 16 14 14 GLN GLN A . n 
A 1 17 LYS 17 15 15 LYS LYS A . n 
A 1 18 GLU 18 16 16 GLU GLU A . n 
A 1 19 GLU 19 17 17 GLU GLU A . n 
A 1 20 GLU 20 18 18 GLU GLU A . n 
A 1 21 SER 21 19 19 SER SER A . n 
A 1 22 LYS 22 20 20 LYS LYS A . n 
A 1 23 GLU 23 21 21 GLU GLU A . n 
A 1 24 LEU 24 22 22 LEU LEU A . n 
A 1 25 SER 25 23 23 SER SER A . n 
A 1 26 ALA 26 24 24 ALA ALA A . n 
A 1 27 GLN 27 25 25 GLN GLN A . n 
A 1 28 VAL 28 26 26 VAL VAL A . n 
A 1 29 GLU 29 27 27 GLU GLU A . n 
A 1 30 ALA 30 28 28 ALA ALA A . n 
A 1 31 LEU 31 29 29 LEU LEU A . n 
A 1 32 GLU 32 30 30 GLU GLU A . n 
A 1 33 ILE 33 31 31 ILE ILE A . n 
A 1 34 ILE 34 32 32 ILE ILE A . n 
A 1 35 VAL 35 33 33 VAL VAL A . n 
A 1 36 THR 36 34 34 THR THR A . n 
A 1 37 ALA 37 35 35 ALA ALA A . n 
A 1 38 MET 38 36 36 MET MET A . n 
A 1 39 LEU 39 37 37 LEU LEU A . n 
A 1 40 ARG 40 38 38 ARG ARG A . n 
A 1 41 ASN 41 39 39 ASN ASN A . n 
A 1 42 MET 42 40 40 MET MET A . n 
A 1 43 ALA 43 41 41 ALA ALA A . n 
A 1 44 GLN 44 42 42 GLN GLN A . n 
A 1 45 ASN 45 43 ?  ?   ?   A . n 
A 1 46 ASP 46 44 ?  ?   ?   A . n 
A 1 47 GLN 47 45 ?  ?   ?   A . n 
A 1 48 GLN 48 46 ?  ?   ?   A . n 
A 1 49 ARG 49 47 ?  ?   ?   A . n 
A 1 50 LEU 50 48 ?  ?   ?   A . n 
A 1 51 ILE 51 49 ?  ?   ?   A . n 
A 1 52 ASP 52 50 ?  ?   ?   A . n 
A 1 53 GLN 53 51 ?  ?   ?   A . n 
A 1 54 VAL 54 52 ?  ?   ?   A . n 
A 1 55 GLU 55 53 ?  ?   ?   A . n 
A 1 56 GLY 56 54 ?  ?   ?   A . n 
A 1 57 ALA 57 55 ?  ?   ?   A . n 
A 1 58 LEU 58 56 ?  ?   ?   A . n 
A 1 59 TYR 59 57 ?  ?   ?   A . n 
A 1 60 GLU 60 58 ?  ?   ?   A . n 
A 1 61 VAL 61 59 ?  ?   ?   A . n 
A 1 62 LYS 62 60 ?  ?   ?   A . n 
A 1 63 PRO 63 61 ?  ?   ?   A . n 
A 1 64 ASP 64 62 ?  ?   ?   A . n 
A 1 65 ALA 65 63 ?  ?   ?   A . n 
A 1 66 SER 66 64 ?  ?   ?   A . n 
A 1 67 ILE 67 65 ?  ?   ?   A . n 
A 1 68 PRO 68 66 ?  ?   ?   A . n 
A 1 69 ASP 69 67 ?  ?   ?   A . n 
A 1 70 ASP 70 68 ?  ?   ?   A . n 
A 1 71 ASP 71 69 ?  ?   ?   A . n 
A 1 72 THR 72 70 ?  ?   ?   A . n 
A 1 73 GLU 73 71 ?  ?   ?   A . n 
A 1 74 LEU 74 72 ?  ?   ?   A . n 
A 1 75 LEU 75 73 ?  ?   ?   A . n 
A 1 76 ARG 76 74 ?  ?   ?   A . n 
A 1 77 ASP 77 75 ?  ?   ?   A . n 
A 1 78 TYR 78 76 ?  ?   ?   A . n 
A 1 79 VAL 79 77 ?  ?   ?   A . n 
A 1 80 LYS 80 78 ?  ?   ?   A . n 
A 1 81 LYS 81 79 ?  ?   ?   A . n 
A 1 82 LEU 82 80 ?  ?   ?   A . n 
A 1 83 LEU 83 81 ?  ?   ?   A . n 
A 1 84 LYS 84 82 ?  ?   ?   A . n 
A 1 85 HIS 85 83 ?  ?   ?   A . n 
A 1 86 PRO 86 84 ?  ?   ?   A . n 
A 1 87 ARG 87 85 ?  ?   ?   A . n 
A 1 88 GLN 88 86 ?  ?   ?   A . n 
B 1 1  GLY 1  -1 ?  ?   ?   B . n 
B 1 2  GLY 2  0  ?  ?   ?   B . n 
B 1 3  MET 3  1  1  MET MET B . n 
B 1 4  LYS 4  2  2  LYS LYS B . n 
B 1 5  ASN 5  3  3  ASN ASN B . n 
B 1 6  LEU 6  4  4  LEU LEU B . n 
B 1 7  ILE 7  5  5  ILE ILE B . n 
B 1 8  ALA 8  6  6  ALA ALA B . n 
B 1 9  GLU 9  7  7  GLU GLU B . n 
B 1 10 LEU 10 8  8  LEU LEU B . n 
B 1 11 LEU 11 9  9  LEU LEU B . n 
B 1 12 PHE 12 10 10 PHE PHE B . n 
B 1 13 LYS 13 11 11 LYS LYS B . n 
B 1 14 LEU 14 12 12 LEU LEU B . n 
B 1 15 ALA 15 13 13 ALA ALA B . n 
B 1 16 GLN 16 14 14 GLN GLN B . n 
B 1 17 LYS 17 15 15 LYS LYS B . n 
B 1 18 GLU 18 16 16 GLU GLU B . n 
B 1 19 GLU 19 17 17 GLU GLU B . n 
B 1 20 GLU 20 18 18 GLU GLU B . n 
B 1 21 SER 21 19 19 SER SER B . n 
B 1 22 LYS 22 20 20 LYS LYS B . n 
B 1 23 GLU 23 21 21 GLU GLU B . n 
B 1 24 LEU 24 22 22 LEU LEU B . n 
B 1 25 SER 25 23 23 SER SER B . n 
B 1 26 ALA 26 24 24 ALA ALA B . n 
B 1 27 GLN 27 25 25 GLN GLN B . n 
B 1 28 VAL 28 26 26 VAL VAL B . n 
B 1 29 GLU 29 27 27 GLU GLU B . n 
B 1 30 ALA 30 28 28 ALA ALA B . n 
B 1 31 LEU 31 29 29 LEU LEU B . n 
B 1 32 GLU 32 30 30 GLU GLU B . n 
B 1 33 ILE 33 31 31 ILE ILE B . n 
B 1 34 ILE 34 32 32 ILE ILE B . n 
B 1 35 VAL 35 33 33 VAL VAL B . n 
B 1 36 THR 36 34 34 THR THR B . n 
B 1 37 ALA 37 35 35 ALA ALA B . n 
B 1 38 MET 38 36 36 MET MET B . n 
B 1 39 LEU 39 37 37 LEU LEU B . n 
B 1 40 ARG 40 38 38 ARG ARG B . n 
B 1 41 ASN 41 39 39 ASN ASN B . n 
B 1 42 MET 42 40 40 MET MET B . n 
B 1 43 ALA 43 41 ?  ?   ?   B . n 
B 1 44 GLN 44 42 ?  ?   ?   B . n 
B 1 45 ASN 45 43 ?  ?   ?   B . n 
B 1 46 ASP 46 44 ?  ?   ?   B . n 
B 1 47 GLN 47 45 ?  ?   ?   B . n 
B 1 48 GLN 48 46 ?  ?   ?   B . n 
B 1 49 ARG 49 47 ?  ?   ?   B . n 
B 1 50 LEU 50 48 ?  ?   ?   B . n 
B 1 51 ILE 51 49 ?  ?   ?   B . n 
B 1 52 ASP 52 50 ?  ?   ?   B . n 
B 1 53 GLN 53 51 ?  ?   ?   B . n 
B 1 54 VAL 54 52 ?  ?   ?   B . n 
B 1 55 GLU 55 53 ?  ?   ?   B . n 
B 1 56 GLY 56 54 ?  ?   ?   B . n 
B 1 57 ALA 57 55 ?  ?   ?   B . n 
B 1 58 LEU 58 56 ?  ?   ?   B . n 
B 1 59 TYR 59 57 ?  ?   ?   B . n 
B 1 60 GLU 60 58 ?  ?   ?   B . n 
B 1 61 VAL 61 59 ?  ?   ?   B . n 
B 1 62 LYS 62 60 ?  ?   ?   B . n 
B 1 63 PRO 63 61 ?  ?   ?   B . n 
B 1 64 ASP 64 62 ?  ?   ?   B . n 
B 1 65 ALA 65 63 ?  ?   ?   B . n 
B 1 66 SER 66 64 ?  ?   ?   B . n 
B 1 67 ILE 67 65 ?  ?   ?   B . n 
B 1 68 PRO 68 66 ?  ?   ?   B . n 
B 1 69 ASP 69 67 ?  ?   ?   B . n 
B 1 70 ASP 70 68 ?  ?   ?   B . n 
B 1 71 ASP 71 69 ?  ?   ?   B . n 
B 1 72 THR 72 70 ?  ?   ?   B . n 
B 1 73 GLU 73 71 ?  ?   ?   B . n 
B 1 74 LEU 74 72 ?  ?   ?   B . n 
B 1 75 LEU 75 73 ?  ?   ?   B . n 
B 1 76 ARG 76 74 ?  ?   ?   B . n 
B 1 77 ASP 77 75 ?  ?   ?   B . n 
B 1 78 TYR 78 76 ?  ?   ?   B . n 
B 1 79 VAL 79 77 ?  ?   ?   B . n 
B 1 80 LYS 80 78 ?  ?   ?   B . n 
B 1 81 LYS 81 79 ?  ?   ?   B . n 
B 1 82 LEU 82 80 ?  ?   ?   B . n 
B 1 83 LEU 83 81 ?  ?   ?   B . n 
B 1 84 LYS 84 82 ?  ?   ?   B . n 
B 1 85 HIS 85 83 ?  ?   ?   B . n 
B 1 86 PRO 86 84 ?  ?   ?   B . n 
B 1 87 ARG 87 85 ?  ?   ?   B . n 
B 1 88 GLN 88 86 ?  ?   ?   B . n 
# 
loop_
_pdbx_nonpoly_scheme.asym_id 
_pdbx_nonpoly_scheme.entity_id 
_pdbx_nonpoly_scheme.mon_id 
_pdbx_nonpoly_scheme.ndb_seq_num 
_pdbx_nonpoly_scheme.pdb_seq_num 
_pdbx_nonpoly_scheme.auth_seq_num 
_pdbx_nonpoly_scheme.pdb_mon_id 
_pdbx_nonpoly_scheme.auth_mon_id 
_pdbx_nonpoly_scheme.pdb_strand_id 
_pdbx_nonpoly_scheme.pdb_ins_code 
C 2 EPE 1  101 101 EPE EPE A . 
D 3 EDO 1  102 102 EDO EDO A . 
E 3 EDO 1  103 103 EDO EDO A . 
F 3 EDO 1  104 104 EDO EDO A . 
G 4 CL  1  105 106 CL  CL  A . 
H 4 CL  1  106 108 CL  CL  A . 
I 4 CL  1  107 109 CL  CL  A . 
J 4 CL  1  108 111 CL  CL  A . 
K 4 CL  1  109 113 CL  CL  A . 
L 5 TRS 1  101 105 TRS TRS B . 
M 4 CL  1  102 107 CL  CL  B . 
N 4 CL  1  103 110 CL  CL  B . 
O 4 CL  1  104 112 CL  CL  B . 
P 6 HOH 1  201 209 HOH HOH A . 
P 6 HOH 2  202 208 HOH HOH A . 
P 6 HOH 3  203 201 HOH HOH A . 
P 6 HOH 4  204 207 HOH HOH A . 
P 6 HOH 5  205 213 HOH HOH A . 
P 6 HOH 6  206 203 HOH HOH A . 
P 6 HOH 7  207 230 HOH HOH A . 
P 6 HOH 8  208 229 HOH HOH A . 
P 6 HOH 9  209 204 HOH HOH A . 
P 6 HOH 10 210 206 HOH HOH A . 
P 6 HOH 11 211 223 HOH HOH A . 
P 6 HOH 12 212 226 HOH HOH A . 
P 6 HOH 13 213 211 HOH HOH A . 
P 6 HOH 14 214 210 HOH HOH A . 
P 6 HOH 15 215 220 HOH HOH A . 
P 6 HOH 16 216 218 HOH HOH A . 
P 6 HOH 17 217 221 HOH HOH A . 
P 6 HOH 18 218 225 HOH HOH A . 
P 6 HOH 19 219 224 HOH HOH A . 
P 6 HOH 20 220 214 HOH HOH A . 
Q 6 HOH 1  201 227 HOH HOH B . 
Q 6 HOH 2  202 202 HOH HOH B . 
Q 6 HOH 3  203 212 HOH HOH B . 
Q 6 HOH 4  204 228 HOH HOH B . 
Q 6 HOH 5  205 222 HOH HOH B . 
Q 6 HOH 6  206 215 HOH HOH B . 
Q 6 HOH 7  207 219 HOH HOH B . 
Q 6 HOH 8  208 216 HOH HOH B . 
Q 6 HOH 9  209 217 HOH HOH B . 
Q 6 HOH 10 210 205 HOH HOH B . 
# 
loop_
_pdbx_unobs_or_zero_occ_atoms.id 
_pdbx_unobs_or_zero_occ_atoms.PDB_model_num 
_pdbx_unobs_or_zero_occ_atoms.polymer_flag 
_pdbx_unobs_or_zero_occ_atoms.occupancy_flag 
_pdbx_unobs_or_zero_occ_atoms.auth_asym_id 
_pdbx_unobs_or_zero_occ_atoms.auth_comp_id 
_pdbx_unobs_or_zero_occ_atoms.auth_seq_id 
_pdbx_unobs_or_zero_occ_atoms.PDB_ins_code 
_pdbx_unobs_or_zero_occ_atoms.auth_atom_id 
_pdbx_unobs_or_zero_occ_atoms.label_alt_id 
_pdbx_unobs_or_zero_occ_atoms.label_asym_id 
_pdbx_unobs_or_zero_occ_atoms.label_comp_id 
_pdbx_unobs_or_zero_occ_atoms.label_seq_id 
_pdbx_unobs_or_zero_occ_atoms.label_atom_id 
1  1 N 1 A EPE 101 ? N1 ? C EPE 1 N1 
2  1 N 1 A EPE 101 ? C2 ? C EPE 1 C2 
3  1 N 1 A EPE 101 ? C3 ? C EPE 1 C3 
4  1 N 1 A EPE 101 ? N4 ? C EPE 1 N4 
5  1 N 1 A EPE 101 ? C5 ? C EPE 1 C5 
6  1 N 1 A EPE 101 ? C6 ? C EPE 1 C6 
7  1 N 1 A EPE 101 ? C7 ? C EPE 1 C7 
8  1 N 1 A EPE 101 ? C8 ? C EPE 1 C8 
9  1 N 1 A EPE 101 ? O8 ? C EPE 1 O8 
10 1 N 1 A EPE 101 ? C9 ? C EPE 1 C9 
# 
loop_
_software.citation_id 
_software.classification 
_software.compiler_name 
_software.compiler_version 
_software.contact_author 
_software.contact_author_email 
_software.date 
_software.description 
_software.dependencies 
_software.hardware 
_software.language 
_software.location 
_software.mods 
_software.name 
_software.os 
_software.os_version 
_software.type 
_software.version 
_software.pdbx_ordinal 
? 'data scaling'    ? ? ? ? ? ? ? ? ? ? ? SCALEPACK   ? ? ? .          1 
? phasing           ? ? ? ? ? ? ? ? ? ? ? SOLVE       ? ? ? .          2 
? refinement        ? ? ? ? ? ? ? ? ? ? ? PHENIX      ? ? ? 1.8.4_1496 3 
? 'data extraction' ? ? ? ? ? ? ? ? ? ? ? PDB_EXTRACT ? ? ? 3.27       4 
? 'data reduction'  ? ? ? ? ? ? ? ? ? ? ? HKL-3000    ? ? ? .          5 
# 
_cell.angle_alpha                  90.000 
_cell.angle_alpha_esd              ? 
_cell.angle_beta                   129.500 
_cell.angle_beta_esd               ? 
_cell.angle_gamma                  90.000 
_cell.angle_gamma_esd              ? 
_cell.entry_id                     8GKV 
_cell.details                      ? 
_cell.formula_units_Z              ? 
_cell.length_a                     75.335 
_cell.length_a_esd                 ? 
_cell.length_b                     57.013 
_cell.length_b_esd                 ? 
_cell.length_c                     48.629 
_cell.length_c_esd                 ? 
_cell.volume                       ? 
_cell.volume_esd                   ? 
_cell.Z_PDB                        8 
_cell.reciprocal_angle_alpha       ? 
_cell.reciprocal_angle_beta        ? 
_cell.reciprocal_angle_gamma       ? 
_cell.reciprocal_angle_alpha_esd   ? 
_cell.reciprocal_angle_beta_esd    ? 
_cell.reciprocal_angle_gamma_esd   ? 
_cell.reciprocal_length_a          ? 
_cell.reciprocal_length_b          ? 
_cell.reciprocal_length_c          ? 
_cell.reciprocal_length_a_esd      ? 
_cell.reciprocal_length_b_esd      ? 
_cell.reciprocal_length_c_esd      ? 
_cell.pdbx_unique_axis             ? 
_cell.pdbx_esd_method              ? 
# 
_symmetry.entry_id                         8GKV 
_symmetry.cell_setting                     ? 
_symmetry.Int_Tables_number                5 
_symmetry.space_group_name_Hall            ? 
_symmetry.space_group_name_H-M             'C 1 2 1' 
_symmetry.pdbx_full_space_group_name_H-M   ? 
# 
_exptl.absorpt_coefficient_mu     ? 
_exptl.absorpt_correction_T_max   ? 
_exptl.absorpt_correction_T_min   ? 
_exptl.absorpt_correction_type    ? 
_exptl.absorpt_process_details    ? 
_exptl.entry_id                   8GKV 
_exptl.crystals_number            1 
_exptl.details                    ? 
_exptl.method                     'X-RAY DIFFRACTION' 
_exptl.method_details             ? 
# 
_exptl_crystal.colour                       ? 
_exptl_crystal.density_diffrn               ? 
_exptl_crystal.density_Matthews             2.00 
_exptl_crystal.density_method               ? 
_exptl_crystal.density_percent_sol          38.65 
_exptl_crystal.description                  ? 
_exptl_crystal.F_000                        ? 
_exptl_crystal.id                           1 
_exptl_crystal.preparation                  ? 
_exptl_crystal.size_max                     ? 
_exptl_crystal.size_mid                     ? 
_exptl_crystal.size_min                     ? 
_exptl_crystal.size_rad                     ? 
_exptl_crystal.colour_lustre                ? 
_exptl_crystal.colour_modifier              ? 
_exptl_crystal.colour_primary               ? 
_exptl_crystal.density_meas                 ? 
_exptl_crystal.density_meas_esd             ? 
_exptl_crystal.density_meas_gt              ? 
_exptl_crystal.density_meas_lt              ? 
_exptl_crystal.density_meas_temp            ? 
_exptl_crystal.density_meas_temp_esd        ? 
_exptl_crystal.density_meas_temp_gt         ? 
_exptl_crystal.density_meas_temp_lt         ? 
_exptl_crystal.pdbx_crystal_image_url       ? 
_exptl_crystal.pdbx_crystal_image_format    ? 
_exptl_crystal.pdbx_mosaicity               0.806 
_exptl_crystal.pdbx_mosaicity_esd           ? 
_exptl_crystal.pdbx_mosaic_method           ? 
_exptl_crystal.pdbx_mosaic_block_size       ? 
_exptl_crystal.pdbx_mosaic_block_size_esd   ? 
# 
_exptl_crystal_grow.apparatus       ? 
_exptl_crystal_grow.atmosphere      ? 
_exptl_crystal_grow.crystal_id      1 
_exptl_crystal_grow.details         ? 
_exptl_crystal_grow.method          'VAPOR DIFFUSION, SITTING DROP' 
_exptl_crystal_grow.method_ref      ? 
_exptl_crystal_grow.pH              7.5 
_exptl_crystal_grow.pressure        ? 
_exptl_crystal_grow.pressure_esd    ? 
_exptl_crystal_grow.seeding         ? 
_exptl_crystal_grow.seeding_ref     ? 
_exptl_crystal_grow.temp_details    ? 
_exptl_crystal_grow.temp_esd        ? 
_exptl_crystal_grow.time            ? 
_exptl_crystal_grow.pdbx_details    'Tri-Na citrate, MPD' 
_exptl_crystal_grow.pdbx_pH_range   ? 
_exptl_crystal_grow.temp            292 
# 
_diffrn.ambient_environment              ? 
_diffrn.ambient_temp                     100 
_diffrn.ambient_temp_details             ? 
_diffrn.ambient_temp_esd                 ? 
_diffrn.crystal_id                       1 
_diffrn.crystal_support                  ? 
_diffrn.crystal_treatment                ? 
_diffrn.details                          ? 
_diffrn.id                               1 
_diffrn.ambient_pressure                 ? 
_diffrn.ambient_pressure_esd             ? 
_diffrn.ambient_pressure_gt              ? 
_diffrn.ambient_pressure_lt              ? 
_diffrn.ambient_temp_gt                  ? 
_diffrn.ambient_temp_lt                  ? 
_diffrn.pdbx_serial_crystal_experiment   N 
# 
_diffrn_detector.details                      mirrors 
_diffrn_detector.detector                     CCD 
_diffrn_detector.diffrn_id                    1 
_diffrn_detector.type                         'MARMOSAIC 300 mm CCD' 
_diffrn_detector.area_resol_mean              ? 
_diffrn_detector.dtime                        ? 
_diffrn_detector.pdbx_frames_total            ? 
_diffrn_detector.pdbx_collection_time_total   ? 
_diffrn_detector.pdbx_collection_date         2009-02-22 
_diffrn_detector.pdbx_frequency               ? 
_diffrn_detector.id                           ? 
_diffrn_detector.number_of_axes               ? 
# 
_diffrn_radiation.collimation                      ? 
_diffrn_radiation.diffrn_id                        1 
_diffrn_radiation.filter_edge                      ? 
_diffrn_radiation.inhomogeneity                    ? 
_diffrn_radiation.monochromator                    'Double crystal' 
_diffrn_radiation.polarisn_norm                    ? 
_diffrn_radiation.polarisn_ratio                   ? 
_diffrn_radiation.probe                            ? 
_diffrn_radiation.type                             ? 
_diffrn_radiation.xray_symbol                      ? 
_diffrn_radiation.wavelength_id                    1 
_diffrn_radiation.pdbx_monochromatic_or_laue_m_l   M 
_diffrn_radiation.pdbx_wavelength_list             ? 
_diffrn_radiation.pdbx_wavelength                  ? 
_diffrn_radiation.pdbx_diffrn_protocol             'SINGLE WAVELENGTH' 
_diffrn_radiation.pdbx_analyzer                    ? 
_diffrn_radiation.pdbx_scattering_type             x-ray 
# 
_diffrn_radiation_wavelength.id           1 
_diffrn_radiation_wavelength.wavelength   1.0 
_diffrn_radiation_wavelength.wt           1.0 
# 
_diffrn_source.current                     ? 
_diffrn_source.details                     ? 
_diffrn_source.diffrn_id                   1 
_diffrn_source.power                       ? 
_diffrn_source.size                        ? 
_diffrn_source.source                      SYNCHROTRON 
_diffrn_source.target                      ? 
_diffrn_source.type                        'APS BEAMLINE 22-ID' 
_diffrn_source.voltage                     ? 
_diffrn_source.take-off_angle              ? 
_diffrn_source.pdbx_wavelength_list        1.0 
_diffrn_source.pdbx_wavelength             ? 
_diffrn_source.pdbx_synchrotron_beamline   22-ID 
_diffrn_source.pdbx_synchrotron_site       APS 
# 
_reflns.B_iso_Wilson_estimate                          ? 
_reflns.entry_id                                       8GKV 
_reflns.data_reduction_details                         ? 
_reflns.data_reduction_method                          ? 
_reflns.d_resolution_high                              2.350 
_reflns.d_resolution_low                               30.000 
_reflns.details                                        ? 
_reflns.limit_h_max                                    ? 
_reflns.limit_h_min                                    ? 
_reflns.limit_k_max                                    ? 
_reflns.limit_k_min                                    ? 
_reflns.limit_l_max                                    ? 
_reflns.limit_l_min                                    ? 
_reflns.number_all                                     ? 
_reflns.number_obs                                     6391 
_reflns.observed_criterion                             ? 
_reflns.observed_criterion_F_max                       ? 
_reflns.observed_criterion_F_min                       ? 
_reflns.observed_criterion_I_max                       ? 
_reflns.observed_criterion_I_min                       ? 
_reflns.observed_criterion_sigma_F                     ? 
_reflns.observed_criterion_sigma_I                     ? 
_reflns.percent_possible_obs                           95.400 
_reflns.R_free_details                                 ? 
_reflns.Rmerge_F_all                                   ? 
_reflns.Rmerge_F_obs                                   ? 
_reflns.Friedel_coverage                               ? 
_reflns.number_gt                                      ? 
_reflns.threshold_expression                           ? 
_reflns.pdbx_redundancy                                3.400 
_reflns.pdbx_netI_over_av_sigmaI                       ? 
_reflns.pdbx_netI_over_sigmaI                          16.000 
_reflns.pdbx_res_netI_over_av_sigmaI_2                 ? 
_reflns.pdbx_res_netI_over_sigmaI_2                    ? 
_reflns.pdbx_chi_squared                               1.093 
_reflns.pdbx_scaling_rejects                           ? 
_reflns.pdbx_d_res_high_opt                            ? 
_reflns.pdbx_d_res_low_opt                             ? 
_reflns.pdbx_d_res_opt_method                          ? 
_reflns.phase_calculation_details                      ? 
_reflns.pdbx_Rrim_I_all                                ? 
_reflns.pdbx_Rpim_I_all                                ? 
_reflns.pdbx_d_opt                                     ? 
_reflns.pdbx_number_measured_all                       21575 
_reflns.pdbx_diffrn_id                                 1 
_reflns.pdbx_ordinal                                   1 
_reflns.pdbx_CC_half                                   ? 
_reflns.pdbx_CC_star                                   ? 
_reflns.pdbx_R_split                                   ? 
_reflns.pdbx_Rmerge_I_obs                              0.051 
_reflns.pdbx_Rmerge_I_all                              ? 
_reflns.pdbx_Rsym_value                                ? 
_reflns.pdbx_CC_split_method                           ? 
_reflns.pdbx_aniso_diffraction_limit_axis_1_ortho[1]   ? 
_reflns.pdbx_aniso_diffraction_limit_axis_1_ortho[2]   ? 
_reflns.pdbx_aniso_diffraction_limit_axis_1_ortho[3]   ? 
_reflns.pdbx_aniso_diffraction_limit_axis_2_ortho[1]   ? 
_reflns.pdbx_aniso_diffraction_limit_axis_2_ortho[2]   ? 
_reflns.pdbx_aniso_diffraction_limit_axis_2_ortho[3]   ? 
_reflns.pdbx_aniso_diffraction_limit_axis_3_ortho[1]   ? 
_reflns.pdbx_aniso_diffraction_limit_axis_3_ortho[2]   ? 
_reflns.pdbx_aniso_diffraction_limit_axis_3_ortho[3]   ? 
_reflns.pdbx_aniso_diffraction_limit_1                 ? 
_reflns.pdbx_aniso_diffraction_limit_2                 ? 
_reflns.pdbx_aniso_diffraction_limit_3                 ? 
_reflns.pdbx_aniso_B_tensor_eigenvector_1_ortho[1]     ? 
_reflns.pdbx_aniso_B_tensor_eigenvector_1_ortho[2]     ? 
_reflns.pdbx_aniso_B_tensor_eigenvector_1_ortho[3]     ? 
_reflns.pdbx_aniso_B_tensor_eigenvector_2_ortho[1]     ? 
_reflns.pdbx_aniso_B_tensor_eigenvector_2_ortho[2]     ? 
_reflns.pdbx_aniso_B_tensor_eigenvector_2_ortho[3]     ? 
_reflns.pdbx_aniso_B_tensor_eigenvector_3_ortho[1]     ? 
_reflns.pdbx_aniso_B_tensor_eigenvector_3_ortho[2]     ? 
_reflns.pdbx_aniso_B_tensor_eigenvector_3_ortho[3]     ? 
_reflns.pdbx_aniso_B_tensor_eigenvalue_1               ? 
_reflns.pdbx_aniso_B_tensor_eigenvalue_2               ? 
_reflns.pdbx_aniso_B_tensor_eigenvalue_3               ? 
_reflns.pdbx_orthogonalization_convention              ? 
_reflns.pdbx_percent_possible_ellipsoidal              ? 
_reflns.pdbx_percent_possible_spherical                ? 
_reflns.pdbx_percent_possible_ellipsoidal_anomalous    ? 
_reflns.pdbx_percent_possible_spherical_anomalous      ? 
_reflns.pdbx_redundancy_anomalous                      ? 
_reflns.pdbx_CC_half_anomalous                         ? 
_reflns.pdbx_absDiff_over_sigma_anomalous              ? 
_reflns.pdbx_percent_possible_anomalous                ? 
_reflns.pdbx_observed_signal_threshold                 ? 
_reflns.pdbx_signal_type                               ? 
_reflns.pdbx_signal_details                            ? 
_reflns.pdbx_signal_software_id                        ? 
# 
loop_
_reflns_shell.d_res_high 
_reflns_shell.d_res_low 
_reflns_shell.meanI_over_sigI_all 
_reflns_shell.meanI_over_sigI_obs 
_reflns_shell.number_measured_all 
_reflns_shell.number_measured_obs 
_reflns_shell.number_possible 
_reflns_shell.number_unique_all 
_reflns_shell.number_unique_obs 
_reflns_shell.percent_possible_obs 
_reflns_shell.Rmerge_F_all 
_reflns_shell.Rmerge_F_obs 
_reflns_shell.meanI_over_sigI_gt 
_reflns_shell.meanI_over_uI_all 
_reflns_shell.meanI_over_uI_gt 
_reflns_shell.number_measured_gt 
_reflns_shell.number_unique_gt 
_reflns_shell.percent_possible_gt 
_reflns_shell.Rmerge_F_gt 
_reflns_shell.Rmerge_I_gt 
_reflns_shell.pdbx_redundancy 
_reflns_shell.pdbx_chi_squared 
_reflns_shell.pdbx_netI_over_sigmaI_all 
_reflns_shell.pdbx_netI_over_sigmaI_obs 
_reflns_shell.pdbx_Rrim_I_all 
_reflns_shell.pdbx_Rpim_I_all 
_reflns_shell.pdbx_rejects 
_reflns_shell.pdbx_ordinal 
_reflns_shell.pdbx_diffrn_id 
_reflns_shell.pdbx_CC_half 
_reflns_shell.pdbx_CC_star 
_reflns_shell.pdbx_R_split 
_reflns_shell.percent_possible_all 
_reflns_shell.Rmerge_I_all 
_reflns_shell.Rmerge_I_obs 
_reflns_shell.pdbx_Rsym_value 
_reflns_shell.pdbx_percent_possible_ellipsoidal 
_reflns_shell.pdbx_percent_possible_spherical 
_reflns_shell.pdbx_percent_possible_ellipsoidal_anomalous 
_reflns_shell.pdbx_percent_possible_spherical_anomalous 
_reflns_shell.pdbx_redundancy_anomalous 
_reflns_shell.pdbx_CC_half_anomalous 
_reflns_shell.pdbx_absDiff_over_sigma_anomalous 
_reflns_shell.pdbx_percent_possible_anomalous 
2.350 2.430  ? ? ? ? ? ? 514 ? ? ? ? ? ? ? ? ? ? ? 2.600 0.992 ? ? ? ? ? 1  1 ? ? ? 77.400  ? 0.156 ? ? ? ? ? ? ? ? ? 
2.430 2.530  ? ? ? ? ? ? 595 ? ? ? ? ? ? ? ? ? ? ? 2.800 1.021 ? ? ? ? ? 2  1 ? ? ? 88.900  ? 0.151 ? ? ? ? ? ? ? ? ? 
2.530 2.650  ? ? ? ? ? ? 642 ? ? ? ? ? ? ? ? ? ? ? 3.100 1.026 ? ? ? ? ? 3  1 ? ? ? 96.700  ? 0.127 ? ? ? ? ? ? ? ? ? 
2.650 2.790  ? ? ? ? ? ? 663 ? ? ? ? ? ? ? ? ? ? ? 3.500 0.998 ? ? ? ? ? 4  1 ? ? ? 99.400  ? 0.126 ? ? ? ? ? ? ? ? ? 
2.790 2.960  ? ? ? ? ? ? 663 ? ? ? ? ? ? ? ? ? ? ? 3.600 1.018 ? ? ? ? ? 5  1 ? ? ? 99.800  ? 0.096 ? ? ? ? ? ? ? ? ? 
2.960 3.190  ? ? ? ? ? ? 665 ? ? ? ? ? ? ? ? ? ? ? 3.700 1.072 ? ? ? ? ? 6  1 ? ? ? 100.000 ? 0.071 ? ? ? ? ? ? ? ? ? 
3.190 3.510  ? ? ? ? ? ? 656 ? ? ? ? ? ? ? ? ? ? ? 3.700 1.126 ? ? ? ? ? 7  1 ? ? ? 99.200  ? 0.055 ? ? ? ? ? ? ? ? ? 
3.510 4.020  ? ? ? ? ? ? 661 ? ? ? ? ? ? ? ? ? ? ? 3.500 1.192 ? ? ? ? ? 8  1 ? ? ? 98.100  ? 0.044 ? ? ? ? ? ? ? ? ? 
4.020 5.060  ? ? ? ? ? ? 646 ? ? ? ? ? ? ? ? ? ? ? 3.400 1.225 ? ? ? ? ? 9  1 ? ? ? 96.300  ? 0.036 ? ? ? ? ? ? ? ? ? 
5.060 30.000 ? ? ? ? ? ? 686 ? ? ? ? ? ? ? ? ? ? ? 3.500 1.179 ? ? ? ? ? 10 1 ? ? ? 98.400  ? 0.035 ? ? ? ? ? ? ? ? ? 
# 
_refine.aniso_B[1][1]                            ? 
_refine.aniso_B[1][2]                            ? 
_refine.aniso_B[1][3]                            ? 
_refine.aniso_B[2][2]                            ? 
_refine.aniso_B[2][3]                            ? 
_refine.aniso_B[3][3]                            ? 
_refine.B_iso_max                                118.600 
_refine.B_iso_mean                               55.2960 
_refine.B_iso_min                                21.230 
_refine.correlation_coeff_Fo_to_Fc               ? 
_refine.correlation_coeff_Fo_to_Fc_free          ? 
_refine.details                                  ? 
_refine.diff_density_max                         ? 
_refine.diff_density_max_esd                     ? 
_refine.diff_density_min                         ? 
_refine.diff_density_min_esd                     ? 
_refine.diff_density_rms                         ? 
_refine.diff_density_rms_esd                     ? 
_refine.entry_id                                 8GKV 
_refine.pdbx_refine_id                           'X-RAY DIFFRACTION' 
_refine.ls_abs_structure_details                 ? 
_refine.ls_abs_structure_Flack                   ? 
_refine.ls_abs_structure_Flack_esd               ? 
_refine.ls_abs_structure_Rogers                  ? 
_refine.ls_abs_structure_Rogers_esd              ? 
_refine.ls_d_res_high                            2.3510 
_refine.ls_d_res_low                             29.0640 
_refine.ls_extinction_coef                       ? 
_refine.ls_extinction_coef_esd                   ? 
_refine.ls_extinction_expression                 ? 
_refine.ls_extinction_method                     ? 
_refine.ls_goodness_of_fit_all                   ? 
_refine.ls_goodness_of_fit_all_esd               ? 
_refine.ls_goodness_of_fit_obs                   ? 
_refine.ls_goodness_of_fit_obs_esd               ? 
_refine.ls_hydrogen_treatment                    ? 
_refine.ls_matrix_type                           ? 
_refine.ls_number_constraints                    ? 
_refine.ls_number_parameters                     ? 
_refine.ls_number_reflns_all                     ? 
_refine.ls_number_reflns_obs                     6390 
_refine.ls_number_reflns_R_free                  710 
_refine.ls_number_reflns_R_work                  5745 
_refine.ls_number_restraints                     ? 
_refine.ls_percent_reflns_obs                    95.3600 
_refine.ls_percent_reflns_R_free                 11.1100 
_refine.ls_R_factor_all                          ? 
_refine.ls_R_factor_obs                          0.2238 
_refine.ls_R_factor_R_free                       0.2386 
_refine.ls_R_factor_R_free_error                 ? 
_refine.ls_R_factor_R_free_error_details         ? 
_refine.ls_R_factor_R_work                       0.2149 
_refine.ls_R_Fsqd_factor_obs                     ? 
_refine.ls_R_I_factor_obs                        ? 
_refine.ls_redundancy_reflns_all                 ? 
_refine.ls_redundancy_reflns_obs                 ? 
_refine.ls_restrained_S_all                      ? 
_refine.ls_restrained_S_obs                      ? 
_refine.ls_shift_over_esd_max                    ? 
_refine.ls_shift_over_esd_mean                   ? 
_refine.ls_structure_factor_coef                 ? 
_refine.ls_weighting_details                     ? 
_refine.ls_weighting_scheme                      ? 
_refine.ls_wR_factor_all                         ? 
_refine.ls_wR_factor_obs                         ? 
_refine.ls_wR_factor_R_free                      ? 
_refine.ls_wR_factor_R_work                      ? 
_refine.occupancy_max                            ? 
_refine.occupancy_min                            ? 
_refine.solvent_model_details                    'FLAT BULK SOLVENT MODEL' 
_refine.solvent_model_param_bsol                 ? 
_refine.solvent_model_param_ksol                 ? 
_refine.pdbx_R_complete                          ? 
_refine.ls_R_factor_gt                           ? 
_refine.ls_goodness_of_fit_gt                    ? 
_refine.ls_goodness_of_fit_ref                   ? 
_refine.ls_shift_over_su_max                     ? 
_refine.ls_shift_over_su_max_lt                  ? 
_refine.ls_shift_over_su_mean                    ? 
_refine.ls_shift_over_su_mean_lt                 ? 
_refine.pdbx_ls_sigma_I                          ? 
_refine.pdbx_ls_sigma_F                          1.360 
_refine.pdbx_ls_sigma_Fsqd                       ? 
_refine.pdbx_data_cutoff_high_absF               ? 
_refine.pdbx_data_cutoff_high_rms_absF           ? 
_refine.pdbx_data_cutoff_low_absF                ? 
_refine.pdbx_isotropic_thermal_model             ? 
_refine.pdbx_ls_cross_valid_method               THROUGHOUT 
_refine.pdbx_method_to_determine_struct          MAD 
_refine.pdbx_starting_model                      ? 
_refine.pdbx_stereochemistry_target_values       TWIN_LSQ_F 
_refine.pdbx_R_Free_selection_details            ? 
_refine.pdbx_stereochem_target_val_spec_case     ? 
_refine.pdbx_overall_ESU_R                       ? 
_refine.pdbx_overall_ESU_R_Free                  ? 
_refine.pdbx_solvent_vdw_probe_radii             1.1100 
_refine.pdbx_solvent_ion_probe_radii             ? 
_refine.pdbx_solvent_shrinkage_radii             0.9000 
_refine.pdbx_real_space_R                        ? 
_refine.pdbx_density_correlation                 ? 
_refine.pdbx_pd_number_of_powder_patterns        ? 
_refine.pdbx_pd_number_of_points                 ? 
_refine.pdbx_pd_meas_number_of_points            ? 
_refine.pdbx_pd_proc_ls_prof_R_factor            ? 
_refine.pdbx_pd_proc_ls_prof_wR_factor           ? 
_refine.pdbx_pd_Marquardt_correlation_coeff      ? 
_refine.pdbx_pd_Fsqrd_R_factor                   ? 
_refine.pdbx_pd_ls_matrix_band_width             ? 
_refine.pdbx_overall_phase_error                 29.4800 
_refine.pdbx_overall_SU_R_free_Cruickshank_DPI   ? 
_refine.pdbx_overall_SU_R_free_Blow_DPI          ? 
_refine.pdbx_overall_SU_R_Blow_DPI               ? 
_refine.pdbx_TLS_residual_ADP_flag               ? 
_refine.pdbx_diffrn_id                           1 
_refine.overall_SU_B                             ? 
_refine.overall_SU_ML                            ? 
_refine.overall_SU_R_Cruickshank_DPI             ? 
_refine.overall_SU_R_free                        ? 
_refine.overall_FOM_free_R_set                   ? 
_refine.overall_FOM_work_R_set                   ? 
_refine.pdbx_average_fsc_overall                 ? 
_refine.pdbx_average_fsc_work                    ? 
_refine.pdbx_average_fsc_free                    ? 
# 
_refine_hist.pdbx_refine_id                   'X-RAY DIFFRACTION' 
_refine_hist.cycle_id                         final 
_refine_hist.details                          ? 
_refine_hist.d_res_high                       2.3510 
_refine_hist.d_res_low                        29.0640 
_refine_hist.number_atoms_solvent             30 
_refine_hist.number_atoms_total               751 
_refine_hist.number_reflns_all                ? 
_refine_hist.number_reflns_obs                ? 
_refine_hist.number_reflns_R_free             ? 
_refine_hist.number_reflns_R_work             ? 
_refine_hist.R_factor_all                     ? 
_refine_hist.R_factor_obs                     ? 
_refine_hist.R_factor_R_free                  ? 
_refine_hist.R_factor_R_work                  ? 
_refine_hist.pdbx_number_residues_total       84 
_refine_hist.pdbx_B_iso_mean_ligand           76.52 
_refine_hist.pdbx_B_iso_mean_solvent          57.63 
_refine_hist.pdbx_number_atoms_protein        656 
_refine_hist.pdbx_number_atoms_nucleic_acid   0 
_refine_hist.pdbx_number_atoms_ligand         65 
_refine_hist.pdbx_number_atoms_lipid          ? 
_refine_hist.pdbx_number_atoms_carb           ? 
_refine_hist.pdbx_pseudo_atom_details         ? 
# 
loop_
_refine_ls_restr.pdbx_refine_id 
_refine_ls_restr.criterion 
_refine_ls_restr.dev_ideal 
_refine_ls_restr.dev_ideal_target 
_refine_ls_restr.number 
_refine_ls_restr.rejects 
_refine_ls_restr.type 
_refine_ls_restr.weight 
_refine_ls_restr.pdbx_restraint_function 
'X-RAY DIFFRACTION' ? 0.006  ? 690 ? f_bond_d           ? ? 
'X-RAY DIFFRACTION' ? 0.745  ? 916 ? f_angle_d          ? ? 
'X-RAY DIFFRACTION' ? 0.031  ? 110 ? f_chiral_restr     ? ? 
'X-RAY DIFFRACTION' ? 0.002  ? 113 ? f_plane_restr      ? ? 
'X-RAY DIFFRACTION' ? 18.038 ? 274 ? f_dihedral_angle_d ? ? 
# 
loop_
_refine_ls_shell.pdbx_refine_id 
_refine_ls_shell.d_res_high 
_refine_ls_shell.d_res_low 
_refine_ls_shell.number_reflns_all 
_refine_ls_shell.number_reflns_obs 
_refine_ls_shell.number_reflns_R_free 
_refine_ls_shell.number_reflns_R_work 
_refine_ls_shell.percent_reflns_obs 
_refine_ls_shell.percent_reflns_R_free 
_refine_ls_shell.R_factor_all 
_refine_ls_shell.R_factor_obs 
_refine_ls_shell.R_factor_R_free_error 
_refine_ls_shell.R_factor_R_work 
_refine_ls_shell.redundancy_reflns_all 
_refine_ls_shell.redundancy_reflns_obs 
_refine_ls_shell.wR_factor_all 
_refine_ls_shell.wR_factor_obs 
_refine_ls_shell.wR_factor_R_free 
_refine_ls_shell.wR_factor_R_work 
_refine_ls_shell.pdbx_R_complete 
_refine_ls_shell.pdbx_total_number_of_bins_used 
_refine_ls_shell.pdbx_phase_error 
_refine_ls_shell.pdbx_fsc_work 
_refine_ls_shell.pdbx_fsc_free 
_refine_ls_shell.R_factor_R_free 
'X-RAY DIFFRACTION' 2.3524 2.5338  1110 . 111 999  75.0000 . . . 0.0000 0.2651 . . . . . . . 5 . . . 0.2889 
'X-RAY DIFFRACTION' 2.5338 2.7883  1307 . 131 1176 88.0000 . . . 0.0000 0.2363 . . . . . . . 5 . . . 0.2644 
'X-RAY DIFFRACTION' 2.7883 3.1909  1323 . 132 1191 90.0000 . . . 0.0000 0.2313 . . . . . . . 5 . . . 0.2840 
'X-RAY DIFFRACTION' 3.1909 4.0165  1316 . 132 1184 89.0000 . . . 0.0000 0.2059 . . . . . . . 5 . . . 0.2298 
'X-RAY DIFFRACTION' 4.0165 22.6999 1328 . 133 1195 88.0000 . . . 0.0000 0.2135 . . . . . . . 5 . . . 0.2253 
# 
_struct.entry_id                     8GKV 
_struct.title                        'Crystal structure of anti-adaptor IraP that regulates RpoS proteolysis' 
_struct.pdbx_model_details           'Leucine zipper-like protein' 
_struct.pdbx_formula_weight          ? 
_struct.pdbx_formula_weight_method   ? 
_struct.pdbx_model_type_details      ? 
_struct.pdbx_CASP_flag               N 
# 
_struct_keywords.entry_id        8GKV 
_struct_keywords.text            'alpha helix, GENE REGULATION' 
_struct_keywords.pdbx_keywords   'GENE REGULATION' 
# 
loop_
_struct_asym.id 
_struct_asym.pdbx_blank_PDB_chainid_flag 
_struct_asym.pdbx_modified 
_struct_asym.entity_id 
_struct_asym.details 
A N N 1 ? 
B N N 1 ? 
C N N 2 ? 
D N N 3 ? 
E N N 3 ? 
F N N 3 ? 
G N N 4 ? 
H N N 4 ? 
I N N 4 ? 
J N N 4 ? 
K N N 4 ? 
L N N 5 ? 
M N N 4 ? 
N N N 4 ? 
O N N 4 ? 
P N N 6 ? 
Q N N 6 ? 
# 
_struct_ref.id                         1 
_struct_ref.db_name                    UNP 
_struct_ref.db_code                    IRAP_ECOLI 
_struct_ref.pdbx_db_accession          P0AAN9 
_struct_ref.pdbx_db_isoform            ? 
_struct_ref.entity_id                  1 
_struct_ref.pdbx_seq_one_letter_code   
;MKNLIAELLFKLAQKEEESKELCAQVEALEIIVTAMLRNMAQNDQQRLIDQVEGALYEVKPDASIPDDDTELLRDYVKKL
LKHPRQ
;
_struct_ref.pdbx_align_begin           1 
# 
loop_
_struct_ref_seq.align_id 
_struct_ref_seq.ref_id 
_struct_ref_seq.pdbx_PDB_id_code 
_struct_ref_seq.pdbx_strand_id 
_struct_ref_seq.seq_align_beg 
_struct_ref_seq.pdbx_seq_align_beg_ins_code 
_struct_ref_seq.seq_align_end 
_struct_ref_seq.pdbx_seq_align_end_ins_code 
_struct_ref_seq.pdbx_db_accession 
_struct_ref_seq.db_align_beg 
_struct_ref_seq.pdbx_db_align_beg_ins_code 
_struct_ref_seq.db_align_end 
_struct_ref_seq.pdbx_db_align_end_ins_code 
_struct_ref_seq.pdbx_auth_seq_align_beg 
_struct_ref_seq.pdbx_auth_seq_align_end 
1 1 8GKV A 3 ? 88 ? P0AAN9 1 ? 86 ? 1 86 
2 1 8GKV B 3 ? 88 ? P0AAN9 1 ? 86 ? 1 86 
# 
loop_
_struct_ref_seq_dif.align_id 
_struct_ref_seq_dif.pdbx_pdb_id_code 
_struct_ref_seq_dif.mon_id 
_struct_ref_seq_dif.pdbx_pdb_strand_id 
_struct_ref_seq_dif.seq_num 
_struct_ref_seq_dif.pdbx_pdb_ins_code 
_struct_ref_seq_dif.pdbx_seq_db_name 
_struct_ref_seq_dif.pdbx_seq_db_accession_code 
_struct_ref_seq_dif.db_mon_id 
_struct_ref_seq_dif.pdbx_seq_db_seq_num 
_struct_ref_seq_dif.details 
_struct_ref_seq_dif.pdbx_auth_seq_num 
_struct_ref_seq_dif.pdbx_ordinal 
1 8GKV GLY A 1  ? UNP P0AAN9 ?   ?  'expression tag'      -1 1 
1 8GKV GLY A 2  ? UNP P0AAN9 ?   ?  'expression tag'      0  2 
1 8GKV SER A 25 ? UNP P0AAN9 CYS 23 'engineered mutation' 23 3 
2 8GKV GLY B 1  ? UNP P0AAN9 ?   ?  'expression tag'      -1 4 
2 8GKV GLY B 2  ? UNP P0AAN9 ?   ?  'expression tag'      0  5 
2 8GKV SER B 25 ? UNP P0AAN9 CYS 23 'engineered mutation' 23 6 
# 
_pdbx_struct_assembly.id                   1 
_pdbx_struct_assembly.details              author_and_software_defined_assembly 
_pdbx_struct_assembly.method_details       PISA 
_pdbx_struct_assembly.oligomeric_details   dimeric 
_pdbx_struct_assembly.oligomeric_count     2 
# 
loop_
_pdbx_struct_assembly_prop.biol_id 
_pdbx_struct_assembly_prop.type 
_pdbx_struct_assembly_prop.value 
_pdbx_struct_assembly_prop.details 
1 'ABSA (A^2)' 3570 ? 
1 MORE         -81  ? 
1 'SSA (A^2)'  6950 ? 
# 
_pdbx_struct_assembly_gen.assembly_id       1 
_pdbx_struct_assembly_gen.oper_expression   1 
_pdbx_struct_assembly_gen.asym_id_list      A,B,C,D,E,F,G,H,I,J,K,L,M,N,O,P,Q 
# 
_pdbx_struct_assembly_auth_evidence.id                     1 
_pdbx_struct_assembly_auth_evidence.assembly_id            1 
_pdbx_struct_assembly_auth_evidence.experimental_support   none 
_pdbx_struct_assembly_auth_evidence.details                ? 
# 
_pdbx_struct_oper_list.id                   1 
_pdbx_struct_oper_list.type                 'identity operation' 
_pdbx_struct_oper_list.name                 1_555 
_pdbx_struct_oper_list.symmetry_operation   x,y,z 
_pdbx_struct_oper_list.matrix[1][1]         1.0000000000 
_pdbx_struct_oper_list.matrix[1][2]         0.0000000000 
_pdbx_struct_oper_list.matrix[1][3]         0.0000000000 
_pdbx_struct_oper_list.vector[1]            0.0000000000 
_pdbx_struct_oper_list.matrix[2][1]         0.0000000000 
_pdbx_struct_oper_list.matrix[2][2]         1.0000000000 
_pdbx_struct_oper_list.matrix[2][3]         0.0000000000 
_pdbx_struct_oper_list.vector[2]            0.0000000000 
_pdbx_struct_oper_list.matrix[3][1]         0.0000000000 
_pdbx_struct_oper_list.matrix[3][2]         0.0000000000 
_pdbx_struct_oper_list.matrix[3][3]         1.0000000000 
_pdbx_struct_oper_list.vector[3]            0.0000000000 
# 
loop_
_struct_conf.conf_type_id 
_struct_conf.id 
_struct_conf.pdbx_PDB_helix_id 
_struct_conf.beg_label_comp_id 
_struct_conf.beg_label_asym_id 
_struct_conf.beg_label_seq_id 
_struct_conf.pdbx_beg_PDB_ins_code 
_struct_conf.end_label_comp_id 
_struct_conf.end_label_asym_id 
_struct_conf.end_label_seq_id 
_struct_conf.pdbx_end_PDB_ins_code 
_struct_conf.beg_auth_comp_id 
_struct_conf.beg_auth_asym_id 
_struct_conf.beg_auth_seq_id 
_struct_conf.end_auth_comp_id 
_struct_conf.end_auth_asym_id 
_struct_conf.end_auth_seq_id 
_struct_conf.pdbx_PDB_helix_class 
_struct_conf.details 
_struct_conf.pdbx_PDB_helix_length 
HELX_P HELX_P1 AA1 GLY A 1 ? GLN A 44 ? GLY A -1 GLN A 42 1 ? 44 
HELX_P HELX_P2 AA2 LYS B 4 ? MET B 42 ? LYS B 2  MET B 40 1 ? 39 
# 
_struct_conf_type.id          HELX_P 
_struct_conf_type.criteria    ? 
_struct_conf_type.reference   ? 
# 
_pdbx_struct_special_symmetry.id              1 
_pdbx_struct_special_symmetry.PDB_model_num   1 
_pdbx_struct_special_symmetry.auth_asym_id    A 
_pdbx_struct_special_symmetry.auth_comp_id    HOH 
_pdbx_struct_special_symmetry.auth_seq_id     218 
_pdbx_struct_special_symmetry.PDB_ins_code    ? 
_pdbx_struct_special_symmetry.label_asym_id   P 
_pdbx_struct_special_symmetry.label_comp_id   HOH 
_pdbx_struct_special_symmetry.label_seq_id    . 
# 
_phasing.method   MAD 
# 
_pdbx_entry_details.entry_id                 8GKV 
_pdbx_entry_details.has_ligand_of_interest   N 
_pdbx_entry_details.compound_details         ? 
_pdbx_entry_details.source_details           ? 
_pdbx_entry_details.nonpolymer_details       ? 
_pdbx_entry_details.sequence_details         ? 
# 
loop_
_pdbx_unobs_or_zero_occ_residues.id 
_pdbx_unobs_or_zero_occ_residues.PDB_model_num 
_pdbx_unobs_or_zero_occ_residues.polymer_flag 
_pdbx_unobs_or_zero_occ_residues.occupancy_flag 
_pdbx_unobs_or_zero_occ_residues.auth_asym_id 
_pdbx_unobs_or_zero_occ_residues.auth_comp_id 
_pdbx_unobs_or_zero_occ_residues.auth_seq_id 
_pdbx_unobs_or_zero_occ_residues.PDB_ins_code 
_pdbx_unobs_or_zero_occ_residues.label_asym_id 
_pdbx_unobs_or_zero_occ_residues.label_comp_id 
_pdbx_unobs_or_zero_occ_residues.label_seq_id 
1  1 Y 1 A ASN 43 ? A ASN 45 
2  1 Y 1 A ASP 44 ? A ASP 46 
3  1 Y 1 A GLN 45 ? A GLN 47 
4  1 Y 1 A GLN 46 ? A GLN 48 
5  1 Y 1 A ARG 47 ? A ARG 49 
6  1 Y 1 A LEU 48 ? A LEU 50 
7  1 Y 1 A ILE 49 ? A ILE 51 
8  1 Y 1 A ASP 50 ? A ASP 52 
9  1 Y 1 A GLN 51 ? A GLN 53 
10 1 Y 1 A VAL 52 ? A VAL 54 
11 1 Y 1 A GLU 53 ? A GLU 55 
12 1 Y 1 A GLY 54 ? A GLY 56 
13 1 Y 1 A ALA 55 ? A ALA 57 
14 1 Y 1 A LEU 56 ? A LEU 58 
15 1 Y 1 A TYR 57 ? A TYR 59 
16 1 Y 1 A GLU 58 ? A GLU 60 
17 1 Y 1 A VAL 59 ? A VAL 61 
18 1 Y 1 A LYS 60 ? A LYS 62 
19 1 Y 1 A PRO 61 ? A PRO 63 
20 1 Y 1 A ASP 62 ? A ASP 64 
21 1 Y 1 A ALA 63 ? A ALA 65 
22 1 Y 1 A SER 64 ? A SER 66 
23 1 Y 1 A ILE 65 ? A ILE 67 
24 1 Y 1 A PRO 66 ? A PRO 68 
25 1 Y 1 A ASP 67 ? A ASP 69 
26 1 Y 1 A ASP 68 ? A ASP 70 
27 1 Y 1 A ASP 69 ? A ASP 71 
28 1 Y 1 A THR 70 ? A THR 72 
29 1 Y 1 A GLU 71 ? A GLU 73 
30 1 Y 1 A LEU 72 ? A LEU 74 
31 1 Y 1 A LEU 73 ? A LEU 75 
32 1 Y 1 A ARG 74 ? A ARG 76 
33 1 Y 1 A ASP 75 ? A ASP 77 
34 1 Y 1 A TYR 76 ? A TYR 78 
35 1 Y 1 A VAL 77 ? A VAL 79 
36 1 Y 1 A LYS 78 ? A LYS 80 
37 1 Y 1 A LYS 79 ? A LYS 81 
38 1 Y 1 A LEU 80 ? A LEU 82 
39 1 Y 1 A LEU 81 ? A LEU 83 
40 1 Y 1 A LYS 82 ? A LYS 84 
41 1 Y 1 A HIS 83 ? A HIS 85 
42 1 Y 1 A PRO 84 ? A PRO 86 
43 1 Y 1 A ARG 85 ? A ARG 87 
44 1 Y 1 A GLN 86 ? A GLN 88 
45 1 Y 1 B GLY -1 ? B GLY 1  
46 1 Y 1 B GLY 0  ? B GLY 2  
47 1 Y 1 B ALA 41 ? B ALA 43 
48 1 Y 1 B GLN 42 ? B GLN 44 
49 1 Y 1 B ASN 43 ? B ASN 45 
50 1 Y 1 B ASP 44 ? B ASP 46 
51 1 Y 1 B GLN 45 ? B GLN 47 
52 1 Y 1 B GLN 46 ? B GLN 48 
53 1 Y 1 B ARG 47 ? B ARG 49 
54 1 Y 1 B LEU 48 ? B LEU 50 
55 1 Y 1 B ILE 49 ? B ILE 51 
56 1 Y 1 B ASP 50 ? B ASP 52 
57 1 Y 1 B GLN 51 ? B GLN 53 
58 1 Y 1 B VAL 52 ? B VAL 54 
59 1 Y 1 B GLU 53 ? B GLU 55 
60 1 Y 1 B GLY 54 ? B GLY 56 
61 1 Y 1 B ALA 55 ? B ALA 57 
62 1 Y 1 B LEU 56 ? B LEU 58 
63 1 Y 1 B TYR 57 ? B TYR 59 
64 1 Y 1 B GLU 58 ? B GLU 60 
65 1 Y 1 B VAL 59 ? B VAL 61 
66 1 Y 1 B LYS 60 ? B LYS 62 
67 1 Y 1 B PRO 61 ? B PRO 63 
68 1 Y 1 B ASP 62 ? B ASP 64 
69 1 Y 1 B ALA 63 ? B ALA 65 
70 1 Y 1 B SER 64 ? B SER 66 
71 1 Y 1 B ILE 65 ? B ILE 67 
72 1 Y 1 B PRO 66 ? B PRO 68 
73 1 Y 1 B ASP 67 ? B ASP 69 
74 1 Y 1 B ASP 68 ? B ASP 70 
75 1 Y 1 B ASP 69 ? B ASP 71 
76 1 Y 1 B THR 70 ? B THR 72 
77 1 Y 1 B GLU 71 ? B GLU 73 
78 1 Y 1 B LEU 72 ? B LEU 74 
79 1 Y 1 B LEU 73 ? B LEU 75 
80 1 Y 1 B ARG 74 ? B ARG 76 
81 1 Y 1 B ASP 75 ? B ASP 77 
82 1 Y 1 B TYR 76 ? B TYR 78 
83 1 Y 1 B VAL 77 ? B VAL 79 
84 1 Y 1 B LYS 78 ? B LYS 80 
85 1 Y 1 B LYS 79 ? B LYS 81 
86 1 Y 1 B LEU 80 ? B LEU 82 
87 1 Y 1 B LEU 81 ? B LEU 83 
88 1 Y 1 B LYS 82 ? B LYS 84 
89 1 Y 1 B HIS 83 ? B HIS 85 
90 1 Y 1 B PRO 84 ? B PRO 86 
91 1 Y 1 B ARG 85 ? B ARG 87 
92 1 Y 1 B GLN 86 ? B GLN 88 
# 
loop_
_chem_comp_atom.comp_id 
_chem_comp_atom.atom_id 
_chem_comp_atom.type_symbol 
_chem_comp_atom.pdbx_aromatic_flag 
_chem_comp_atom.pdbx_stereo_config 
_chem_comp_atom.pdbx_ordinal 
ALA N    N  N N 1   
ALA CA   C  N S 2   
ALA C    C  N N 3   
ALA O    O  N N 4   
ALA CB   C  N N 5   
ALA OXT  O  N N 6   
ALA H    H  N N 7   
ALA H2   H  N N 8   
ALA HA   H  N N 9   
ALA HB1  H  N N 10  
ALA HB2  H  N N 11  
ALA HB3  H  N N 12  
ALA HXT  H  N N 13  
ARG N    N  N N 14  
ARG CA   C  N S 15  
ARG C    C  N N 16  
ARG O    O  N N 17  
ARG CB   C  N N 18  
ARG CG   C  N N 19  
ARG CD   C  N N 20  
ARG NE   N  N N 21  
ARG CZ   C  N N 22  
ARG NH1  N  N N 23  
ARG NH2  N  N N 24  
ARG OXT  O  N N 25  
ARG H    H  N N 26  
ARG H2   H  N N 27  
ARG HA   H  N N 28  
ARG HB2  H  N N 29  
ARG HB3  H  N N 30  
ARG HG2  H  N N 31  
ARG HG3  H  N N 32  
ARG HD2  H  N N 33  
ARG HD3  H  N N 34  
ARG HE   H  N N 35  
ARG HH11 H  N N 36  
ARG HH12 H  N N 37  
ARG HH21 H  N N 38  
ARG HH22 H  N N 39  
ARG HXT  H  N N 40  
ASN N    N  N N 41  
ASN CA   C  N S 42  
ASN C    C  N N 43  
ASN O    O  N N 44  
ASN CB   C  N N 45  
ASN CG   C  N N 46  
ASN OD1  O  N N 47  
ASN ND2  N  N N 48  
ASN OXT  O  N N 49  
ASN H    H  N N 50  
ASN H2   H  N N 51  
ASN HA   H  N N 52  
ASN HB2  H  N N 53  
ASN HB3  H  N N 54  
ASN HD21 H  N N 55  
ASN HD22 H  N N 56  
ASN HXT  H  N N 57  
ASP N    N  N N 58  
ASP CA   C  N S 59  
ASP C    C  N N 60  
ASP O    O  N N 61  
ASP CB   C  N N 62  
ASP CG   C  N N 63  
ASP OD1  O  N N 64  
ASP OD2  O  N N 65  
ASP OXT  O  N N 66  
ASP H    H  N N 67  
ASP H2   H  N N 68  
ASP HA   H  N N 69  
ASP HB2  H  N N 70  
ASP HB3  H  N N 71  
ASP HD2  H  N N 72  
ASP HXT  H  N N 73  
CL  CL   CL N N 74  
CYS N    N  N N 75  
CYS CA   C  N R 76  
CYS C    C  N N 77  
CYS O    O  N N 78  
CYS CB   C  N N 79  
CYS SG   S  N N 80  
CYS OXT  O  N N 81  
CYS H    H  N N 82  
CYS H2   H  N N 83  
CYS HA   H  N N 84  
CYS HB2  H  N N 85  
CYS HB3  H  N N 86  
CYS HG   H  N N 87  
CYS HXT  H  N N 88  
EDO C1   C  N N 89  
EDO O1   O  N N 90  
EDO C2   C  N N 91  
EDO O2   O  N N 92  
EDO H11  H  N N 93  
EDO H12  H  N N 94  
EDO HO1  H  N N 95  
EDO H21  H  N N 96  
EDO H22  H  N N 97  
EDO HO2  H  N N 98  
EPE N1   N  N N 99  
EPE C2   C  N N 100 
EPE C3   C  N N 101 
EPE N4   N  N N 102 
EPE C5   C  N N 103 
EPE C6   C  N N 104 
EPE C7   C  N N 105 
EPE C8   C  N N 106 
EPE O8   O  N N 107 
EPE C9   C  N N 108 
EPE C10  C  N N 109 
EPE S    S  N N 110 
EPE O1S  O  N N 111 
EPE O2S  O  N N 112 
EPE O3S  O  N N 113 
EPE H21  H  N N 114 
EPE H22  H  N N 115 
EPE H31  H  N N 116 
EPE H32  H  N N 117 
EPE H51  H  N N 118 
EPE H52  H  N N 119 
EPE H61  H  N N 120 
EPE H62  H  N N 121 
EPE H71  H  N N 122 
EPE H72  H  N N 123 
EPE H81  H  N N 124 
EPE H82  H  N N 125 
EPE HO8  H  N N 126 
EPE H91  H  N N 127 
EPE H92  H  N N 128 
EPE H101 H  N N 129 
EPE H102 H  N N 130 
EPE HOS3 H  N N 131 
GLN N    N  N N 132 
GLN CA   C  N S 133 
GLN C    C  N N 134 
GLN O    O  N N 135 
GLN CB   C  N N 136 
GLN CG   C  N N 137 
GLN CD   C  N N 138 
GLN OE1  O  N N 139 
GLN NE2  N  N N 140 
GLN OXT  O  N N 141 
GLN H    H  N N 142 
GLN H2   H  N N 143 
GLN HA   H  N N 144 
GLN HB2  H  N N 145 
GLN HB3  H  N N 146 
GLN HG2  H  N N 147 
GLN HG3  H  N N 148 
GLN HE21 H  N N 149 
GLN HE22 H  N N 150 
GLN HXT  H  N N 151 
GLU N    N  N N 152 
GLU CA   C  N S 153 
GLU C    C  N N 154 
GLU O    O  N N 155 
GLU CB   C  N N 156 
GLU CG   C  N N 157 
GLU CD   C  N N 158 
GLU OE1  O  N N 159 
GLU OE2  O  N N 160 
GLU OXT  O  N N 161 
GLU H    H  N N 162 
GLU H2   H  N N 163 
GLU HA   H  N N 164 
GLU HB2  H  N N 165 
GLU HB3  H  N N 166 
GLU HG2  H  N N 167 
GLU HG3  H  N N 168 
GLU HE2  H  N N 169 
GLU HXT  H  N N 170 
GLY N    N  N N 171 
GLY CA   C  N N 172 
GLY C    C  N N 173 
GLY O    O  N N 174 
GLY OXT  O  N N 175 
GLY H    H  N N 176 
GLY H2   H  N N 177 
GLY HA2  H  N N 178 
GLY HA3  H  N N 179 
GLY HXT  H  N N 180 
HIS N    N  N N 181 
HIS CA   C  N S 182 
HIS C    C  N N 183 
HIS O    O  N N 184 
HIS CB   C  N N 185 
HIS CG   C  Y N 186 
HIS ND1  N  Y N 187 
HIS CD2  C  Y N 188 
HIS CE1  C  Y N 189 
HIS NE2  N  Y N 190 
HIS OXT  O  N N 191 
HIS H    H  N N 192 
HIS H2   H  N N 193 
HIS HA   H  N N 194 
HIS HB2  H  N N 195 
HIS HB3  H  N N 196 
HIS HD1  H  N N 197 
HIS HD2  H  N N 198 
HIS HE1  H  N N 199 
HIS HE2  H  N N 200 
HIS HXT  H  N N 201 
HOH O    O  N N 202 
HOH H1   H  N N 203 
HOH H2   H  N N 204 
ILE N    N  N N 205 
ILE CA   C  N S 206 
ILE C    C  N N 207 
ILE O    O  N N 208 
ILE CB   C  N S 209 
ILE CG1  C  N N 210 
ILE CG2  C  N N 211 
ILE CD1  C  N N 212 
ILE OXT  O  N N 213 
ILE H    H  N N 214 
ILE H2   H  N N 215 
ILE HA   H  N N 216 
ILE HB   H  N N 217 
ILE HG12 H  N N 218 
ILE HG13 H  N N 219 
ILE HG21 H  N N 220 
ILE HG22 H  N N 221 
ILE HG23 H  N N 222 
ILE HD11 H  N N 223 
ILE HD12 H  N N 224 
ILE HD13 H  N N 225 
ILE HXT  H  N N 226 
LEU N    N  N N 227 
LEU CA   C  N S 228 
LEU C    C  N N 229 
LEU O    O  N N 230 
LEU CB   C  N N 231 
LEU CG   C  N N 232 
LEU CD1  C  N N 233 
LEU CD2  C  N N 234 
LEU OXT  O  N N 235 
LEU H    H  N N 236 
LEU H2   H  N N 237 
LEU HA   H  N N 238 
LEU HB2  H  N N 239 
LEU HB3  H  N N 240 
LEU HG   H  N N 241 
LEU HD11 H  N N 242 
LEU HD12 H  N N 243 
LEU HD13 H  N N 244 
LEU HD21 H  N N 245 
LEU HD22 H  N N 246 
LEU HD23 H  N N 247 
LEU HXT  H  N N 248 
LYS N    N  N N 249 
LYS CA   C  N S 250 
LYS C    C  N N 251 
LYS O    O  N N 252 
LYS CB   C  N N 253 
LYS CG   C  N N 254 
LYS CD   C  N N 255 
LYS CE   C  N N 256 
LYS NZ   N  N N 257 
LYS OXT  O  N N 258 
LYS H    H  N N 259 
LYS H2   H  N N 260 
LYS HA   H  N N 261 
LYS HB2  H  N N 262 
LYS HB3  H  N N 263 
LYS HG2  H  N N 264 
LYS HG3  H  N N 265 
LYS HD2  H  N N 266 
LYS HD3  H  N N 267 
LYS HE2  H  N N 268 
LYS HE3  H  N N 269 
LYS HZ1  H  N N 270 
LYS HZ2  H  N N 271 
LYS HZ3  H  N N 272 
LYS HXT  H  N N 273 
MET N    N  N N 274 
MET CA   C  N S 275 
MET C    C  N N 276 
MET O    O  N N 277 
MET CB   C  N N 278 
MET CG   C  N N 279 
MET SD   S  N N 280 
MET CE   C  N N 281 
MET OXT  O  N N 282 
MET H    H  N N 283 
MET H2   H  N N 284 
MET HA   H  N N 285 
MET HB2  H  N N 286 
MET HB3  H  N N 287 
MET HG2  H  N N 288 
MET HG3  H  N N 289 
MET HE1  H  N N 290 
MET HE2  H  N N 291 
MET HE3  H  N N 292 
MET HXT  H  N N 293 
PHE N    N  N N 294 
PHE CA   C  N S 295 
PHE C    C  N N 296 
PHE O    O  N N 297 
PHE CB   C  N N 298 
PHE CG   C  Y N 299 
PHE CD1  C  Y N 300 
PHE CD2  C  Y N 301 
PHE CE1  C  Y N 302 
PHE CE2  C  Y N 303 
PHE CZ   C  Y N 304 
PHE OXT  O  N N 305 
PHE H    H  N N 306 
PHE H2   H  N N 307 
PHE HA   H  N N 308 
PHE HB2  H  N N 309 
PHE HB3  H  N N 310 
PHE HD1  H  N N 311 
PHE HD2  H  N N 312 
PHE HE1  H  N N 313 
PHE HE2  H  N N 314 
PHE HZ   H  N N 315 
PHE HXT  H  N N 316 
PRO N    N  N N 317 
PRO CA   C  N S 318 
PRO C    C  N N 319 
PRO O    O  N N 320 
PRO CB   C  N N 321 
PRO CG   C  N N 322 
PRO CD   C  N N 323 
PRO OXT  O  N N 324 
PRO H    H  N N 325 
PRO HA   H  N N 326 
PRO HB2  H  N N 327 
PRO HB3  H  N N 328 
PRO HG2  H  N N 329 
PRO HG3  H  N N 330 
PRO HD2  H  N N 331 
PRO HD3  H  N N 332 
PRO HXT  H  N N 333 
SER N    N  N N 334 
SER CA   C  N S 335 
SER C    C  N N 336 
SER O    O  N N 337 
SER CB   C  N N 338 
SER OG   O  N N 339 
SER OXT  O  N N 340 
SER H    H  N N 341 
SER H2   H  N N 342 
SER HA   H  N N 343 
SER HB2  H  N N 344 
SER HB3  H  N N 345 
SER HG   H  N N 346 
SER HXT  H  N N 347 
THR N    N  N N 348 
THR CA   C  N S 349 
THR C    C  N N 350 
THR O    O  N N 351 
THR CB   C  N R 352 
THR OG1  O  N N 353 
THR CG2  C  N N 354 
THR OXT  O  N N 355 
THR H    H  N N 356 
THR H2   H  N N 357 
THR HA   H  N N 358 
THR HB   H  N N 359 
THR HG1  H  N N 360 
THR HG21 H  N N 361 
THR HG22 H  N N 362 
THR HG23 H  N N 363 
THR HXT  H  N N 364 
TRS C    C  N N 365 
TRS C1   C  N N 366 
TRS C2   C  N N 367 
TRS C3   C  N N 368 
TRS N    N  N N 369 
TRS O1   O  N N 370 
TRS O2   O  N N 371 
TRS O3   O  N N 372 
TRS H11  H  N N 373 
TRS H12  H  N N 374 
TRS H21  H  N N 375 
TRS H22  H  N N 376 
TRS H31  H  N N 377 
TRS H32  H  N N 378 
TRS HN1  H  N N 379 
TRS HN2  H  N N 380 
TRS HN3  H  N N 381 
TRS HO1  H  N N 382 
TRS HO2  H  N N 383 
TRS HO3  H  N N 384 
TYR N    N  N N 385 
TYR CA   C  N S 386 
TYR C    C  N N 387 
TYR O    O  N N 388 
TYR CB   C  N N 389 
TYR CG   C  Y N 390 
TYR CD1  C  Y N 391 
TYR CD2  C  Y N 392 
TYR CE1  C  Y N 393 
TYR CE2  C  Y N 394 
TYR CZ   C  Y N 395 
TYR OH   O  N N 396 
TYR OXT  O  N N 397 
TYR H    H  N N 398 
TYR H2   H  N N 399 
TYR HA   H  N N 400 
TYR HB2  H  N N 401 
TYR HB3  H  N N 402 
TYR HD1  H  N N 403 
TYR HD2  H  N N 404 
TYR HE1  H  N N 405 
TYR HE2  H  N N 406 
TYR HH   H  N N 407 
TYR HXT  H  N N 408 
VAL N    N  N N 409 
VAL CA   C  N S 410 
VAL C    C  N N 411 
VAL O    O  N N 412 
VAL CB   C  N N 413 
VAL CG1  C  N N 414 
VAL CG2  C  N N 415 
VAL OXT  O  N N 416 
VAL H    H  N N 417 
VAL H2   H  N N 418 
VAL HA   H  N N 419 
VAL HB   H  N N 420 
VAL HG11 H  N N 421 
VAL HG12 H  N N 422 
VAL HG13 H  N N 423 
VAL HG21 H  N N 424 
VAL HG22 H  N N 425 
VAL HG23 H  N N 426 
VAL HXT  H  N N 427 
# 
loop_
_chem_comp_bond.comp_id 
_chem_comp_bond.atom_id_1 
_chem_comp_bond.atom_id_2 
_chem_comp_bond.value_order 
_chem_comp_bond.pdbx_aromatic_flag 
_chem_comp_bond.pdbx_stereo_config 
_chem_comp_bond.pdbx_ordinal 
ALA N   CA   sing N N 1   
ALA N   H    sing N N 2   
ALA N   H2   sing N N 3   
ALA CA  C    sing N N 4   
ALA CA  CB   sing N N 5   
ALA CA  HA   sing N N 6   
ALA C   O    doub N N 7   
ALA C   OXT  sing N N 8   
ALA CB  HB1  sing N N 9   
ALA CB  HB2  sing N N 10  
ALA CB  HB3  sing N N 11  
ALA OXT HXT  sing N N 12  
ARG N   CA   sing N N 13  
ARG N   H    sing N N 14  
ARG N   H2   sing N N 15  
ARG CA  C    sing N N 16  
ARG CA  CB   sing N N 17  
ARG CA  HA   sing N N 18  
ARG C   O    doub N N 19  
ARG C   OXT  sing N N 20  
ARG CB  CG   sing N N 21  
ARG CB  HB2  sing N N 22  
ARG CB  HB3  sing N N 23  
ARG CG  CD   sing N N 24  
ARG CG  HG2  sing N N 25  
ARG CG  HG3  sing N N 26  
ARG CD  NE   sing N N 27  
ARG CD  HD2  sing N N 28  
ARG CD  HD3  sing N N 29  
ARG NE  CZ   sing N N 30  
ARG NE  HE   sing N N 31  
ARG CZ  NH1  sing N N 32  
ARG CZ  NH2  doub N N 33  
ARG NH1 HH11 sing N N 34  
ARG NH1 HH12 sing N N 35  
ARG NH2 HH21 sing N N 36  
ARG NH2 HH22 sing N N 37  
ARG OXT HXT  sing N N 38  
ASN N   CA   sing N N 39  
ASN N   H    sing N N 40  
ASN N   H2   sing N N 41  
ASN CA  C    sing N N 42  
ASN CA  CB   sing N N 43  
ASN CA  HA   sing N N 44  
ASN C   O    doub N N 45  
ASN C   OXT  sing N N 46  
ASN CB  CG   sing N N 47  
ASN CB  HB2  sing N N 48  
ASN CB  HB3  sing N N 49  
ASN CG  OD1  doub N N 50  
ASN CG  ND2  sing N N 51  
ASN ND2 HD21 sing N N 52  
ASN ND2 HD22 sing N N 53  
ASN OXT HXT  sing N N 54  
ASP N   CA   sing N N 55  
ASP N   H    sing N N 56  
ASP N   H2   sing N N 57  
ASP CA  C    sing N N 58  
ASP CA  CB   sing N N 59  
ASP CA  HA   sing N N 60  
ASP C   O    doub N N 61  
ASP C   OXT  sing N N 62  
ASP CB  CG   sing N N 63  
ASP CB  HB2  sing N N 64  
ASP CB  HB3  sing N N 65  
ASP CG  OD1  doub N N 66  
ASP CG  OD2  sing N N 67  
ASP OD2 HD2  sing N N 68  
ASP OXT HXT  sing N N 69  
CYS N   CA   sing N N 70  
CYS N   H    sing N N 71  
CYS N   H2   sing N N 72  
CYS CA  C    sing N N 73  
CYS CA  CB   sing N N 74  
CYS CA  HA   sing N N 75  
CYS C   O    doub N N 76  
CYS C   OXT  sing N N 77  
CYS CB  SG   sing N N 78  
CYS CB  HB2  sing N N 79  
CYS CB  HB3  sing N N 80  
CYS SG  HG   sing N N 81  
CYS OXT HXT  sing N N 82  
EDO C1  O1   sing N N 83  
EDO C1  C2   sing N N 84  
EDO C1  H11  sing N N 85  
EDO C1  H12  sing N N 86  
EDO O1  HO1  sing N N 87  
EDO C2  O2   sing N N 88  
EDO C2  H21  sing N N 89  
EDO C2  H22  sing N N 90  
EDO O2  HO2  sing N N 91  
EPE N1  C2   sing N N 92  
EPE N1  C6   sing N N 93  
EPE N1  C9   sing N N 94  
EPE C2  C3   sing N N 95  
EPE C2  H21  sing N N 96  
EPE C2  H22  sing N N 97  
EPE C3  N4   sing N N 98  
EPE C3  H31  sing N N 99  
EPE C3  H32  sing N N 100 
EPE N4  C5   sing N N 101 
EPE N4  C7   sing N N 102 
EPE C5  C6   sing N N 103 
EPE C5  H51  sing N N 104 
EPE C5  H52  sing N N 105 
EPE C6  H61  sing N N 106 
EPE C6  H62  sing N N 107 
EPE C7  C8   sing N N 108 
EPE C7  H71  sing N N 109 
EPE C7  H72  sing N N 110 
EPE C8  O8   sing N N 111 
EPE C8  H81  sing N N 112 
EPE C8  H82  sing N N 113 
EPE O8  HO8  sing N N 114 
EPE C9  C10  sing N N 115 
EPE C9  H91  sing N N 116 
EPE C9  H92  sing N N 117 
EPE C10 S    sing N N 118 
EPE C10 H101 sing N N 119 
EPE C10 H102 sing N N 120 
EPE S   O1S  doub N N 121 
EPE S   O2S  doub N N 122 
EPE S   O3S  sing N N 123 
EPE O3S HOS3 sing N N 124 
GLN N   CA   sing N N 125 
GLN N   H    sing N N 126 
GLN N   H2   sing N N 127 
GLN CA  C    sing N N 128 
GLN CA  CB   sing N N 129 
GLN CA  HA   sing N N 130 
GLN C   O    doub N N 131 
GLN C   OXT  sing N N 132 
GLN CB  CG   sing N N 133 
GLN CB  HB2  sing N N 134 
GLN CB  HB3  sing N N 135 
GLN CG  CD   sing N N 136 
GLN CG  HG2  sing N N 137 
GLN CG  HG3  sing N N 138 
GLN CD  OE1  doub N N 139 
GLN CD  NE2  sing N N 140 
GLN NE2 HE21 sing N N 141 
GLN NE2 HE22 sing N N 142 
GLN OXT HXT  sing N N 143 
GLU N   CA   sing N N 144 
GLU N   H    sing N N 145 
GLU N   H2   sing N N 146 
GLU CA  C    sing N N 147 
GLU CA  CB   sing N N 148 
GLU CA  HA   sing N N 149 
GLU C   O    doub N N 150 
GLU C   OXT  sing N N 151 
GLU CB  CG   sing N N 152 
GLU CB  HB2  sing N N 153 
GLU CB  HB3  sing N N 154 
GLU CG  CD   sing N N 155 
GLU CG  HG2  sing N N 156 
GLU CG  HG3  sing N N 157 
GLU CD  OE1  doub N N 158 
GLU CD  OE2  sing N N 159 
GLU OE2 HE2  sing N N 160 
GLU OXT HXT  sing N N 161 
GLY N   CA   sing N N 162 
GLY N   H    sing N N 163 
GLY N   H2   sing N N 164 
GLY CA  C    sing N N 165 
GLY CA  HA2  sing N N 166 
GLY CA  HA3  sing N N 167 
GLY C   O    doub N N 168 
GLY C   OXT  sing N N 169 
GLY OXT HXT  sing N N 170 
HIS N   CA   sing N N 171 
HIS N   H    sing N N 172 
HIS N   H2   sing N N 173 
HIS CA  C    sing N N 174 
HIS CA  CB   sing N N 175 
HIS CA  HA   sing N N 176 
HIS C   O    doub N N 177 
HIS C   OXT  sing N N 178 
HIS CB  CG   sing N N 179 
HIS CB  HB2  sing N N 180 
HIS CB  HB3  sing N N 181 
HIS CG  ND1  sing Y N 182 
HIS CG  CD2  doub Y N 183 
HIS ND1 CE1  doub Y N 184 
HIS ND1 HD1  sing N N 185 
HIS CD2 NE2  sing Y N 186 
HIS CD2 HD2  sing N N 187 
HIS CE1 NE2  sing Y N 188 
HIS CE1 HE1  sing N N 189 
HIS NE2 HE2  sing N N 190 
HIS OXT HXT  sing N N 191 
HOH O   H1   sing N N 192 
HOH O   H2   sing N N 193 
ILE N   CA   sing N N 194 
ILE N   H    sing N N 195 
ILE N   H2   sing N N 196 
ILE CA  C    sing N N 197 
ILE CA  CB   sing N N 198 
ILE CA  HA   sing N N 199 
ILE C   O    doub N N 200 
ILE C   OXT  sing N N 201 
ILE CB  CG1  sing N N 202 
ILE CB  CG2  sing N N 203 
ILE CB  HB   sing N N 204 
ILE CG1 CD1  sing N N 205 
ILE CG1 HG12 sing N N 206 
ILE CG1 HG13 sing N N 207 
ILE CG2 HG21 sing N N 208 
ILE CG2 HG22 sing N N 209 
ILE CG2 HG23 sing N N 210 
ILE CD1 HD11 sing N N 211 
ILE CD1 HD12 sing N N 212 
ILE CD1 HD13 sing N N 213 
ILE OXT HXT  sing N N 214 
LEU N   CA   sing N N 215 
LEU N   H    sing N N 216 
LEU N   H2   sing N N 217 
LEU CA  C    sing N N 218 
LEU CA  CB   sing N N 219 
LEU CA  HA   sing N N 220 
LEU C   O    doub N N 221 
LEU C   OXT  sing N N 222 
LEU CB  CG   sing N N 223 
LEU CB  HB2  sing N N 224 
LEU CB  HB3  sing N N 225 
LEU CG  CD1  sing N N 226 
LEU CG  CD2  sing N N 227 
LEU CG  HG   sing N N 228 
LEU CD1 HD11 sing N N 229 
LEU CD1 HD12 sing N N 230 
LEU CD1 HD13 sing N N 231 
LEU CD2 HD21 sing N N 232 
LEU CD2 HD22 sing N N 233 
LEU CD2 HD23 sing N N 234 
LEU OXT HXT  sing N N 235 
LYS N   CA   sing N N 236 
LYS N   H    sing N N 237 
LYS N   H2   sing N N 238 
LYS CA  C    sing N N 239 
LYS CA  CB   sing N N 240 
LYS CA  HA   sing N N 241 
LYS C   O    doub N N 242 
LYS C   OXT  sing N N 243 
LYS CB  CG   sing N N 244 
LYS CB  HB2  sing N N 245 
LYS CB  HB3  sing N N 246 
LYS CG  CD   sing N N 247 
LYS CG  HG2  sing N N 248 
LYS CG  HG3  sing N N 249 
LYS CD  CE   sing N N 250 
LYS CD  HD2  sing N N 251 
LYS CD  HD3  sing N N 252 
LYS CE  NZ   sing N N 253 
LYS CE  HE2  sing N N 254 
LYS CE  HE3  sing N N 255 
LYS NZ  HZ1  sing N N 256 
LYS NZ  HZ2  sing N N 257 
LYS NZ  HZ3  sing N N 258 
LYS OXT HXT  sing N N 259 
MET N   CA   sing N N 260 
MET N   H    sing N N 261 
MET N   H2   sing N N 262 
MET CA  C    sing N N 263 
MET CA  CB   sing N N 264 
MET CA  HA   sing N N 265 
MET C   O    doub N N 266 
MET C   OXT  sing N N 267 
MET CB  CG   sing N N 268 
MET CB  HB2  sing N N 269 
MET CB  HB3  sing N N 270 
MET CG  SD   sing N N 271 
MET CG  HG2  sing N N 272 
MET CG  HG3  sing N N 273 
MET SD  CE   sing N N 274 
MET CE  HE1  sing N N 275 
MET CE  HE2  sing N N 276 
MET CE  HE3  sing N N 277 
MET OXT HXT  sing N N 278 
PHE N   CA   sing N N 279 
PHE N   H    sing N N 280 
PHE N   H2   sing N N 281 
PHE CA  C    sing N N 282 
PHE CA  CB   sing N N 283 
PHE CA  HA   sing N N 284 
PHE C   O    doub N N 285 
PHE C   OXT  sing N N 286 
PHE CB  CG   sing N N 287 
PHE CB  HB2  sing N N 288 
PHE CB  HB3  sing N N 289 
PHE CG  CD1  doub Y N 290 
PHE CG  CD2  sing Y N 291 
PHE CD1 CE1  sing Y N 292 
PHE CD1 HD1  sing N N 293 
PHE CD2 CE2  doub Y N 294 
PHE CD2 HD2  sing N N 295 
PHE CE1 CZ   doub Y N 296 
PHE CE1 HE1  sing N N 297 
PHE CE2 CZ   sing Y N 298 
PHE CE2 HE2  sing N N 299 
PHE CZ  HZ   sing N N 300 
PHE OXT HXT  sing N N 301 
PRO N   CA   sing N N 302 
PRO N   CD   sing N N 303 
PRO N   H    sing N N 304 
PRO CA  C    sing N N 305 
PRO CA  CB   sing N N 306 
PRO CA  HA   sing N N 307 
PRO C   O    doub N N 308 
PRO C   OXT  sing N N 309 
PRO CB  CG   sing N N 310 
PRO CB  HB2  sing N N 311 
PRO CB  HB3  sing N N 312 
PRO CG  CD   sing N N 313 
PRO CG  HG2  sing N N 314 
PRO CG  HG3  sing N N 315 
PRO CD  HD2  sing N N 316 
PRO CD  HD3  sing N N 317 
PRO OXT HXT  sing N N 318 
SER N   CA   sing N N 319 
SER N   H    sing N N 320 
SER N   H2   sing N N 321 
SER CA  C    sing N N 322 
SER CA  CB   sing N N 323 
SER CA  HA   sing N N 324 
SER C   O    doub N N 325 
SER C   OXT  sing N N 326 
SER CB  OG   sing N N 327 
SER CB  HB2  sing N N 328 
SER CB  HB3  sing N N 329 
SER OG  HG   sing N N 330 
SER OXT HXT  sing N N 331 
THR N   CA   sing N N 332 
THR N   H    sing N N 333 
THR N   H2   sing N N 334 
THR CA  C    sing N N 335 
THR CA  CB   sing N N 336 
THR CA  HA   sing N N 337 
THR C   O    doub N N 338 
THR C   OXT  sing N N 339 
THR CB  OG1  sing N N 340 
THR CB  CG2  sing N N 341 
THR CB  HB   sing N N 342 
THR OG1 HG1  sing N N 343 
THR CG2 HG21 sing N N 344 
THR CG2 HG22 sing N N 345 
THR CG2 HG23 sing N N 346 
THR OXT HXT  sing N N 347 
TRS C   C1   sing N N 348 
TRS C   C2   sing N N 349 
TRS C   C3   sing N N 350 
TRS C   N    sing N N 351 
TRS C1  O1   sing N N 352 
TRS C1  H11  sing N N 353 
TRS C1  H12  sing N N 354 
TRS C2  O2   sing N N 355 
TRS C2  H21  sing N N 356 
TRS C2  H22  sing N N 357 
TRS C3  O3   sing N N 358 
TRS C3  H31  sing N N 359 
TRS C3  H32  sing N N 360 
TRS N   HN1  sing N N 361 
TRS N   HN2  sing N N 362 
TRS N   HN3  sing N N 363 
TRS O1  HO1  sing N N 364 
TRS O2  HO2  sing N N 365 
TRS O3  HO3  sing N N 366 
TYR N   CA   sing N N 367 
TYR N   H    sing N N 368 
TYR N   H2   sing N N 369 
TYR CA  C    sing N N 370 
TYR CA  CB   sing N N 371 
TYR CA  HA   sing N N 372 
TYR C   O    doub N N 373 
TYR C   OXT  sing N N 374 
TYR CB  CG   sing N N 375 
TYR CB  HB2  sing N N 376 
TYR CB  HB3  sing N N 377 
TYR CG  CD1  doub Y N 378 
TYR CG  CD2  sing Y N 379 
TYR CD1 CE1  sing Y N 380 
TYR CD1 HD1  sing N N 381 
TYR CD2 CE2  doub Y N 382 
TYR CD2 HD2  sing N N 383 
TYR CE1 CZ   doub Y N 384 
TYR CE1 HE1  sing N N 385 
TYR CE2 CZ   sing Y N 386 
TYR CE2 HE2  sing N N 387 
TYR CZ  OH   sing N N 388 
TYR OH  HH   sing N N 389 
TYR OXT HXT  sing N N 390 
VAL N   CA   sing N N 391 
VAL N   H    sing N N 392 
VAL N   H2   sing N N 393 
VAL CA  C    sing N N 394 
VAL CA  CB   sing N N 395 
VAL CA  HA   sing N N 396 
VAL C   O    doub N N 397 
VAL C   OXT  sing N N 398 
VAL CB  CG1  sing N N 399 
VAL CB  CG2  sing N N 400 
VAL CB  HB   sing N N 401 
VAL CG1 HG11 sing N N 402 
VAL CG1 HG12 sing N N 403 
VAL CG1 HG13 sing N N 404 
VAL CG2 HG21 sing N N 405 
VAL CG2 HG22 sing N N 406 
VAL CG2 HG23 sing N N 407 
VAL OXT HXT  sing N N 408 
# 
_pdbx_audit_support.funding_organization   'National Institutes of Health/National Cancer Institute (NIH/NCI)' 
_pdbx_audit_support.country                'United States' 
_pdbx_audit_support.grant_number           'Intramural Research Program' 
_pdbx_audit_support.ordinal                1 
# 
_pdbx_reflns_twin.domain_id                    1 
_pdbx_reflns_twin.crystal_id                   1 
_pdbx_reflns_twin.diffrn_id                    1 
_pdbx_reflns_twin.fraction                     0.170 
_pdbx_reflns_twin.operator                     k+l,h+l,-l 
_pdbx_reflns_twin.type                         ? 
_pdbx_reflns_twin.mean_F_square_over_mean_F2   ? 
_pdbx_reflns_twin.mean_I2_over_mean_I_square   ? 
# 
_atom_sites.entry_id                    8GKV 
_atom_sites.Cartn_transf_matrix[1][1]   ? 
_atom_sites.Cartn_transf_matrix[1][2]   ? 
_atom_sites.Cartn_transf_matrix[1][3]   ? 
_atom_sites.Cartn_transf_matrix[2][1]   ? 
_atom_sites.Cartn_transf_matrix[2][2]   ? 
_atom_sites.Cartn_transf_matrix[2][3]   ? 
_atom_sites.Cartn_transf_matrix[3][1]   ? 
_atom_sites.Cartn_transf_matrix[3][2]   ? 
_atom_sites.Cartn_transf_matrix[3][3]   ? 
_atom_sites.Cartn_transf_vector[1]      ? 
_atom_sites.Cartn_transf_vector[2]      ? 
_atom_sites.Cartn_transf_vector[3]      ? 
_atom_sites.fract_transf_matrix[1][1]   0.01601353 
_atom_sites.fract_transf_matrix[1][2]   0.00222561 
_atom_sites.fract_transf_matrix[1][3]   -0.00587894 
_atom_sites.fract_transf_matrix[2][1]   0.00626749 
_atom_sites.fract_transf_matrix[2][2]   -0.00222234 
_atom_sites.fract_transf_matrix[2][3]   0.01623057 
_atom_sites.fract_transf_matrix[3][1]   0.01735192 
_atom_sites.fract_transf_matrix[3][2]   -0.01803081 
_atom_sites.fract_transf_matrix[3][3]   -0.00916933 
_atom_sites.fract_transf_vector[1]      0.237737 
_atom_sites.fract_transf_vector[2]      0.203822 
_atom_sites.fract_transf_vector[3]      0.361905 
_atom_sites.solution_primary            ? 
_atom_sites.solution_secondary          ? 
_atom_sites.solution_hydrogens          ? 
_atom_sites.special_details             ? 
# 
loop_
_atom_type.symbol 
C  
CL 
H  
N  
O  
S  
# 
loop_
_atom_site.group_PDB 
_atom_site.id 
_atom_site.type_symbol 
_atom_site.label_atom_id 
_atom_site.label_alt_id 
_atom_site.label_comp_id 
_atom_site.label_asym_id 
_atom_site.label_entity_id 
_atom_site.label_seq_id 
_atom_site.pdbx_PDB_ins_code 
_atom_site.Cartn_x 
_atom_site.Cartn_y 
_atom_site.Cartn_z 
_atom_site.occupancy 
_atom_site.B_iso_or_equiv 
_atom_site.pdbx_formal_charge 
_atom_site.auth_seq_id 
_atom_site.auth_comp_id 
_atom_site.auth_asym_id 
_atom_site.auth_atom_id 
_atom_site.pdbx_PDB_model_num 
ATOM   1    N  N    . GLY A 1 1  ? 6.749   9.640   -30.116 1.00 60.67  ?  -1  GLY A N    1 
ATOM   2    C  CA   . GLY A 1 1  ? 5.967   8.513   -30.703 1.00 63.53  ?  -1  GLY A CA   1 
ATOM   3    C  C    . GLY A 1 1  ? 5.452   7.554   -29.648 1.00 65.07  ?  -1  GLY A C    1 
ATOM   4    O  O    . GLY A 1 1  ? 5.081   7.963   -28.547 1.00 65.03  ?  -1  GLY A O    1 
ATOM   5    H  H1   . GLY A 1 1  ? 7.591   9.380   -29.986 1.00 72.80  ?  -1  GLY A H1   1 
ATOM   6    H  H2   . GLY A 1 1  ? 6.734   10.332  -30.674 1.00 72.80  ?  -1  GLY A H2   1 
ATOM   7    H  H3   . GLY A 1 1  ? 6.388   9.877   -29.338 1.00 72.80  ?  -1  GLY A H3   1 
ATOM   8    H  HA2  . GLY A 1 1  ? 5.209   8.867   -31.193 1.00 76.24  ?  -1  GLY A HA2  1 
ATOM   9    H  HA3  . GLY A 1 1  ? 6.528   8.018   -31.320 1.00 76.24  ?  -1  GLY A HA3  1 
ATOM   10   N  N    . GLY A 1 2  ? 5.443   6.268   -29.986 1.00 61.13  ?  0   GLY A N    1 
ATOM   11   C  CA   . GLY A 1 2  ? 4.861   5.249   -29.130 1.00 51.94  ?  0   GLY A CA   1 
ATOM   12   C  C    . GLY A 1 2  ? 5.675   4.947   -27.886 1.00 45.54  ?  0   GLY A C    1 
ATOM   13   O  O    . GLY A 1 2  ? 5.118   4.772   -26.801 1.00 45.82  ?  0   GLY A O    1 
ATOM   14   H  H    . GLY A 1 2  ? 5.774   5.959   -30.717 1.00 73.35  ?  0   GLY A H    1 
ATOM   15   H  HA2  . GLY A 1 2  ? 3.977   5.536   -28.850 1.00 62.33  ?  0   GLY A HA2  1 
ATOM   16   H  HA3  . GLY A 1 2  ? 4.765   4.427   -29.636 1.00 62.33  ?  0   GLY A HA3  1 
ATOM   17   N  N    . MET A 1 3  ? 6.993   4.894   -28.038 1.00 42.73  ?  1   MET A N    1 
ATOM   18   C  CA   . MET A 1 3  ? 7.874   4.556   -26.926 1.00 46.53  ?  1   MET A CA   1 
ATOM   19   C  C    . MET A 1 3  ? 7.858   5.649   -25.854 1.00 44.72  ?  1   MET A C    1 
ATOM   20   O  O    . MET A 1 3  ? 7.727   5.359   -24.665 1.00 44.20  ?  1   MET A O    1 
ATOM   21   C  CB   . MET A 1 3  ? 9.299   4.333   -27.426 1.00 45.39  ?  1   MET A CB   1 
ATOM   22   C  CG   . MET A 1 3  ? 10.212  3.697   -26.393 1.00 56.14  ?  1   MET A CG   1 
ATOM   23   S  SD   . MET A 1 3  ? 11.909  3.483   -26.960 1.00 76.80  ?  1   MET A SD   1 
ATOM   24   C  CE   . MET A 1 3  ? 12.417  5.191   -27.135 1.00 81.63  ?  1   MET A CE   1 
ATOM   25   H  H    . MET A 1 3  ? 7.406   5.051   -28.777 1.00 51.28  ?  1   MET A H    1 
ATOM   26   H  HA   . MET A 1 3  ? 7.567   3.726   -26.528 1.00 55.84  ?  1   MET A HA   1 
ATOM   27   H  HB2  . MET A 1 3  ? 9.271   3.748   -28.199 1.00 54.47  ?  1   MET A HB2  1 
ATOM   28   H  HB3  . MET A 1 3  ? 9.682   5.189   -27.674 1.00 54.47  ?  1   MET A HB3  1 
ATOM   29   H  HG2  . MET A 1 3  ? 10.233  4.261   -25.604 1.00 67.36  ?  1   MET A HG2  1 
ATOM   30   H  HG3  . MET A 1 3  ? 9.864   2.822   -26.164 1.00 67.36  ?  1   MET A HG3  1 
ATOM   31   H  HE1  . MET A 1 3  ? 13.336  5.216   -27.443 1.00 97.95  ?  1   MET A HE1  1 
ATOM   32   H  HE2  . MET A 1 3  ? 11.839  5.626   -27.782 1.00 97.95  ?  1   MET A HE2  1 
ATOM   33   H  HE3  . MET A 1 3  ? 12.343  5.631   -26.275 1.00 97.95  ?  1   MET A HE3  1 
ATOM   34   N  N    . LYS A 1 4  ? 7.983   6.903   -26.279 1.00 46.13  ?  2   LYS A N    1 
ATOM   35   C  CA   . LYS A 1 4  ? 7.950   8.029   -25.348 1.00 43.37  ?  2   LYS A CA   1 
ATOM   36   C  C    . LYS A 1 4  ? 6.601   8.112   -24.630 1.00 38.81  ?  2   LYS A C    1 
ATOM   37   O  O    . LYS A 1 4  ? 6.538   8.342   -23.415 1.00 43.91  ?  2   LYS A O    1 
ATOM   38   C  CB   . LYS A 1 4  ? 8.239   9.336   -26.085 1.00 47.63  ?  2   LYS A CB   1 
ATOM   39   C  CG   . LYS A 1 4  ? 9.720   9.565   -26.393 1.00 47.36  ?  2   LYS A CG   1 
ATOM   40   C  CD   . LYS A 1 4  ? 9.946   10.816  -27.238 1.00 45.40  ?  2   LYS A CD   1 
ATOM   41   C  CE   . LYS A 1 4  ? 11.429  11.092  -27.430 1.00 54.56  ?  2   LYS A CE   1 
ATOM   42   N  NZ   . LYS A 1 4  ? 11.665  12.290  -28.280 1.00 61.61  ?  2   LYS A NZ   1 
ATOM   43   H  H    . LYS A 1 4  ? 8.088   7.129   -27.102 1.00 55.35  ?  2   LYS A H    1 
ATOM   44   H  HA   . LYS A 1 4  ? 8.639   7.904   -24.677 1.00 52.05  ?  2   LYS A HA   1 
ATOM   45   H  HB2  . LYS A 1 4  ? 7.759   9.332   -26.928 1.00 57.16  ?  2   LYS A HB2  1 
ATOM   46   H  HB3  . LYS A 1 4  ? 7.934   10.076  -25.537 1.00 57.16  ?  2   LYS A HB3  1 
ATOM   47   H  HG2  . LYS A 1 4  ? 10.205  9.672   -25.560 1.00 56.83  ?  2   LYS A HG2  1 
ATOM   48   H  HG3  . LYS A 1 4  ? 10.064  8.802   -26.884 1.00 56.83  ?  2   LYS A HG3  1 
ATOM   49   H  HD2  . LYS A 1 4  ? 9.544   10.689  -28.112 1.00 54.48  ?  2   LYS A HD2  1 
ATOM   50   H  HD3  . LYS A 1 4  ? 9.549   11.580  -26.793 1.00 54.48  ?  2   LYS A HD3  1 
ATOM   51   H  HE2  . LYS A 1 4  ? 11.839  11.248  -26.565 1.00 65.47  ?  2   LYS A HE2  1 
ATOM   52   H  HE3  . LYS A 1 4  ? 11.843  10.327  -27.862 1.00 65.47  ?  2   LYS A HE3  1 
ATOM   53   H  HZ1  . LYS A 1 4  ? 12.539  12.428  -28.376 1.00 73.93  ?  2   LYS A HZ1  1 
ATOM   54   H  HZ2  . LYS A 1 4  ? 11.302  12.169  -29.083 1.00 73.93  ?  2   LYS A HZ2  1 
ATOM   55   H  HZ3  . LYS A 1 4  ? 11.299  13.008  -27.903 1.00 73.93  ?  2   LYS A HZ3  1 
ATOM   56   N  N    . ASN A 1 5  ? 5.526   7.919   -25.385 1.00 38.40  ?  3   ASN A N    1 
ATOM   57   C  CA   . ASN A 1 5  ? 4.189   7.886   -24.808 1.00 42.62  ?  3   ASN A CA   1 
ATOM   58   C  C    . ASN A 1 5  ? 4.068   6.759   -23.789 1.00 39.55  ?  3   ASN A C    1 
ATOM   59   O  O    . ASN A 1 5  ? 3.538   6.944   -22.690 1.00 37.14  ?  3   ASN A O    1 
ATOM   60   C  CB   . ASN A 1 5  ? 3.137   7.724   -25.902 1.00 50.68  ?  3   ASN A CB   1 
ATOM   61   C  CG   . ASN A 1 5  ? 2.811   9.032   -26.607 1.00 62.93  ?  3   ASN A CG   1 
ATOM   62   O  OD1  . ASN A 1 5  ? 3.682   9.883   -26.806 1.00 66.85  ?  3   ASN A OD1  1 
ATOM   63   N  ND2  . ASN A 1 5  ? 1.544   9.206   -26.973 1.00 68.09  ?  3   ASN A ND2  1 
ATOM   64   H  H    . ASN A 1 5  ? 5.544   7.804   -26.237 1.00 46.09  ?  3   ASN A H    1 
ATOM   65   H  HA   . ASN A 1 5  ? 4.020   8.725   -24.350 1.00 51.15  ?  3   ASN A HA   1 
ATOM   66   H  HB2  . ASN A 1 5  ? 3.467   7.100   -26.568 1.00 60.82  ?  3   ASN A HB2  1 
ATOM   67   H  HB3  . ASN A 1 5  ? 2.319   7.386   -25.506 1.00 60.82  ?  3   ASN A HB3  1 
ATOM   68   H  HD21 . ASN A 1 5  ? 1.308   9.930   -27.374 1.00 81.71  ?  3   ASN A HD21 1 
ATOM   69   H  HD22 . ASN A 1 5  ? 0.961   8.597   -26.808 1.00 81.71  ?  3   ASN A HD22 1 
ATOM   70   N  N    . LEU A 1 6  ? 4.570   5.585   -24.165 1.00 33.27  ?  4   LEU A N    1 
ATOM   71   C  CA   . LEU A 1 6  ? 4.603   4.452   -23.259 1.00 39.86  ?  4   LEU A CA   1 
ATOM   72   C  C    . LEU A 1 6  ? 5.355   4.831   -21.982 1.00 32.90  ?  4   LEU A C    1 
ATOM   73   O  O    . LEU A 1 6  ? 4.859   4.597   -20.883 1.00 36.25  ?  4   LEU A O    1 
ATOM   74   C  CB   . LEU A 1 6  ? 5.254   3.245   -23.935 1.00 50.69  ?  4   LEU A CB   1 
ATOM   75   C  CG   . LEU A 1 6  ? 5.328   1.987   -23.070 1.00 49.14  ?  4   LEU A CG   1 
ATOM   76   C  CD1  . LEU A 1 6  ? 3.972   1.606   -22.497 1.00 42.15  ?  4   LEU A CD1  1 
ATOM   77   C  CD2  . LEU A 1 6  ? 5.870   0.833   -23.873 1.00 44.91  ?  4   LEU A CD2  1 
ATOM   78   H  H    . LEU A 1 6  ? 4.897   5.423   -24.943 1.00 39.93  ?  4   LEU A H    1 
ATOM   79   H  HA   . LEU A 1 6  ? 3.696   4.210   -23.016 1.00 47.83  ?  4   LEU A HA   1 
ATOM   80   H  HB2  . LEU A 1 6  ? 4.744   3.024   -24.730 1.00 60.83  ?  4   LEU A HB2  1 
ATOM   81   H  HB3  . LEU A 1 6  ? 6.161   3.482   -24.184 1.00 60.83  ?  4   LEU A HB3  1 
ATOM   82   H  HG   . LEU A 1 6  ? 5.932   2.147   -22.328 1.00 58.96  ?  4   LEU A HG   1 
ATOM   83   H  HD11 . LEU A 1 6  ? 4.071   0.806   -21.958 1.00 50.58  ?  4   LEU A HD11 1 
ATOM   84   H  HD12 . LEU A 1 6  ? 3.645   2.336   -21.948 1.00 50.58  ?  4   LEU A HD12 1 
ATOM   85   H  HD13 . LEU A 1 6  ? 3.356   1.439   -23.229 1.00 50.58  ?  4   LEU A HD13 1 
ATOM   86   H  HD21 . LEU A 1 6  ? 6.759   1.058   -24.188 1.00 53.90  ?  4   LEU A HD21 1 
ATOM   87   H  HD22 . LEU A 1 6  ? 5.909   0.046   -23.308 1.00 53.90  ?  4   LEU A HD22 1 
ATOM   88   H  HD23 . LEU A 1 6  ? 5.282   0.671   -24.627 1.00 53.90  ?  4   LEU A HD23 1 
ATOM   89   N  N    . ILE A 1 7  ? 6.531   5.438   -22.123 1.00 34.13  ?  5   ILE A N    1 
ATOM   90   C  CA   . ILE A 1 7  ? 7.300   5.889   -20.959 1.00 38.12  ?  5   ILE A CA   1 
ATOM   91   C  C    . ILE A 1 7  ? 6.451   6.815   -20.085 1.00 33.41  ?  5   ILE A C    1 
ATOM   92   O  O    . ILE A 1 7  ? 6.374   6.634   -18.866 1.00 31.74  ?  5   ILE A O    1 
ATOM   93   C  CB   . ILE A 1 7  ? 8.610   6.611   -21.384 1.00 33.73  ?  5   ILE A CB   1 
ATOM   94   C  CG1  . ILE A 1 7  ? 9.640   5.586   -21.875 1.00 37.85  ?  5   ILE A CG1  1 
ATOM   95   C  CG2  . ILE A 1 7  ? 9.188   7.439   -20.224 1.00 28.84  ?  5   ILE A CG2  1 
ATOM   96   C  CD1  . ILE A 1 7  ? 10.926  6.190   -22.443 1.00 42.76  ?  5   ILE A CD1  1 
ATOM   97   H  H    . ILE A 1 7  ? 6.908   5.603   -22.879 1.00 40.96  ?  5   ILE A H    1 
ATOM   98   H  HA   . ILE A 1 7  ? 7.544   5.116   -20.426 1.00 45.74  ?  5   ILE A HA   1 
ATOM   99   H  HB   . ILE A 1 7  ? 8.403   7.213   -22.115 1.00 40.48  ?  5   ILE A HB   1 
ATOM   100  H  HG12 . ILE A 1 7  ? 9.888   5.016   -21.132 1.00 45.42  ?  5   ILE A HG12 1 
ATOM   101  H  HG13 . ILE A 1 7  ? 9.234   5.051   -22.575 1.00 45.42  ?  5   ILE A HG13 1 
ATOM   102  H  HG21 . ILE A 1 7  ? 10.002  7.874   -20.522 1.00 34.61  ?  5   ILE A HG21 1 
ATOM   103  H  HG22 . ILE A 1 7  ? 8.536   8.104   -19.955 1.00 34.61  ?  5   ILE A HG22 1 
ATOM   104  H  HG23 . ILE A 1 7  ? 9.383   6.846   -19.480 1.00 34.61  ?  5   ILE A HG23 1 
ATOM   105  H  HD11 . ILE A 1 7  ? 10.702  6.753   -23.200 1.00 51.32  ?  5   ILE A HD11 1 
ATOM   106  H  HD12 . ILE A 1 7  ? 11.358  6.717   -21.754 1.00 51.32  ?  5   ILE A HD12 1 
ATOM   107  H  HD13 . ILE A 1 7  ? 11.513  5.471   -22.727 1.00 51.32  ?  5   ILE A HD13 1 
ATOM   108  N  N    . ALA A 1 8  ? 5.818   7.805   -20.712 1.00 31.31  ?  6   ALA A N    1 
ATOM   109  C  CA   . ALA A 1 8  ? 4.955   8.734   -19.982 1.00 32.95  ?  6   ALA A CA   1 
ATOM   110  C  C    . ALA A 1 8  ? 3.871   7.990   -19.193 1.00 32.83  ?  6   ALA A C    1 
ATOM   111  O  O    . ALA A 1 8  ? 3.668   8.235   -17.994 1.00 29.70  ?  6   ALA A O    1 
ATOM   112  C  CB   . ALA A 1 8  ? 4.318   9.734   -20.947 1.00 31.40  ?  6   ALA A CB   1 
ATOM   113  H  H    . ALA A 1 8  ? 5.870   7.960   -21.555 1.00 37.57  ?  6   ALA A H    1 
ATOM   114  H  HA   . ALA A 1 8  ? 5.495   9.233   -19.349 1.00 39.54  ?  6   ALA A HA   1 
ATOM   115  H  HB1  . ALA A 1 8  ? 3.752   10.341  -20.445 1.00 37.68  ?  6   ALA A HB1  1 
ATOM   116  H  HB2  . ALA A 1 8  ? 5.020   10.233  -21.395 1.00 37.68  ?  6   ALA A HB2  1 
ATOM   117  H  HB3  . ALA A 1 8  ? 3.788   9.250   -21.600 1.00 37.68  ?  6   ALA A HB3  1 
ATOM   118  N  N    . GLU A 1 9  ? 3.177   7.081   -19.872 1.00 36.31  ?  7   GLU A N    1 
ATOM   119  C  CA   . GLU A 1 9  ? 2.101   6.315   -19.241 1.00 38.92  ?  7   GLU A CA   1 
ATOM   120  C  C    . GLU A 1 9  ? 2.624   5.456   -18.086 1.00 37.12  ?  7   GLU A C    1 
ATOM   121  O  O    . GLU A 1 9  ? 2.006   5.398   -17.014 1.00 40.65  ?  7   GLU A O    1 
ATOM   122  C  CB   . GLU A 1 9  ? 1.387   5.450   -20.285 1.00 36.15  ?  7   GLU A CB   1 
ATOM   123  C  CG   . GLU A 1 9  ? 0.501   6.272   -21.221 1.00 37.04  ?  7   GLU A CG   1 
ATOM   124  C  CD   . GLU A 1 9  ? 0.642   5.899   -22.685 1.00 51.35  ?  7   GLU A CD   1 
ATOM   125  O  OE1  . GLU A 1 9  ? 1.065   4.762   -22.984 1.00 60.85  ?  7   GLU A OE1  1 
ATOM   126  O  OE2  . GLU A 1 9  ? 0.326   6.756   -23.540 1.00 50.29  ?  7   GLU A OE2  1 
ATOM   127  H  H    . GLU A 1 9  ? 3.308   6.888   -20.700 1.00 43.58  ?  7   GLU A H    1 
ATOM   128  H  HA   . GLU A 1 9  ? 1.450   6.935   -18.877 1.00 46.70  ?  7   GLU A HA   1 
ATOM   129  H  HB2  . GLU A 1 9  ? 2.051   4.991   -20.825 1.00 43.38  ?  7   GLU A HB2  1 
ATOM   130  H  HB3  . GLU A 1 9  ? 0.826   4.802   -19.830 1.00 43.38  ?  7   GLU A HB3  1 
ATOM   131  H  HG2  . GLU A 1 9  ? -0.427  6.140   -20.969 1.00 44.45  ?  7   GLU A HG2  1 
ATOM   132  H  HG3  . GLU A 1 9  ? 0.735   7.209   -21.130 1.00 44.45  ?  7   GLU A HG3  1 
ATOM   133  N  N    . LEU A 1 10 ? 3.767   4.809   -18.295 1.00 34.72  ?  8   LEU A N    1 
ATOM   134  C  CA   . LEU A 1 10 ? 4.409   4.046   -17.233 1.00 33.32  ?  8   LEU A CA   1 
ATOM   135  C  C    . LEU A 1 10 ? 4.709   4.940   -16.038 1.00 33.37  ?  8   LEU A C    1 
ATOM   136  O  O    . LEU A 1 10 ? 4.386   4.588   -14.907 1.00 33.24  ?  8   LEU A O    1 
ATOM   137  C  CB   . LEU A 1 10 ? 5.700   3.393   -17.729 1.00 39.89  ?  8   LEU A CB   1 
ATOM   138  C  CG   . LEU A 1 10 ? 5.581   1.959   -18.251 1.00 41.55  ?  8   LEU A CG   1 
ATOM   139  C  CD1  . LEU A 1 10 ? 4.400   1.810   -19.191 1.00 41.56  ?  8   LEU A CD1  1 
ATOM   140  C  CD2  . LEU A 1 10 ? 6.867   1.565   -18.949 1.00 39.12  ?  8   LEU A CD2  1 
ATOM   141  H  H    . LEU A 1 10 ? 4.191   4.797   -19.044 1.00 41.67  ?  8   LEU A H    1 
ATOM   142  H  HA   . LEU A 1 10 ? 3.809   3.342   -16.940 1.00 39.98  ?  8   LEU A HA   1 
ATOM   143  H  HB2  . LEU A 1 10 ? 6.055   3.933   -18.451 1.00 47.86  ?  8   LEU A HB2  1 
ATOM   144  H  HB3  . LEU A 1 10 ? 6.335   3.380   -16.994 1.00 47.86  ?  8   LEU A HB3  1 
ATOM   145  H  HG   . LEU A 1 10 ? 5.449   1.358   -17.502 1.00 49.86  ?  8   LEU A HG   1 
ATOM   146  H  HD11 . LEU A 1 10 ? 3.586   2.038   -18.713 1.00 49.88  ?  8   LEU A HD11 1 
ATOM   147  H  HD12 . LEU A 1 10 ? 4.519   2.409   -19.945 1.00 49.88  ?  8   LEU A HD12 1 
ATOM   148  H  HD13 . LEU A 1 10 ? 4.356   0.892   -19.500 1.00 49.88  ?  8   LEU A HD13 1 
ATOM   149  H  HD21 . LEU A 1 10 ? 6.783   0.656   -19.277 1.00 46.94  ?  8   LEU A HD21 1 
ATOM   150  H  HD22 . LEU A 1 10 ? 7.022   2.171   -19.691 1.00 46.94  ?  8   LEU A HD22 1 
ATOM   151  H  HD23 . LEU A 1 10 ? 7.600   1.623   -18.317 1.00 46.94  ?  8   LEU A HD23 1 
ATOM   152  N  N    . LEU A 1 11 ? 5.319   6.097   -16.286 1.00 34.98  ?  9   LEU A N    1 
ATOM   153  C  CA   . LEU A 1 11 ? 5.666   7.001   -15.196 1.00 32.67  ?  9   LEU A CA   1 
ATOM   154  C  C    . LEU A 1 11 ? 4.417   7.451   -14.448 1.00 32.45  ?  9   LEU A C    1 
ATOM   155  O  O    . LEU A 1 11 ? 4.409   7.500   -13.217 1.00 33.89  ?  9   LEU A O    1 
ATOM   156  C  CB   . LEU A 1 11 ? 6.432   8.220   -15.711 1.00 27.05  ?  9   LEU A CB   1 
ATOM   157  C  CG   . LEU A 1 11 ? 7.058   9.081   -14.608 1.00 25.19  ?  9   LEU A CG   1 
ATOM   158  C  CD1  . LEU A 1 11 ? 8.166   8.333   -13.877 1.00 29.24  ?  9   LEU A CD1  1 
ATOM   159  C  CD2  . LEU A 1 11 ? 7.594   10.385  -15.166 1.00 29.13  ?  9   LEU A CD2  1 
ATOM   160  H  H    . LEU A 1 11 ? 5.539   6.377   -17.069 1.00 41.98  ?  9   LEU A H    1 
ATOM   161  H  HA   . LEU A 1 11 ? 6.238   6.532   -14.568 1.00 39.20  ?  9   LEU A HA   1 
ATOM   162  H  HB2  . LEU A 1 11 ? 7.147   7.916   -16.290 1.00 32.46  ?  9   LEU A HB2  1 
ATOM   163  H  HB3  . LEU A 1 11 ? 5.820   8.782   -16.212 1.00 32.46  ?  9   LEU A HB3  1 
ATOM   164  H  HG   . LEU A 1 11 ? 6.373   9.300   -13.958 1.00 30.23  ?  9   LEU A HG   1 
ATOM   165  H  HD11 . LEU A 1 11 ? 8.536   8.910   -13.189 1.00 35.09  ?  9   LEU A HD11 1 
ATOM   166  H  HD12 . LEU A 1 11 ? 7.792   7.534   -13.472 1.00 35.09  ?  9   LEU A HD12 1 
ATOM   167  H  HD13 . LEU A 1 11 ? 8.856   8.091   -14.512 1.00 35.09  ?  9   LEU A HD13 1 
ATOM   168  H  HD21 . LEU A 1 11 ? 7.982   10.901  -14.442 1.00 34.95  ?  9   LEU A HD21 1 
ATOM   169  H  HD22 . LEU A 1 11 ? 8.270   10.188  -15.833 1.00 34.95  ?  9   LEU A HD22 1 
ATOM   170  H  HD23 . LEU A 1 11 ? 6.864   10.878  -15.571 1.00 34.95  ?  9   LEU A HD23 1 
ATOM   171  N  N    . PHE A 1 12 ? 3.359   7.777   -15.188 1.00 32.62  ?  10  PHE A N    1 
ATOM   172  C  CA   . PHE A 1 12 ? 2.102   8.170   -14.548 1.00 37.42  ?  10  PHE A CA   1 
ATOM   173  C  C    . PHE A 1 12 ? 1.553   7.044   -13.663 1.00 37.48  ?  10  PHE A C    1 
ATOM   174  O  O    . PHE A 1 12 ? 1.229   7.266   -12.483 1.00 38.68  ?  10  PHE A O    1 
ATOM   175  C  CB   . PHE A 1 12 ? 1.064   8.565   -15.601 1.00 44.45  ?  10  PHE A CB   1 
ATOM   176  C  CG   . PHE A 1 12 ? -0.124  9.275   -15.024 1.00 55.66  ?  10  PHE A CG   1 
ATOM   177  C  CD1  . PHE A 1 12 ? 0.010   10.539  -14.474 1.00 55.24  ?  10  PHE A CD1  1 
ATOM   178  C  CD2  . PHE A 1 12 ? -1.372  8.680   -15.026 1.00 59.78  ?  10  PHE A CD2  1 
ATOM   179  C  CE1  . PHE A 1 12 ? -1.077  11.197  -13.941 1.00 58.61  ?  10  PHE A CE1  1 
ATOM   180  C  CE2  . PHE A 1 12 ? -2.465  9.333   -14.493 1.00 60.36  ?  10  PHE A CE2  1 
ATOM   181  C  CZ   . PHE A 1 12 ? -2.315  10.596  -13.947 1.00 59.34  ?  10  PHE A CZ   1 
ATOM   182  H  H    . PHE A 1 12 ? 3.340   7.780   -16.048 1.00 39.14  ?  10  PHE A H    1 
ATOM   183  H  HA   . PHE A 1 12 ? 2.264   8.942   -13.984 1.00 44.90  ?  10  PHE A HA   1 
ATOM   184  H  HB2  . PHE A 1 12 ? 1.480   9.155   -16.247 1.00 53.34  ?  10  PHE A HB2  1 
ATOM   185  H  HB3  . PHE A 1 12 ? 0.745   7.762   -16.044 1.00 53.34  ?  10  PHE A HB3  1 
ATOM   186  H  HD1  . PHE A 1 12 ? 0.845   10.949  -14.466 1.00 66.29  ?  10  PHE A HD1  1 
ATOM   187  H  HD2  . PHE A 1 12 ? -1.477  7.831   -15.390 1.00 71.73  ?  10  PHE A HD2  1 
ATOM   188  H  HE1  . PHE A 1 12 ? -0.974  12.046  -13.575 1.00 70.34  ?  10  PHE A HE1  1 
ATOM   189  H  HE2  . PHE A 1 12 ? -3.300  8.924   -14.499 1.00 72.44  ?  10  PHE A HE2  1 
ATOM   190  H  HZ   . PHE A 1 12 ? -3.050  11.039  -13.588 1.00 71.20  ?  10  PHE A HZ   1 
ATOM   191  N  N    . LYS A 1 13 ? 1.460   5.844   -14.229 1.00 36.60  ?  11  LYS A N    1 
ATOM   192  C  CA   . LYS A 1 13 ? 1.031   4.671   -13.465 1.00 37.10  ?  11  LYS A CA   1 
ATOM   193  C  C    . LYS A 1 13 ? 1.866   4.546   -12.191 1.00 37.00  ?  11  LYS A C    1 
ATOM   194  O  O    . LYS A 1 13 ? 1.335   4.374   -11.089 1.00 37.74  ?  11  LYS A O    1 
ATOM   195  C  CB   . LYS A 1 13 ? 1.155   3.393   -14.304 1.00 39.28  ?  11  LYS A CB   1 
ATOM   196  C  CG   . LYS A 1 13 ? -0.113  2.541   -14.382 1.00 53.64  ?  11  LYS A CG   1 
ATOM   197  C  CD   . LYS A 1 13 ? -0.696  2.525   -15.792 1.00 71.58  ?  11  LYS A CD   1 
ATOM   198  C  CE   . LYS A 1 13 ? -2.029  1.786   -15.847 1.00 87.13  ?  11  LYS A CE   1 
ATOM   199  N  NZ   . LYS A 1 13 ? -1.949  0.544   -16.666 1.00 92.43  ?  11  LYS A NZ   1 
ATOM   200  H  H    . LYS A 1 13 ? 1.640   5.679   -15.054 1.00 43.92  ?  11  LYS A H    1 
ATOM   201  H  HA   . LYS A 1 13 ? 0.101   4.777   -13.210 1.00 44.52  ?  11  LYS A HA   1 
ATOM   202  H  HB2  . LYS A 1 13 ? 1.395   3.641   -15.210 1.00 47.14  ?  11  LYS A HB2  1 
ATOM   203  H  HB3  . LYS A 1 13 ? 1.854   2.841   -13.922 1.00 47.14  ?  11  LYS A HB3  1 
ATOM   204  H  HG2  . LYS A 1 13 ? 0.099   1.628   -14.132 1.00 64.37  ?  11  LYS A HG2  1 
ATOM   205  H  HG3  . LYS A 1 13 ? -0.782  2.905   -13.781 1.00 64.37  ?  11  LYS A HG3  1 
ATOM   206  H  HD2  . LYS A 1 13 ? -0.842  3.438   -16.086 1.00 85.90  ?  11  LYS A HD2  1 
ATOM   207  H  HD3  . LYS A 1 13 ? -0.076  2.077   -16.388 1.00 85.90  ?  11  LYS A HD3  1 
ATOM   208  H  HE2  . LYS A 1 13 ? -2.293  1.538   -14.947 1.00 104.55 ?  11  LYS A HE2  1 
ATOM   209  H  HE3  . LYS A 1 13 ? -2.698  2.365   -16.243 1.00 104.55 ?  11  LYS A HE3  1 
ATOM   210  H  HZ1  . LYS A 1 13 ? -2.740  0.136   -16.679 1.00 110.91 ?  11  LYS A HZ1  1 
ATOM   211  H  HZ2  . LYS A 1 13 ? -1.713  0.744   -17.501 1.00 110.91 ?  11  LYS A HZ2  1 
ATOM   212  H  HZ3  . LYS A 1 13 ? -1.344  -0.010  -16.320 1.00 110.91 ?  11  LYS A HZ3  1 
ATOM   213  N  N    . LEU A 1 14 ? 3.180   4.659   -12.357 1.00 33.95  ?  12  LEU A N    1 
ATOM   214  C  CA   . LEU A 1 14 ? 4.121   4.598   -11.243 1.00 28.64  ?  12  LEU A CA   1 
ATOM   215  C  C    . LEU A 1 14 ? 3.779   5.628   -10.161 1.00 32.26  ?  12  LEU A C    1 
ATOM   216  O  O    . LEU A 1 14 ? 3.671   5.291   -8.977  1.00 36.12  ?  12  LEU A O    1 
ATOM   217  C  CB   . LEU A 1 14 ? 5.540   4.829   -11.759 1.00 29.71  ?  12  LEU A CB   1 
ATOM   218  C  CG   . LEU A 1 14 ? 6.747   4.203   -11.051 1.00 37.16  ?  12  LEU A CG   1 
ATOM   219  C  CD1  . LEU A 1 14 ? 7.880   5.215   -10.989 1.00 33.47  ?  12  LEU A CD1  1 
ATOM   220  C  CD2  . LEU A 1 14 ? 6.431   3.673   -9.660  1.00 38.96  ?  12  LEU A CD2  1 
ATOM   221  H  H    . LEU A 1 14 ? 3.559   4.774   -13.119 1.00 40.74  ?  12  LEU A H    1 
ATOM   222  H  HA   . LEU A 1 14 ? 4.084   3.716   -10.842 1.00 34.37  ?  12  LEU A HA   1 
ATOM   223  H  HB2  . LEU A 1 14 ? 5.569   4.512   -12.676 1.00 35.66  ?  12  LEU A HB2  1 
ATOM   224  H  HB3  . LEU A 1 14 ? 5.693   5.787   -11.760 1.00 35.66  ?  12  LEU A HB3  1 
ATOM   225  H  HG   . LEU A 1 14 ? 7.057   3.453   -11.582 1.00 44.59  ?  12  LEU A HG   1 
ATOM   226  H  HD11 . LEU A 1 14 ? 8.639   4.810   -10.540 1.00 40.16  ?  12  LEU A HD11 1 
ATOM   227  H  HD12 . LEU A 1 14 ? 8.126   5.467   -11.892 1.00 40.16  ?  12  LEU A HD12 1 
ATOM   228  H  HD13 . LEU A 1 14 ? 7.580   5.994   -10.496 1.00 40.16  ?  12  LEU A HD13 1 
ATOM   229  H  HD21 . LEU A 1 14 ? 7.237   3.293   -9.277  1.00 46.75  ?  12  LEU A HD21 1 
ATOM   230  H  HD22 . LEU A 1 14 ? 6.114   4.404   -9.108  1.00 46.75  ?  12  LEU A HD22 1 
ATOM   231  H  HD23 . LEU A 1 14 ? 5.744   2.991   -9.731  1.00 46.75  ?  12  LEU A HD23 1 
ATOM   232  N  N    . ALA A 1 15 ? 3.607   6.882   -10.575 1.00 32.50  ?  13  ALA A N    1 
ATOM   233  C  CA   . ALA A 1 15 ? 3.245   7.956   -9.647  1.00 33.28  ?  13  ALA A CA   1 
ATOM   234  C  C    . ALA A 1 15 ? 1.976   7.588   -8.868  1.00 39.20  ?  13  ALA A C    1 
ATOM   235  O  O    . ALA A 1 15 ? 1.934   7.671   -7.619  1.00 39.15  ?  13  ALA A O    1 
ATOM   236  C  CB   . ALA A 1 15 ? 3.048   9.263   -10.403 1.00 32.39  ?  13  ALA A CB   1 
ATOM   237  H  H    . ALA A 1 15 ? 3.695   7.140   -11.390 1.00 39.00  ?  13  ALA A H    1 
ATOM   238  H  HA   . ALA A 1 15 ? 3.964   8.081   -9.010  1.00 39.94  ?  13  ALA A HA   1 
ATOM   239  H  HB1  . ALA A 1 15 ? 2.809   9.959   -9.771  1.00 38.86  ?  13  ALA A HB1  1 
ATOM   240  H  HB2  . ALA A 1 15 ? 3.876   9.495   -10.853 1.00 38.86  ?  13  ALA A HB2  1 
ATOM   241  H  HB3  . ALA A 1 15 ? 2.338   9.149   -11.053 1.00 38.86  ?  13  ALA A HB3  1 
ATOM   242  N  N    . GLN A 1 16 ? 0.952   7.159   -9.608  1.00 40.04  ?  14  GLN A N    1 
ATOM   243  C  CA   . GLN A 1 16 ? -0.292  6.706   -8.984  1.00 42.00  ?  14  GLN A CA   1 
ATOM   244  C  C    . GLN A 1 16 ? -0.048  5.627   -7.929  1.00 47.21  ?  14  GLN A C    1 
ATOM   245  O  O    . GLN A 1 16 ? -0.470  5.769   -6.777  1.00 50.32  ?  14  GLN A O    1 
ATOM   246  C  CB   . GLN A 1 16 ? -1.270  6.166   -10.028 1.00 42.82  ?  14  GLN A CB   1 
ATOM   247  C  CG   . GLN A 1 16 ? -1.954  7.224   -10.871 1.00 47.54  ?  14  GLN A CG   1 
ATOM   248  C  CD   . GLN A 1 16 ? -2.994  6.631   -11.812 1.00 59.83  ?  14  GLN A CD   1 
ATOM   249  O  OE1  . GLN A 1 16 ? -2.853  5.502   -12.285 1.00 57.38  ?  14  GLN A OE1  1 
ATOM   250  N  NE2  . GLN A 1 16 ? -4.050  7.392   -12.078 1.00 69.78  ?  14  GLN A NE2  1 
ATOM   251  H  H    . GLN A 1 16 ? 0.953   7.120   -10.466 1.00 48.05  ?  14  GLN A H    1 
ATOM   252  H  HA   . GLN A 1 16 ? -0.715  7.461   -8.545  1.00 50.40  ?  14  GLN A HA   1 
ATOM   253  H  HB2  . GLN A 1 16 ? -0.786  5.580   -10.630 1.00 51.39  ?  14  GLN A HB2  1 
ATOM   254  H  HB3  . GLN A 1 16 ? -1.962  5.663   -9.571  1.00 51.39  ?  14  GLN A HB3  1 
ATOM   255  H  HG2  . GLN A 1 16 ? -2.402  7.855   -10.287 1.00 57.05  ?  14  GLN A HG2  1 
ATOM   256  H  HG3  . GLN A 1 16 ? -1.289  7.681   -11.408 1.00 57.05  ?  14  GLN A HG3  1 
ATOM   257  H  HE21 . GLN A 1 16 ? -4.118  8.173   -11.725 1.00 83.74  ?  14  GLN A HE21 1 
ATOM   258  H  HE22 . GLN A 1 16 ? -4.666  7.104   -12.604 1.00 83.74  ?  14  GLN A HE22 1 
ATOM   259  N  N    . LYS A 1 17 ? 0.623   4.547   -8.321  1.00 41.84  ?  15  LYS A N    1 
ATOM   260  C  CA   . LYS A 1 17 ? 0.860   3.445   -7.389  1.00 40.06  ?  15  LYS A CA   1 
ATOM   261  C  C    . LYS A 1 17 ? 1.649   3.914   -6.173  1.00 40.32  ?  15  LYS A C    1 
ATOM   262  O  O    . LYS A 1 17 ? 1.398   3.464   -5.053  1.00 39.38  ?  15  LYS A O    1 
ATOM   263  C  CB   . LYS A 1 17 ? 1.602   2.290   -8.066  1.00 39.79  ?  15  LYS A CB   1 
ATOM   264  C  CG   . LYS A 1 17 ? 0.899   1.681   -9.272  1.00 47.58  ?  15  LYS A CG   1 
ATOM   265  C  CD   . LYS A 1 17 ? -0.572  1.364   -9.015  1.00 52.84  ?  15  LYS A CD   1 
ATOM   266  C  CE   . LYS A 1 17 ? -0.763  0.339   -7.905  1.00 55.75  ?  15  LYS A CE   1 
ATOM   267  N  NZ   . LYS A 1 17 ? -2.106  -0.309  -7.988  1.00 56.30  ?  15  LYS A NZ   1 
ATOM   268  H  H    . LYS A 1 17 ? 0.948   4.427   -9.109  1.00 50.20  ?  15  LYS A H    1 
ATOM   269  H  HA   . LYS A 1 17 ? 0.006   3.108   -7.078  1.00 48.07  ?  15  LYS A HA   1 
ATOM   270  H  HB2  . LYS A 1 17 ? 2.466   2.615   -8.366  1.00 47.75  ?  15  LYS A HB2  1 
ATOM   271  H  HB3  . LYS A 1 17 ? 1.730   1.584   -7.414  1.00 47.75  ?  15  LYS A HB3  1 
ATOM   272  H  HG2  . LYS A 1 17 ? 0.944   2.307   -10.012 1.00 57.10  ?  15  LYS A HG2  1 
ATOM   273  H  HG3  . LYS A 1 17 ? 1.345   0.854   -9.511  1.00 57.10  ?  15  LYS A HG3  1 
ATOM   274  H  HD2  . LYS A 1 17 ? -1.032  2.177   -8.755  1.00 63.41  ?  15  LYS A HD2  1 
ATOM   275  H  HD3  . LYS A 1 17 ? -0.965  1.004   -9.826  1.00 63.41  ?  15  LYS A HD3  1 
ATOM   276  H  HE2  . LYS A 1 17 ? -0.086  -0.351  -7.985  1.00 66.90  ?  15  LYS A HE2  1 
ATOM   277  H  HE3  . LYS A 1 17 ? -0.692  0.782   -7.045  1.00 66.90  ?  15  LYS A HE3  1 
ATOM   278  H  HZ1  . LYS A 1 17 ? -2.194  -0.725  -8.770  1.00 67.56  ?  15  LYS A HZ1  1 
ATOM   279  H  HZ2  . LYS A 1 17 ? -2.198  -0.903  -7.332  1.00 67.56  ?  15  LYS A HZ2  1 
ATOM   280  H  HZ3  . LYS A 1 17 ? -2.745  0.306   -7.914  1.00 67.56  ?  15  LYS A HZ3  1 
ATOM   281  N  N    . GLU A 1 18 ? 2.601   4.817   -6.385  1.00 40.79  ?  16  GLU A N    1 
ATOM   282  C  CA   . GLU A 1 18 ? 3.369   5.356   -5.267  1.00 44.29  ?  16  GLU A CA   1 
ATOM   283  C  C    . GLU A 1 18 ? 2.464   6.103   -4.277  1.00 45.18  ?  16  GLU A C    1 
ATOM   284  O  O    . GLU A 1 18 ? 2.508   5.852   -3.057  1.00 47.71  ?  16  GLU A O    1 
ATOM   285  C  CB   . GLU A 1 18 ? 4.490   6.260   -5.785  1.00 42.74  ?  16  GLU A CB   1 
ATOM   286  C  CG   . GLU A 1 18 ? 5.656   5.450   -6.358  1.00 45.86  ?  16  GLU A CG   1 
ATOM   287  C  CD   . GLU A 1 18 ? 6.737   6.301   -7.003  1.00 51.19  ?  16  GLU A CD   1 
ATOM   288  O  OE1  . GLU A 1 18 ? 6.594   7.541   -7.025  1.00 47.11  ?  16  GLU A OE1  1 
ATOM   289  O  OE2  . GLU A 1 18 ? 7.731   5.723   -7.493  1.00 53.23  ?  16  GLU A OE2  1 
ATOM   290  H  H    . GLU A 1 18 ? 2.820   5.130   -7.156  1.00 48.94  ?  16  GLU A H    1 
ATOM   291  H  HA   . GLU A 1 18 ? 3.781   4.619   -4.790  1.00 53.14  ?  16  GLU A HA   1 
ATOM   292  H  HB2  . GLU A 1 18 ? 4.141   6.830   -6.487  1.00 51.28  ?  16  GLU A HB2  1 
ATOM   293  H  HB3  . GLU A 1 18 ? 4.829   6.800   -5.052  1.00 51.28  ?  16  GLU A HB3  1 
ATOM   294  H  HG2  . GLU A 1 18 ? 6.068   4.942   -5.641  1.00 55.03  ?  16  GLU A HG2  1 
ATOM   295  H  HG3  . GLU A 1 18 ? 5.313   4.845   -7.035  1.00 55.03  ?  16  GLU A HG3  1 
ATOM   296  N  N    . GLU A 1 19 ? 1.634   7.005   -4.796  1.00 44.89  ?  17  GLU A N    1 
ATOM   297  C  CA   . GLU A 1 19 ? 0.666   7.695   -3.933  1.00 49.63  ?  17  GLU A CA   1 
ATOM   298  C  C    . GLU A 1 19 ? -0.248  6.702   -3.185  1.00 45.58  ?  17  GLU A C    1 
ATOM   299  O  O    . GLU A 1 19 ? -0.394  6.766   -1.949  1.00 47.97  ?  17  GLU A O    1 
ATOM   300  C  CB   . GLU A 1 19 ? -0.181  8.669   -4.757  1.00 56.26  ?  17  GLU A CB   1 
ATOM   301  C  CG   . GLU A 1 19 ? 0.598   9.824   -5.396  1.00 69.61  ?  17  GLU A CG   1 
ATOM   302  C  CD   . GLU A 1 19 ? 1.036   10.889  -4.396  1.00 79.45  ?  17  GLU A CD   1 
ATOM   303  O  OE1  . GLU A 1 19 ? 1.084   10.599  -3.181  1.00 74.23  ?  17  GLU A OE1  1 
ATOM   304  O  OE2  . GLU A 1 19 ? 1.324   12.026  -4.832  1.00 83.65  ?  17  GLU A OE2  1 
ATOM   305  H  H    . GLU A 1 19 ? 1.605   7.233   -5.624  1.00 53.87  ?  17  GLU A H    1 
ATOM   306  H  HA   . GLU A 1 19 ? 1.151   8.210   -3.269  1.00 59.56  ?  17  GLU A HA   1 
ATOM   307  H  HB2  . GLU A 1 19 ? -0.611  8.175   -5.473  1.00 67.52  ?  17  GLU A HB2  1 
ATOM   308  H  HB3  . GLU A 1 19 ? -0.856  9.056   -4.178  1.00 67.52  ?  17  GLU A HB3  1 
ATOM   309  H  HG2  . GLU A 1 19 ? 1.395   9.467   -5.821  1.00 83.53  ?  17  GLU A HG2  1 
ATOM   310  H  HG3  . GLU A 1 19 ? 0.035   10.252  -6.060  1.00 83.53  ?  17  GLU A HG3  1 
ATOM   311  N  N    . GLU A 1 20 ? -0.853  5.790   -3.944  1.00 41.63  ?  18  GLU A N    1 
ATOM   312  C  CA   . GLU A 1 20 ? -1.708  4.739   -3.390  1.00 38.02  ?  18  GLU A CA   1 
ATOM   313  C  C    . GLU A 1 20 ? -0.990  3.982   -2.268  1.00 37.62  ?  18  GLU A C    1 
ATOM   314  O  O    . GLU A 1 20 ? -1.565  3.716   -1.201  1.00 35.74  ?  18  GLU A O    1 
ATOM   315  C  CB   . GLU A 1 20 ? -2.135  3.785   -4.515  1.00 42.07  ?  18  GLU A CB   1 
ATOM   316  C  CG   . GLU A 1 20 ? -2.728  2.451   -4.073  1.00 60.59  ?  18  GLU A CG   1 
ATOM   317  C  CD   . GLU A 1 20 ? -2.952  1.504   -5.247  1.00 68.02  ?  18  GLU A CD   1 
ATOM   318  O  OE1  . GLU A 1 20 ? -2.999  1.985   -6.400  1.00 72.30  ?  18  GLU A OE1  1 
ATOM   319  O  OE2  . GLU A 1 20 ? -3.072  0.281   -5.020  1.00 65.11  ?  18  GLU A OE2  1 
ATOM   320  H  H    . GLU A 1 20 ? -0.783  5.757   -4.800  1.00 49.95  ?  18  GLU A H    1 
ATOM   321  H  HA   . GLU A 1 20 ? -2.507  5.144   -3.017  1.00 45.63  ?  18  GLU A HA   1 
ATOM   322  H  HB2  . GLU A 1 20 ? -2.803  4.232   -5.057  1.00 50.48  ?  18  GLU A HB2  1 
ATOM   323  H  HB3  . GLU A 1 20 ? -1.358  3.588   -5.060  1.00 50.48  ?  18  GLU A HB3  1 
ATOM   324  H  HG2  . GLU A 1 20 ? -2.119  2.022   -3.452  1.00 72.71  ?  18  GLU A HG2  1 
ATOM   325  H  HG3  . GLU A 1 20 ? -3.584  2.610   -3.646  1.00 72.71  ?  18  GLU A HG3  1 
ATOM   326  N  N    . SER A 1 21 ? 0.272   3.646   -2.514  1.00 36.54  ?  19  SER A N    1 
ATOM   327  C  CA   . SER A 1 21 ? 1.071   2.909   -1.545  1.00 34.52  ?  19  SER A CA   1 
ATOM   328  C  C    . SER A 1 21 ? 1.283   3.729   -0.279  1.00 38.74  ?  19  SER A C    1 
ATOM   329  O  O    . SER A 1 21 ? 1.136   3.215   0.831   1.00 35.25  ?  19  SER A O    1 
ATOM   330  C  CB   . SER A 1 21 ? 2.420   2.515   -2.148  1.00 38.78  ?  19  SER A CB   1 
ATOM   331  O  OG   . SER A 1 21 ? 3.158   1.717   -1.241  1.00 49.95  ?  19  SER A OG   1 
ATOM   332  H  H    . SER A 1 21 ? 0.691   3.835   -3.241  1.00 43.85  ?  19  SER A H    1 
ATOM   333  H  HA   . SER A 1 21 ? 0.602   2.096   -1.302  1.00 41.42  ?  19  SER A HA   1 
ATOM   334  H  HB2  . SER A 1 21 ? 2.267   2.010   -2.962  1.00 46.53  ?  19  SER A HB2  1 
ATOM   335  H  HB3  . SER A 1 21 ? 2.925   3.319   -2.345  1.00 46.53  ?  19  SER A HB3  1 
ATOM   336  H  HG   . SER A 1 21 ? 3.897   1.506   -1.579  1.00 59.94  ?  19  SER A HG   1 
ATOM   337  N  N    . LYS A 1 22 ? 1.643   5.000   -0.439  1.00 43.63  ?  20  LYS A N    1 
ATOM   338  C  CA   . LYS A 1 22 ? 1.810   5.859   0.737   1.00 42.27  ?  20  LYS A CA   1 
ATOM   339  C  C    . LYS A 1 22 ? 0.508   5.950   1.556   1.00 39.08  ?  20  LYS A C    1 
ATOM   340  O  O    . LYS A 1 22 ? 0.522   5.826   2.798   1.00 41.71  ?  20  LYS A O    1 
ATOM   341  C  CB   . LYS A 1 22 ? 2.301   7.249   0.314   1.00 50.56  ?  20  LYS A CB   1 
ATOM   342  C  CG   . LYS A 1 22 ? 3.739   7.252   -0.216  1.00 60.34  ?  20  LYS A CG   1 
ATOM   343  C  CD   . LYS A 1 22 ? 4.755   6.813   0.850   1.00 68.28  ?  20  LYS A CD   1 
ATOM   344  C  CE   . LYS A 1 22 ? 5.759   5.791   0.314   1.00 66.20  ?  20  LYS A CE   1 
ATOM   345  N  NZ   . LYS A 1 22 ? 5.134   4.488   -0.073  1.00 60.11  ?  20  LYS A NZ   1 
ATOM   346  H  H    . LYS A 1 22 ? 1.792   5.383   -1.193  1.00 52.35  ?  20  LYS A H    1 
ATOM   347  H  HA   . LYS A 1 22 ? 2.489   5.469   1.310   1.00 50.72  ?  20  LYS A HA   1 
ATOM   348  H  HB2  . LYS A 1 22 ? 1.725   7.586   -0.390  1.00 60.68  ?  20  LYS A HB2  1 
ATOM   349  H  HB3  . LYS A 1 22 ? 2.265   7.841   1.081   1.00 60.68  ?  20  LYS A HB3  1 
ATOM   350  H  HG2  . LYS A 1 22 ? 3.804   6.638   -0.964  1.00 72.40  ?  20  LYS A HG2  1 
ATOM   351  H  HG3  . LYS A 1 22 ? 3.972   8.149   -0.500  1.00 72.40  ?  20  LYS A HG3  1 
ATOM   352  H  HD2  . LYS A 1 22 ? 5.250   7.588   1.156   1.00 81.94  ?  20  LYS A HD2  1 
ATOM   353  H  HD3  . LYS A 1 22 ? 4.280   6.406   1.593   1.00 81.94  ?  20  LYS A HD3  1 
ATOM   354  H  HE2  . LYS A 1 22 ? 6.191   6.159   -0.472  1.00 79.44  ?  20  LYS A HE2  1 
ATOM   355  H  HE3  . LYS A 1 22 ? 6.421   5.611   1.001   1.00 79.44  ?  20  LYS A HE3  1 
ATOM   356  H  HZ1  . LYS A 1 22 ? 4.737   4.120   0.633   1.00 72.13  ?  20  LYS A HZ1  1 
ATOM   357  H  HZ2  . LYS A 1 22 ? 4.527   4.620   -0.711  1.00 72.13  ?  20  LYS A HZ2  1 
ATOM   358  H  HZ3  . LYS A 1 22 ? 5.758   3.930   -0.378  1.00 72.13  ?  20  LYS A HZ3  1 
ATOM   359  N  N    . GLU A 1 23 ? -0.620  6.138   0.871   1.00 35.74  ?  21  GLU A N    1 
ATOM   360  C  CA   . GLU A 1 23 ? -1.913  6.134   1.566   1.00 36.90  ?  21  GLU A CA   1 
ATOM   361  C  C    . GLU A 1 23 ? -2.153  4.819   2.330   1.00 43.92  ?  21  GLU A C    1 
ATOM   362  O  O    . GLU A 1 23 ? -2.482  4.827   3.532   1.00 41.19  ?  21  GLU A O    1 
ATOM   363  C  CB   . GLU A 1 23 ? -3.054  6.381   0.581   1.00 42.67  ?  21  GLU A CB   1 
ATOM   364  C  CG   . GLU A 1 23 ? -3.025  7.769   -0.030  1.00 58.61  ?  21  GLU A CG   1 
ATOM   365  C  CD   . GLU A 1 23 ? -4.161  8.006   -1.009  1.00 74.34  ?  21  GLU A CD   1 
ATOM   366  O  OE1  . GLU A 1 23 ? -5.277  7.499   -0.765  1.00 82.58  ?  21  GLU A OE1  1 
ATOM   367  O  OE2  . GLU A 1 23 ? -3.938  8.695   -2.027  1.00 74.58  ?  21  GLU A OE2  1 
ATOM   368  H  H    . GLU A 1 23 ? -0.666  6.267   0.021   1.00 42.89  ?  21  GLU A H    1 
ATOM   369  H  HA   . GLU A 1 23 ? -1.920  6.857   2.214   1.00 44.28  ?  21  GLU A HA   1 
ATOM   370  H  HB2  . GLU A 1 23 ? -2.992  5.736   -0.141  1.00 51.21  ?  21  GLU A HB2  1 
ATOM   371  H  HB3  . GLU A 1 23 ? -3.899  6.278   1.045   1.00 51.21  ?  21  GLU A HB3  1 
ATOM   372  H  HG2  . GLU A 1 23 ? -3.097  8.428   0.679   1.00 70.34  ?  21  GLU A HG2  1 
ATOM   373  H  HG3  . GLU A 1 23 ? -2.189  7.886   -0.508  1.00 70.34  ?  21  GLU A HG3  1 
ATOM   374  N  N    . LEU A 1 24 ? -1.981  3.691   1.644   1.00 40.66  ?  22  LEU A N    1 
ATOM   375  C  CA   . LEU A 1 24 ? -2.147  2.391   2.294   1.00 33.76  ?  22  LEU A CA   1 
ATOM   376  C  C    . LEU A 1 24 ? -1.224  2.231   3.508   1.00 33.26  ?  22  LEU A C    1 
ATOM   377  O  O    . LEU A 1 24 ? -1.643  1.724   4.552   1.00 36.44  ?  22  LEU A O    1 
ATOM   378  C  CB   . LEU A 1 24 ? -1.902  1.259   1.301   1.00 33.99  ?  22  LEU A CB   1 
ATOM   379  C  CG   . LEU A 1 24 ? -3.020  1.053   0.275   1.00 36.18  ?  22  LEU A CG   1 
ATOM   380  C  CD1  . LEU A 1 24 ? -2.555  0.176   -0.881  1.00 33.17  ?  22  LEU A CD1  1 
ATOM   381  C  CD2  . LEU A 1 24 ? -4.260  0.462   0.939   1.00 33.80  ?  22  LEU A CD2  1 
ATOM   382  H  H    . LEU A 1 24 ? -1.772  3.649   0.811   1.00 48.79  ?  22  LEU A H    1 
ATOM   383  H  HA   . LEU A 1 24 ? -3.061  2.315   2.607   1.00 40.51  ?  22  LEU A HA   1 
ATOM   384  H  HB2  . LEU A 1 24 ? -1.086  1.448   0.812   1.00 40.79  ?  22  LEU A HB2  1 
ATOM   385  H  HB3  . LEU A 1 24 ? -1.801  0.431   1.795   1.00 40.79  ?  22  LEU A HB3  1 
ATOM   386  H  HG   . LEU A 1 24 ? -3.266  1.917   -0.092  1.00 43.42  ?  22  LEU A HG   1 
ATOM   387  H  HD11 . LEU A 1 24 ? -1.803  0.604   -1.319  1.00 39.81  ?  22  LEU A HD11 1 
ATOM   388  H  HD12 . LEU A 1 24 ? -2.288  -0.688  -0.533  1.00 39.81  ?  22  LEU A HD12 1 
ATOM   389  H  HD13 . LEU A 1 24 ? -3.286  0.068   -1.509  1.00 39.81  ?  22  LEU A HD13 1 
ATOM   390  H  HD21 . LEU A 1 24 ? -4.570  1.070   1.628   1.00 40.56  ?  22  LEU A HD21 1 
ATOM   391  H  HD22 . LEU A 1 24 ? -4.951  0.343   0.268   1.00 40.56  ?  22  LEU A HD22 1 
ATOM   392  H  HD23 . LEU A 1 24 ? -4.030  -0.394  1.332   1.00 40.56  ?  22  LEU A HD23 1 
ATOM   393  N  N    . SER A 1 25 ? 0.028   2.658   3.360   1.00 32.97  ?  23  SER A N    1 
ATOM   394  C  CA   . SER A 1 25 ? 0.986   2.630   4.462   1.00 33.73  ?  23  SER A CA   1 
ATOM   395  C  C    . SER A 1 25 ? 0.446   3.417   5.655   1.00 35.19  ?  23  SER A C    1 
ATOM   396  O  O    . SER A 1 25 ? 0.432   2.922   6.792   1.00 36.97  ?  23  SER A O    1 
ATOM   397  C  CB   A SER A 1 25 ? 2.338   3.196   4.014   0.50 34.14  ?  23  SER A CB   1 
ATOM   398  C  CB   B SER A 1 25 ? 2.340   3.169   4.020   0.50 34.18  ?  23  SER A CB   1 
ATOM   399  O  OG   A SER A 1 25 ? 2.891   2.414   2.969   0.50 33.53  ?  23  SER A OG   1 
ATOM   400  O  OG   B SER A 1 25 ? 3.333   2.970   5.013   0.50 33.91  ?  23  SER A OG   1 
ATOM   401  H  H    . SER A 1 25 ? 0.351   2.970   2.627   1.00 39.57  ?  23  SER A H    1 
ATOM   402  H  HA   . SER A 1 25 ? 1.121   1.712   4.743   1.00 40.48  ?  23  SER A HA   1 
ATOM   403  H  HB2  A SER A 1 25 ? 2.210   4.103   3.696   0.50 40.97  ?  23  SER A HB2  1 
ATOM   404  H  HB2  B SER A 1 25 ? 2.610   2.709   3.210   0.50 41.02  ?  23  SER A HB2  1 
ATOM   405  H  HB3  A SER A 1 25 ? 2.948   3.191   4.769   0.50 40.97  ?  23  SER A HB3  1 
ATOM   406  H  HB3  B SER A 1 25 ? 2.255   4.119   3.848   0.50 41.02  ?  23  SER A HB3  1 
ATOM   407  H  HG   A SER A 1 25 ? 2.373   2.410   2.308   0.50 40.23  ?  23  SER A HG   1 
ATOM   408  H  HG   B SER A 1 25 ? 3.114   3.364   5.722   0.50 40.69  ?  23  SER A HG   1 
ATOM   409  N  N    . ALA A 1 26 ? -0.009  4.643   5.386   1.00 35.84  ?  24  ALA A N    1 
ATOM   410  C  CA   . ALA A 1 26 ? -0.621  5.476   6.424   1.00 40.31  ?  24  ALA A CA   1 
ATOM   411  C  C    . ALA A 1 26 ? -1.764  4.731   7.125   1.00 38.24  ?  24  ALA A C    1 
ATOM   412  O  O    . ALA A 1 26 ? -1.829  4.679   8.366   1.00 34.09  ?  24  ALA A O    1 
ATOM   413  C  CB   . ALA A 1 26 ? -1.128  6.782   5.831   1.00 40.20  ?  24  ALA A CB   1 
ATOM   414  H  H    . ALA A 1 26 ? 0.024   5.014   4.612   1.00 43.00  ?  24  ALA A H    1 
ATOM   415  H  HA   . ALA A 1 26 ? 0.050   5.691   7.091   1.00 48.38  ?  24  ALA A HA   1 
ATOM   416  H  HB1  . ALA A 1 26 ? -1.527  7.315   6.537   1.00 48.24  ?  24  ALA A HB1  1 
ATOM   417  H  HB2  . ALA A 1 26 ? -0.382  7.261   5.437   1.00 48.24  ?  24  ALA A HB2  1 
ATOM   418  H  HB3  . ALA A 1 26 ? -1.791  6.583   5.151   1.00 48.24  ?  24  ALA A HB3  1 
ATOM   419  N  N    . GLN A 1 27 ? -2.662  4.150   6.330   1.00 36.06  ?  25  GLN A N    1 
ATOM   420  C  CA   . GLN A 1 27 ? -3.757  3.355   6.900   1.00 29.05  ?  25  GLN A CA   1 
ATOM   421  C  C    . GLN A 1 27 ? -3.261  2.213   7.795   1.00 30.92  ?  25  GLN A C    1 
ATOM   422  O  O    . GLN A 1 27 ? -3.753  2.029   8.917   1.00 31.26  ?  25  GLN A O    1 
ATOM   423  C  CB   . GLN A 1 27 ? -4.636  2.774   5.793   1.00 29.10  ?  25  GLN A CB   1 
ATOM   424  C  CG   . GLN A 1 27 ? -5.649  3.750   5.224   1.00 38.93  ?  25  GLN A CG   1 
ATOM   425  C  CD   . GLN A 1 27 ? -6.295  3.239   3.953   1.00 50.60  ?  25  GLN A CD   1 
ATOM   426  O  OE1  . GLN A 1 27 ? -6.314  2.036   3.692   1.00 47.77  ?  25  GLN A OE1  1 
ATOM   427  N  NE2  . GLN A 1 27 ? -6.827  4.153   3.149   1.00 64.75  ?  25  GLN A NE2  1 
ATOM   428  H  H    . GLN A 1 27 ? -2.665  4.199   5.472   1.00 43.27  ?  25  GLN A H    1 
ATOM   429  H  HA   . GLN A 1 27 ? -4.312  3.936   7.444   1.00 34.86  ?  25  GLN A HA   1 
ATOM   430  H  HB2  . GLN A 1 27 ? -4.066  2.482   5.065   1.00 34.92  ?  25  GLN A HB2  1 
ATOM   431  H  HB3  . GLN A 1 27 ? -5.126  2.016   6.151   1.00 34.92  ?  25  GLN A HB3  1 
ATOM   432  H  HG2  . GLN A 1 27 ? -6.349  3.899   5.879   1.00 46.71  ?  25  GLN A HG2  1 
ATOM   433  H  HG3  . GLN A 1 27 ? -5.202  4.587   5.019   1.00 46.71  ?  25  GLN A HG3  1 
ATOM   434  H  HE21 . GLN A 1 27 ? -6.792  4.986   3.363   1.00 77.70  ?  25  GLN A HE21 1 
ATOM   435  H  HE22 . GLN A 1 27 ? -7.205  3.914   2.415   1.00 77.70  ?  25  GLN A HE22 1 
ATOM   436  N  N    . VAL A 1 28 ? -2.301  1.440   7.297   1.00 34.85  ?  26  VAL A N    1 
ATOM   437  C  CA   . VAL A 1 28 ? -1.736  0.336   8.070   1.00 32.84  ?  26  VAL A CA   1 
ATOM   438  C  C    . VAL A 1 28 ? -1.206  0.846   9.406   1.00 30.79  ?  26  VAL A C    1 
ATOM   439  O  O    . VAL A 1 28 ? -1.490  0.266   10.463  1.00 35.86  ?  26  VAL A O    1 
ATOM   440  C  CB   . VAL A 1 28 ? -0.607  -0.388  7.291   1.00 29.98  ?  26  VAL A CB   1 
ATOM   441  C  CG1  . VAL A 1 28 ? 0.223   -1.275  8.215   1.00 27.82  ?  26  VAL A CG1  1 
ATOM   442  C  CG2  . VAL A 1 28 ? -1.202  -1.214  6.165   1.00 29.13  ?  26  VAL A CG2  1 
ATOM   443  H  H    . VAL A 1 28 ? -1.957  1.533   6.514   1.00 41.82  ?  26  VAL A H    1 
ATOM   444  H  HA   . VAL A 1 28 ? -2.436  -0.311  8.253   1.00 39.41  ?  26  VAL A HA   1 
ATOM   445  H  HB   . VAL A 1 28 ? -0.018  0.275   6.900   1.00 35.97  ?  26  VAL A HB   1 
ATOM   446  H  HG11 . VAL A 1 28 ? 0.917   -1.709  7.694   1.00 33.38  ?  26  VAL A HG11 1 
ATOM   447  H  HG12 . VAL A 1 28 ? 0.624   -0.723  8.905   1.00 33.38  ?  26  VAL A HG12 1 
ATOM   448  H  HG13 . VAL A 1 28 ? -0.356  -1.941  8.617   1.00 33.38  ?  26  VAL A HG13 1 
ATOM   449  H  HG21 . VAL A 1 28 ? -0.484  -1.658  5.689   1.00 34.96  ?  26  VAL A HG21 1 
ATOM   450  H  HG22 . VAL A 1 28 ? -1.807  -1.870  6.543   1.00 34.96  ?  26  VAL A HG22 1 
ATOM   451  H  HG23 . VAL A 1 28 ? -1.684  -0.625  5.563   1.00 34.96  ?  26  VAL A HG23 1 
ATOM   452  N  N    . GLU A 1 29 ? -0.436  1.928   9.362   1.00 27.89  ?  27  GLU A N    1 
ATOM   453  C  CA   . GLU A 1 29 ? 0.111   2.490   10.597  1.00 32.50  ?  27  GLU A CA   1 
ATOM   454  C  C    . GLU A 1 29 ? -1.011  2.903   11.565  1.00 29.82  ?  27  GLU A C    1 
ATOM   455  O  O    . GLU A 1 29 ? -0.978  2.559   12.763  1.00 31.60  ?  27  GLU A O    1 
ATOM   456  C  CB   . GLU A 1 29 ? 1.015   3.682   10.282  1.00 38.79  ?  27  GLU A CB   1 
ATOM   457  C  CG   . GLU A 1 29 ? 1.932   4.099   11.430  1.00 51.99  ?  27  GLU A CG   1 
ATOM   458  C  CD   . GLU A 1 29 ? 2.886   5.215   11.044  1.00 65.98  ?  27  GLU A CD   1 
ATOM   459  O  OE1  . GLU A 1 29 ? 2.943   5.566   9.846   1.00 66.36  ?  27  GLU A OE1  1 
ATOM   460  O  OE2  . GLU A 1 29 ? 3.578   5.742   11.939  1.00 70.68  ?  27  GLU A OE2  1 
ATOM   461  H  H    . GLU A 1 29 ? -0.217  2.351   8.646   1.00 33.47  ?  27  GLU A H    1 
ATOM   462  H  HA   . GLU A 1 29 ? 0.650   1.814   11.036  1.00 39.00  ?  27  GLU A HA   1 
ATOM   463  H  HB2  . GLU A 1 29 ? 1.577   3.454   9.525   1.00 46.55  ?  27  GLU A HB2  1 
ATOM   464  H  HB3  . GLU A 1 29 ? 0.457   4.444   10.059  1.00 46.55  ?  27  GLU A HB3  1 
ATOM   465  H  HG2  . GLU A 1 29 ? 1.389   4.411   12.172  1.00 62.39  ?  27  GLU A HG2  1 
ATOM   466  H  HG3  . GLU A 1 29 ? 2.461   3.334   11.705  1.00 62.39  ?  27  GLU A HG3  1 
ATOM   467  N  N    . ALA A 1 30 ? -2.001  3.634   11.049  1.00 27.27  ?  28  ALA A N    1 
ATOM   468  C  CA   . ALA A 1 30 ? -3.167  4.013   11.851  1.00 34.68  ?  28  ALA A CA   1 
ATOM   469  C  C    . ALA A 1 30 ? -3.790  2.798   12.552  1.00 33.65  ?  28  ALA A C    1 
ATOM   470  O  O    . ALA A 1 30 ? -3.945  2.763   13.790  1.00 31.60  ?  28  ALA A O    1 
ATOM   471  C  CB   . ALA A 1 30 ? -4.213  4.696   10.973  1.00 35.55  ?  28  ALA A CB   1 
ATOM   472  H  H    . ALA A 1 30 ? -2.021  3.922   10.238  1.00 32.73  ?  28  ALA A H    1 
ATOM   473  H  HA   . ALA A 1 30 ? -2.890  4.643   12.533  1.00 41.62  ?  28  ALA A HA   1 
ATOM   474  H  HB1  . ALA A 1 30 ? -4.975  4.938   11.522  1.00 42.65  ?  28  ALA A HB1  1 
ATOM   475  H  HB2  . ALA A 1 30 ? -3.822  5.492   10.579  1.00 42.65  ?  28  ALA A HB2  1 
ATOM   476  H  HB3  . ALA A 1 30 ? -4.489  4.082   10.276  1.00 42.65  ?  28  ALA A HB3  1 
ATOM   477  N  N    . LEU A 1 31 ? -4.140  1.800   11.744  1.00 31.48  ?  29  LEU A N    1 
ATOM   478  C  CA   . LEU A 1 31 ? -4.789  0.600   12.253  1.00 29.33  ?  29  LEU A CA   1 
ATOM   479  C  C    . LEU A 1 31 ? -3.917  -0.092  13.293  1.00 30.53  ?  29  LEU A C    1 
ATOM   480  O  O    . LEU A 1 31 ? -4.414  -0.546  14.325  1.00 27.92  ?  29  LEU A O    1 
ATOM   481  C  CB   . LEU A 1 31 ? -5.116  -0.356  11.104  1.00 26.57  ?  29  LEU A CB   1 
ATOM   482  C  CG   . LEU A 1 31 ? -6.243  0.143   10.194  1.00 23.89  ?  29  LEU A CG   1 
ATOM   483  C  CD1  . LEU A 1 31 ? -6.298  -0.640  8.891   1.00 21.44  ?  29  LEU A CD1  1 
ATOM   484  C  CD2  . LEU A 1 31 ? -7.582  0.076   10.925  1.00 21.23  ?  29  LEU A CD2  1 
ATOM   485  H  H    . LEU A 1 31 ? -4.011  1.794   10.893  1.00 37.77  ?  29  LEU A H    1 
ATOM   486  H  HA   . LEU A 1 31 ? -5.623  0.850   12.680  1.00 35.20  ?  29  LEU A HA   1 
ATOM   487  H  HB2  . LEU A 1 31 ? -4.323  -0.472  10.558  1.00 31.89  ?  29  LEU A HB2  1 
ATOM   488  H  HB3  . LEU A 1 31 ? -5.388  -1.210  11.474  1.00 31.89  ?  29  LEU A HB3  1 
ATOM   489  H  HG   . LEU A 1 31 ? -6.075  1.072   9.973   1.00 28.66  ?  29  LEU A HG   1 
ATOM   490  H  HD11 . LEU A 1 31 ? -5.453  -0.535  8.424   1.00 25.73  ?  29  LEU A HD11 1 
ATOM   491  H  HD12 . LEU A 1 31 ? -6.452  -1.576  9.091   1.00 25.73  ?  29  LEU A HD12 1 
ATOM   492  H  HD13 . LEU A 1 31 ? -7.022  -0.294  8.346   1.00 25.73  ?  29  LEU A HD13 1 
ATOM   493  H  HD21 . LEU A 1 31 ? -8.281  0.395   10.332  1.00 25.48  ?  29  LEU A HD21 1 
ATOM   494  H  HD22 . LEU A 1 31 ? -7.757  -0.844  11.178  1.00 25.48  ?  29  LEU A HD22 1 
ATOM   495  H  HD23 . LEU A 1 31 ? -7.538  0.635   11.716  1.00 25.48  ?  29  LEU A HD23 1 
ATOM   496  N  N    . GLU A 1 32 ? -2.616  -0.154  13.032  1.00 30.98  ?  30  GLU A N    1 
ATOM   497  C  CA   . GLU A 1 32 ? -1.694  -0.777  13.976  1.00 30.85  ?  30  GLU A CA   1 
ATOM   498  C  C    . GLU A 1 32 ? -1.701  -0.044  15.315  1.00 33.19  ?  30  GLU A C    1 
ATOM   499  O  O    . GLU A 1 32 ? -1.778  -0.678  16.375  1.00 35.14  ?  30  GLU A O    1 
ATOM   500  C  CB   . GLU A 1 32 ? -0.285  -0.828  13.385  1.00 35.00  ?  30  GLU A CB   1 
ATOM   501  C  CG   . GLU A 1 32 ? -0.036  -2.088  12.555  1.00 46.97  ?  30  GLU A CG   1 
ATOM   502  C  CD   . GLU A 1 32 ? 1.339   -2.112  11.926  1.00 56.04  ?  30  GLU A CD   1 
ATOM   503  O  OE1  . GLU A 1 32 ? 2.185   -1.283  12.319  1.00 53.47  ?  30  GLU A OE1  1 
ATOM   504  O  OE2  . GLU A 1 32 ? 1.570   -2.956  11.033  1.00 67.27  ?  30  GLU A OE2  1 
ATOM   505  H  H    . GLU A 1 32 ? -2.243  0.154   12.320  1.00 37.18  ?  30  GLU A H    1 
ATOM   506  H  HA   . GLU A 1 32 ? -1.981  -1.691  14.136  1.00 37.03  ?  30  GLU A HA   1 
ATOM   507  H  HB2  . GLU A 1 32 ? -0.156  -0.059  12.808  1.00 42.00  ?  30  GLU A HB2  1 
ATOM   508  H  HB3  . GLU A 1 32 ? 0.360   -0.813  14.108  1.00 42.00  ?  30  GLU A HB3  1 
ATOM   509  H  HG2  . GLU A 1 32 ? -0.117  -2.866  13.129  1.00 56.37  ?  30  GLU A HG2  1 
ATOM   510  H  HG3  . GLU A 1 32 ? -0.693  -2.132  11.842  1.00 56.37  ?  30  GLU A HG3  1 
ATOM   511  N  N    . ILE A 1 33 ? -1.637  1.285   15.272  1.00 31.30  ?  31  ILE A N    1 
ATOM   512  C  CA   . ILE A 1 33 ? -1.734  2.068   16.507  1.00 39.68  ?  31  ILE A CA   1 
ATOM   513  C  C    . ILE A 1 33 ? -3.048  1.773   17.243  1.00 35.55  ?  31  ILE A C    1 
ATOM   514  O  O    . ILE A 1 33 ? -3.044  1.513   18.454  1.00 34.29  ?  31  ILE A O    1 
ATOM   515  C  CB   . ILE A 1 33 ? -1.611  3.576   16.227  1.00 46.91  ?  31  ILE A CB   1 
ATOM   516  C  CG1  . ILE A 1 33 ? -0.188  3.886   15.762  1.00 46.82  ?  31  ILE A CG1  1 
ATOM   517  C  CG2  . ILE A 1 33 ? -1.912  4.389   17.487  1.00 53.43  ?  31  ILE A CG2  1 
ATOM   518  C  CD1  . ILE A 1 33 ? -0.054  5.163   14.971  1.00 48.04  ?  31  ILE A CD1  1 
ATOM   519  H  H    . ILE A 1 33 ? -1.539  1.751   14.556  1.00 37.56  ?  31  ILE A H    1 
ATOM   520  H  HA   . ILE A 1 33 ? -1.004  1.816   17.093  1.00 47.62  ?  31  ILE A HA   1 
ATOM   521  H  HB   . ILE A 1 33 ? -2.238  3.825   15.529  1.00 56.29  ?  31  ILE A HB   1 
ATOM   522  H  HG12 . ILE A 1 33 ? 0.383   3.963   16.543  1.00 56.19  ?  31  ILE A HG12 1 
ATOM   523  H  HG13 . ILE A 1 33 ? 0.121   3.158   15.201  1.00 56.19  ?  31  ILE A HG13 1 
ATOM   524  H  HG21 . ILE A 1 33 ? -1.827  5.332   17.281  1.00 64.11  ?  31  ILE A HG21 1 
ATOM   525  H  HG22 . ILE A 1 33 ? -2.816  4.193   17.780  1.00 64.11  ?  31  ILE A HG22 1 
ATOM   526  H  HG23 . ILE A 1 33 ? -1.278  4.142   18.179  1.00 64.11  ?  31  ILE A HG23 1 
ATOM   527  H  HD11 . ILE A 1 33 ? 0.876   5.280   14.719  1.00 57.65  ?  31  ILE A HD11 1 
ATOM   528  H  HD12 . ILE A 1 33 ? -0.607  5.101   14.176  1.00 57.65  ?  31  ILE A HD12 1 
ATOM   529  H  HD13 . ILE A 1 33 ? -0.345  5.906   15.520  1.00 57.65  ?  31  ILE A HD13 1 
ATOM   530  N  N    . ILE A 1 34 ? -4.166  1.804   16.520  1.00 32.82  ?  32  ILE A N    1 
ATOM   531  C  CA   . ILE A 1 34 ? -5.461  1.485   17.138  1.00 29.22  ?  32  ILE A CA   1 
ATOM   532  C  C    . ILE A 1 34 ? -5.462  0.095   17.822  1.00 33.62  ?  32  ILE A C    1 
ATOM   533  O  O    . ILE A 1 34 ? -5.794  -0.035  19.020  1.00 38.30  ?  32  ILE A O    1 
ATOM   534  C  CB   . ILE A 1 34 ? -6.599  1.552   16.097  1.00 30.65  ?  32  ILE A CB   1 
ATOM   535  C  CG1  . ILE A 1 34 ? -6.755  2.985   15.582  1.00 28.20  ?  32  ILE A CG1  1 
ATOM   536  C  CG2  . ILE A 1 34 ? -7.909  1.096   16.704  1.00 34.91  ?  32  ILE A CG2  1 
ATOM   537  C  CD1  . ILE A 1 34 ? -7.696  3.138   14.395  1.00 29.42  ?  32  ILE A CD1  1 
ATOM   538  H  H    . ILE A 1 34 ? -4.208  2.002   15.685  1.00 39.39  ?  32  ILE A H    1 
ATOM   539  H  HA   . ILE A 1 34 ? -5.648  2.147   17.822  1.00 35.06  ?  32  ILE A HA   1 
ATOM   540  H  HB   . ILE A 1 34 ? -6.379  0.972   15.351  1.00 36.77  ?  32  ILE A HB   1 
ATOM   541  H  HG12 . ILE A 1 34 ? -7.099  3.537   16.301  1.00 33.84  ?  32  ILE A HG12 1 
ATOM   542  H  HG13 . ILE A 1 34 ? -5.884  3.313   15.309  1.00 33.84  ?  32  ILE A HG13 1 
ATOM   543  H  HG21 . ILE A 1 34 ? -8.605  1.150   16.030  1.00 41.90  ?  32  ILE A HG21 1 
ATOM   544  H  HG22 . ILE A 1 34 ? -7.813  0.182   17.010  1.00 41.90  ?  32  ILE A HG22 1 
ATOM   545  H  HG23 . ILE A 1 34 ? -8.128  1.675   17.452  1.00 41.90  ?  32  ILE A HG23 1 
ATOM   546  H  HD11 . ILE A 1 34 ? -8.580  2.830   14.652  1.00 35.30  ?  32  ILE A HD11 1 
ATOM   547  H  HD12 . ILE A 1 34 ? -7.732  4.073   14.139  1.00 35.30  ?  32  ILE A HD12 1 
ATOM   548  H  HD13 . ILE A 1 34 ? -7.361  2.604   13.657  1.00 35.30  ?  32  ILE A HD13 1 
ATOM   549  N  N    . VAL A 1 35 ? -5.082  -0.934  17.065  1.00 36.51  ?  33  VAL A N    1 
ATOM   550  C  CA   . VAL A 1 35 ? -5.031  -2.300  17.592  1.00 33.22  ?  33  VAL A CA   1 
ATOM   551  C  C    . VAL A 1 35 ? -4.152  -2.365  18.838  1.00 33.08  ?  33  VAL A C    1 
ATOM   552  O  O    . VAL A 1 35 ? -4.557  -2.912  19.868  1.00 36.74  ?  33  VAL A O    1 
ATOM   553  C  CB   . VAL A 1 35 ? -4.492  -3.302  16.544  1.00 35.34  ?  33  VAL A CB   1 
ATOM   554  C  CG1  . VAL A 1 35 ? -4.186  -4.656  17.182  1.00 39.33  ?  33  VAL A CG1  1 
ATOM   555  C  CG2  . VAL A 1 35 ? -5.478  -3.473  15.401  1.00 39.96  ?  33  VAL A CG2  1 
ATOM   556  H  H    . VAL A 1 35 ? -4.848  -0.868  16.240  1.00 43.82  ?  33  VAL A H    1 
ATOM   557  H  HA   . VAL A 1 35 ? -5.927  -2.578  17.841  1.00 39.86  ?  33  VAL A HA   1 
ATOM   558  H  HB   . VAL A 1 35 ? -3.665  -2.954  16.174  1.00 42.40  ?  33  VAL A HB   1 
ATOM   559  H  HG11 . VAL A 1 35 ? -3.851  -5.258  16.499  1.00 47.20  ?  33  VAL A HG11 1 
ATOM   560  H  HG12 . VAL A 1 35 ? -3.518  -4.535  17.874  1.00 47.20  ?  33  VAL A HG12 1 
ATOM   561  H  HG13 . VAL A 1 35 ? -5.001  -5.015  17.568  1.00 47.20  ?  33  VAL A HG13 1 
ATOM   562  H  HG21 . VAL A 1 35 ? -5.113  -4.105  14.762  1.00 47.95  ?  33  VAL A HG21 1 
ATOM   563  H  HG22 . VAL A 1 35 ? -6.317  -3.808  15.756  1.00 47.95  ?  33  VAL A HG22 1 
ATOM   564  H  HG23 . VAL A 1 35 ? -5.618  -2.613  14.974  1.00 47.95  ?  33  VAL A HG23 1 
ATOM   565  N  N    . THR A 1 36 ? -2.949  -1.806  18.736  1.00 27.95  ?  34  THR A N    1 
ATOM   566  C  CA   . THR A 1 36 ? -2.033  -1.762  19.870  1.00 30.33  ?  34  THR A CA   1 
ATOM   567  C  C    . THR A 1 36 ? -2.698  -1.115  21.082  1.00 36.31  ?  34  THR A C    1 
ATOM   568  O  O    . THR A 1 36 ? -2.618  -1.641  22.197  1.00 33.75  ?  34  THR A O    1 
ATOM   569  C  CB   . THR A 1 36 ? -0.746  -0.992  19.521  1.00 36.34  ?  34  THR A CB   1 
ATOM   570  O  OG1  . THR A 1 36 ? -0.012  -1.726  18.533  1.00 34.82  ?  34  THR A OG1  1 
ATOM   571  C  CG2  . THR A 1 36 ? 0.135   -0.796  20.756  1.00 43.17  ?  34  THR A CG2  1 
ATOM   572  H  H    . THR A 1 36 ? -2.640  -1.446  18.019  1.00 33.54  ?  34  THR A H    1 
ATOM   573  H  HA   . THR A 1 36 ? -1.786  -2.668  20.112  1.00 36.40  ?  34  THR A HA   1 
ATOM   574  H  HB   . THR A 1 36 ? -0.978  -0.120  19.167  1.00 43.61  ?  34  THR A HB   1 
ATOM   575  H  HG1  . THR A 1 36 ? 0.190   -2.485  18.830  1.00 41.79  ?  34  THR A HG1  1 
ATOM   576  H  HG21 . THR A 1 36 ? 0.940   -0.310  20.515  1.00 51.80  ?  34  THR A HG21 1 
ATOM   577  H  HG22 . THR A 1 36 ? -0.347  -0.292  21.430  1.00 51.80  ?  34  THR A HG22 1 
ATOM   578  H  HG23 . THR A 1 36 ? 0.385   -1.657  21.125  1.00 51.80  ?  34  THR A HG23 1 
ATOM   579  N  N    . ALA A 1 37 ? -3.353  0.022   20.862  1.00 39.08  ?  35  ALA A N    1 
ATOM   580  C  CA   . ALA A 1 37 ? -4.051  0.702   21.947  1.00 40.80  ?  35  ALA A CA   1 
ATOM   581  C  C    . ALA A 1 37 ? -5.072  -0.231  22.602  1.00 41.95  ?  35  ALA A C    1 
ATOM   582  O  O    . ALA A 1 37 ? -5.094  -0.379  23.830  1.00 48.04  ?  35  ALA A O    1 
ATOM   583  C  CB   . ALA A 1 37 ? -4.732  1.960   21.444  1.00 39.58  ?  35  ALA A CB   1 
ATOM   584  H  H    . ALA A 1 37 ? -3.407  0.417   20.101  1.00 46.90  ?  35  ALA A H    1 
ATOM   585  H  HA   . ALA A 1 37 ? -3.405  0.961   22.624  1.00 48.96  ?  35  ALA A HA   1 
ATOM   586  H  HB1  . ALA A 1 37 ? -5.188  2.390   22.184  1.00 47.50  ?  35  ALA A HB1  1 
ATOM   587  H  HB2  . ALA A 1 37 ? -4.062  2.556   21.075  1.00 47.50  ?  35  ALA A HB2  1 
ATOM   588  H  HB3  . ALA A 1 37 ? -5.373  1.717   20.757  1.00 47.50  ?  35  ALA A HB3  1 
ATOM   589  N  N    . MET A 1 38 ? -5.913  -0.869  21.790  1.00 36.98  ?  36  MET A N    1 
ATOM   590  C  CA   . MET A 1 38 ? -6.919  -1.774  22.361  1.00 34.83  ?  36  MET A CA   1 
ATOM   591  C  C    . MET A 1 38 ? -6.321  -2.999  23.065  1.00 40.41  ?  36  MET A C    1 
ATOM   592  O  O    . MET A 1 38 ? -6.869  -3.470  24.066  1.00 40.56  ?  36  MET A O    1 
ATOM   593  C  CB   . MET A 1 38 ? -7.895  -2.232  21.285  1.00 30.41  ?  36  MET A CB   1 
ATOM   594  C  CG   . MET A 1 38 ? -8.839  -1.124  20.849  1.00 32.27  ?  36  MET A CG   1 
ATOM   595  S  SD   . MET A 1 38 ? -10.236 -1.712  19.886  1.00 42.78  ?  36  MET A SD   1 
ATOM   596  C  CE   . MET A 1 38 ? -9.572  -1.540  18.239  1.00 39.75  ?  36  MET A CE   1 
ATOM   597  H  H    . MET A 1 38 ? -5.925  -0.803  20.933  1.00 44.38  ?  36  MET A H    1 
ATOM   598  H  HA   . MET A 1 38 ? -7.433  -1.275  23.015  1.00 41.80  ?  36  MET A HA   1 
ATOM   599  H  HB2  . MET A 1 38 ? -7.394  -2.525  20.507  1.00 36.50  ?  36  MET A HB2  1 
ATOM   600  H  HB3  . MET A 1 38 ? -8.429  -2.964  21.632  1.00 36.50  ?  36  MET A HB3  1 
ATOM   601  H  HG2  . MET A 1 38 ? -9.187  -0.680  21.638  1.00 38.72  ?  36  MET A HG2  1 
ATOM   602  H  HG3  . MET A 1 38 ? -8.348  -0.489  20.303  1.00 38.72  ?  36  MET A HG3  1 
ATOM   603  H  HE1  . MET A 1 38 ? -10.240 -1.831  17.599  1.00 47.71  ?  36  MET A HE1  1 
ATOM   604  H  HE2  . MET A 1 38 ? -9.348  -0.609  18.086  1.00 47.71  ?  36  MET A HE2  1 
ATOM   605  H  HE3  . MET A 1 38 ? -8.777  -2.090  18.162  1.00 47.71  ?  36  MET A HE3  1 
ATOM   606  N  N    . LEU A 1 39 ? -5.211  -3.515  22.551  1.00 43.37  ?  37  LEU A N    1 
ATOM   607  C  CA   . LEU A 1 39 ? -4.521  -4.618  23.217  1.00 42.11  ?  37  LEU A CA   1 
ATOM   608  C  C    . LEU A 1 39 ? -3.960  -4.172  24.568  1.00 44.32  ?  37  LEU A C    1 
ATOM   609  O  O    . LEU A 1 39 ? -4.083  -4.890  25.569  1.00 52.57  ?  37  LEU A O    1 
ATOM   610  C  CB   . LEU A 1 39 ? -3.405  -5.172  22.329  1.00 40.46  ?  37  LEU A CB   1 
ATOM   611  C  CG   . LEU A 1 39 ? -3.884  -5.968  21.113  1.00 43.76  ?  37  LEU A CG   1 
ATOM   612  C  CD1  . LEU A 1 39 ? -2.763  -6.135  20.108  1.00 44.73  ?  37  LEU A CD1  1 
ATOM   613  C  CD2  . LEU A 1 39 ? -4.393  -7.322  21.560  1.00 40.88  ?  37  LEU A CD2  1 
ATOM   614  H  H    . LEU A 1 39 ? -4.836  -3.248  21.822  1.00 52.04  ?  37  LEU A H    1 
ATOM   615  H  HA   . LEU A 1 39 ? -5.157  -5.333  23.380  1.00 50.53  ?  37  LEU A HA   1 
ATOM   616  H  HB2  . LEU A 1 39 ? -2.873  -4.430  22.002  1.00 48.55  ?  37  LEU A HB2  1 
ATOM   617  H  HB3  . LEU A 1 39 ? -2.848  -5.760  22.863  1.00 48.55  ?  37  LEU A HB3  1 
ATOM   618  H  HG   . LEU A 1 39 ? -4.613  -5.493  20.684  1.00 52.51  ?  37  LEU A HG   1 
ATOM   619  H  HD11 . LEU A 1 39 ? -3.093  -6.642  19.349  1.00 53.68  ?  37  LEU A HD11 1 
ATOM   620  H  HD12 . LEU A 1 39 ? -2.467  -5.258  19.817  1.00 53.68  ?  37  LEU A HD12 1 
ATOM   621  H  HD13 . LEU A 1 39 ? -2.030  -6.611  20.529  1.00 53.68  ?  37  LEU A HD13 1 
ATOM   622  H  HD21 . LEU A 1 39 ? -4.694  -7.818  20.783  1.00 49.05  ?  37  LEU A HD21 1 
ATOM   623  H  HD22 . LEU A 1 39 ? -3.672  -7.801  22.000  1.00 49.05  ?  37  LEU A HD22 1 
ATOM   624  H  HD23 . LEU A 1 39 ? -5.131  -7.194  22.177  1.00 49.05  ?  37  LEU A HD23 1 
ATOM   625  N  N    . ARG A 1 40 ? -3.340  -2.993  24.598  1.00 40.65  ?  38  ARG A N    1 
ATOM   626  C  CA   . ARG A 1 40 ? -2.889  -2.417  25.865  1.00 42.39  ?  38  ARG A CA   1 
ATOM   627  C  C    . ARG A 1 40 ? -4.085  -2.223  26.792  1.00 51.87  ?  38  ARG A C    1 
ATOM   628  O  O    . ARG A 1 40 ? -3.975  -2.412  28.004  1.00 54.79  ?  38  ARG A O    1 
ATOM   629  C  CB   . ARG A 1 40 ? -2.158  -1.088  25.650  1.00 47.62  ?  38  ARG A CB   1 
ATOM   630  C  CG   . ARG A 1 40 ? -0.714  -1.239  25.194  1.00 54.65  ?  38  ARG A CG   1 
ATOM   631  C  CD   . ARG A 1 40 ? 0.002   0.110   25.131  1.00 68.12  ?  38  ARG A CD   1 
ATOM   632  N  NE   . ARG A 1 40 ? 0.148   0.731   26.450  1.00 85.47  ?  38  ARG A NE   1 
ATOM   633  C  CZ   . ARG A 1 40 ? 1.259   0.715   27.186  1.00 92.46  ?  38  ARG A CZ   1 
ATOM   634  N  NH1  . ARG A 1 40 ? 2.361   0.112   26.750  1.00 91.39  ?  38  ARG A NH1  1 
ATOM   635  N  NH2  . ARG A 1 40 ? 1.272   1.317   28.369  1.00 91.01  ?  38  ARG A NH2  1 
ATOM   636  H  H    . ARG A 1 40 ? -3.170  -2.511  23.907  1.00 48.79  ?  38  ARG A H    1 
ATOM   637  H  HA   . ARG A 1 40 ? -2.274  -3.034  26.291  1.00 50.86  ?  38  ARG A HA   1 
ATOM   638  H  HB2  . ARG A 1 40 ? -2.630  -0.579  24.972  1.00 57.15  ?  38  ARG A HB2  1 
ATOM   639  H  HB3  . ARG A 1 40 ? -2.155  -0.596  26.486  1.00 57.15  ?  38  ARG A HB3  1 
ATOM   640  H  HG2  . ARG A 1 40 ? -0.239  -1.806  25.822  1.00 65.58  ?  38  ARG A HG2  1 
ATOM   641  H  HG3  . ARG A 1 40 ? -0.698  -1.633  24.308  1.00 65.58  ?  38  ARG A HG3  1 
ATOM   642  H  HD2  . ARG A 1 40 ? 0.888   -0.019  24.759  1.00 81.75  ?  38  ARG A HD2  1 
ATOM   643  H  HD3  . ARG A 1 40 ? -0.511  0.714   24.570  1.00 81.75  ?  38  ARG A HD3  1 
ATOM   644  H  HE   . ARG A 1 40 ? -0.536  1.137   26.775  1.00 102.57 ?  38  ARG A HE   1 
ATOM   645  H  HH11 . ARG A 1 40 ? 2.362   -0.279  25.984  1.00 109.66 ?  38  ARG A HH11 1 
ATOM   646  H  HH12 . ARG A 1 40 ? 3.070   0.111   27.235  1.00 109.66 ?  38  ARG A HH12 1 
ATOM   647  H  HH21 . ARG A 1 40 ? 0.564   1.710   28.659  1.00 109.21 ?  38  ARG A HH21 1 
ATOM   648  H  HH22 . ARG A 1 40 ? 1.987   1.310   28.847  1.00 109.21 ?  38  ARG A HH22 1 
ATOM   649  N  N    . ASN A 1 41 ? -5.225  -1.843  26.221  1.00 55.55  ?  39  ASN A N    1 
ATOM   650  C  CA   . ASN A 1 41 ? -6.465  -1.771  26.990  1.00 57.52  ?  39  ASN A CA   1 
ATOM   651  C  C    . ASN A 1 41 ? -6.863  -3.126  27.571  1.00 60.73  ?  39  ASN A C    1 
ATOM   652  O  O    . ASN A 1 41 ? -7.211  -3.217  28.749  1.00 62.49  ?  39  ASN A O    1 
ATOM   653  C  CB   . ASN A 1 41 ? -7.602  -1.221  26.128  1.00 66.47  ?  39  ASN A CB   1 
ATOM   654  C  CG   . ASN A 1 41 ? -7.917  0.222   26.440  1.00 68.13  ?  39  ASN A CG   1 
ATOM   655  O  OD1  . ASN A 1 41 ? -9.064  0.574   26.710  1.00 71.49  ?  39  ASN A OD1  1 
ATOM   656  N  ND2  . ASN A 1 41 ? -6.893  1.065   26.426  1.00 62.70  ?  39  ASN A ND2  1 
ATOM   657  H  H    . ASN A 1 41 ? -5.307  -1.621  25.393  1.00 66.65  ?  39  ASN A H    1 
ATOM   658  H  HA   . ASN A 1 41 ? -6.335  -1.159  27.732  1.00 69.02  ?  39  ASN A HA   1 
ATOM   659  H  HB2  . ASN A 1 41 ? -7.347  -1.278  25.194  1.00 79.77  ?  39  ASN A HB2  1 
ATOM   660  H  HB3  . ASN A 1 41 ? -8.401  -1.745  26.287  1.00 79.77  ?  39  ASN A HB3  1 
ATOM   661  H  HD21 . ASN A 1 41 ? -7.021  1.898   26.597  1.00 75.24  ?  39  ASN A HD21 1 
ATOM   662  H  HD22 . ASN A 1 41 ? -6.103  0.779   26.246  1.00 75.24  ?  39  ASN A HD22 1 
ATOM   663  N  N    . MET A 1 42 ? -6.818  -4.178  26.756  1.00 59.79  ?  40  MET A N    1 
ATOM   664  C  CA   . MET A 1 42 ? -7.157  -5.516  27.246  1.00 53.49  ?  40  MET A CA   1 
ATOM   665  C  C    . MET A 1 42 ? -6.199  -5.974  28.343  1.00 57.04  ?  40  MET A C    1 
ATOM   666  O  O    . MET A 1 42 ? -6.622  -6.573  29.332  1.00 56.32  ?  40  MET A O    1 
ATOM   667  C  CB   . MET A 1 42 ? -7.154  -6.537  26.111  1.00 55.48  ?  40  MET A CB   1 
ATOM   668  C  CG   . MET A 1 42 ? -8.262  -6.340  25.100  1.00 60.76  ?  40  MET A CG   1 
ATOM   669  S  SD   . MET A 1 42 ? -8.100  -7.440  23.683  1.00 67.94  ?  40  MET A SD   1 
ATOM   670  C  CE   . MET A 1 42 ? -8.051  -9.040  24.490  1.00 64.53  ?  40  MET A CE   1 
ATOM   671  H  H    . MET A 1 42 ? -6.597  -4.147  25.926  1.00 71.74  ?  40  MET A H    1 
ATOM   672  H  HA   . MET A 1 42 ? -8.055  -5.490  27.613  1.00 64.19  ?  40  MET A HA   1 
ATOM   673  H  HB2  . MET A 1 42 ? -6.309  -6.476  25.639  1.00 66.57  ?  40  MET A HB2  1 
ATOM   674  H  HB3  . MET A 1 42 ? -7.255  -7.424  26.490  1.00 66.57  ?  40  MET A HB3  1 
ATOM   675  H  HG2  . MET A 1 42 ? -9.115  -6.521  25.525  1.00 72.91  ?  40  MET A HG2  1 
ATOM   676  H  HG3  . MET A 1 42 ? -8.237  -5.427  24.776  1.00 72.91  ?  40  MET A HG3  1 
ATOM   677  H  HE1  . MET A 1 42 ? -7.963  -9.731  23.815  1.00 77.44  ?  40  MET A HE1  1 
ATOM   678  H  HE2  . MET A 1 42 ? -7.291  -9.067  25.091  1.00 77.44  ?  40  MET A HE2  1 
ATOM   679  H  HE3  . MET A 1 42 ? -8.873  -9.167  24.989  1.00 77.44  ?  40  MET A HE3  1 
ATOM   680  N  N    . ALA A 1 43 ? -4.907  -5.702  28.165  1.00 59.77  ?  41  ALA A N    1 
ATOM   681  C  CA   . ALA A 1 43 ? -3.923  -6.005  29.208  1.00 63.25  ?  41  ALA A CA   1 
ATOM   682  C  C    . ALA A 1 43 ? -4.280  -5.298  30.514  1.00 73.71  ?  41  ALA A C    1 
ATOM   683  O  O    . ALA A 1 43 ? -3.820  -5.694  31.587  1.00 77.48  ?  41  ALA A O    1 
ATOM   684  C  CB   . ALA A 1 43 ? -2.532  -5.602  28.766  1.00 61.54  ?  41  ALA A CB   1 
ATOM   685  H  H    . ALA A 1 43 ? -4.575  -5.346  27.457  1.00 71.72  ?  41  ALA A H    1 
ATOM   686  H  HA   . ALA A 1 43 ? -3.920  -6.960  29.373  1.00 75.90  ?  41  ALA A HA   1 
ATOM   687  H  HB1  . ALA A 1 43 ? -1.903  -5.813  29.473  1.00 73.84  ?  41  ALA A HB1  1 
ATOM   688  H  HB2  . ALA A 1 43 ? -2.302  -6.093  27.961  1.00 73.84  ?  41  ALA A HB2  1 
ATOM   689  H  HB3  . ALA A 1 43 ? -2.521  -4.649  28.587  1.00 73.84  ?  41  ALA A HB3  1 
ATOM   690  N  N    . GLN A 1 44 ? -5.107  -4.270  30.374  1.00 76.37  ?  42  GLN A N    1 
ATOM   691  C  CA   . GLN A 1 44 ? -5.599  -3.468  31.504  1.00 74.08  ?  42  GLN A CA   1 
ATOM   692  C  C    . GLN A 1 44 ? -4.454  -2.722  32.153  1.00 76.39  ?  42  GLN A C    1 
ATOM   693  O  O    . GLN A 1 44 ? -4.309  -1.520  31.952  1.00 78.02  ?  42  GLN A O    1 
ATOM   694  C  CB   . GLN A 1 44 ? -6.331  -4.354  32.508  1.00 72.83  ?  42  GLN A CB   1 
ATOM   695  C  CG   . GLN A 1 44 ? -7.440  -5.181  31.877  1.00 77.65  ?  42  GLN A CG   1 
ATOM   696  C  CD   . GLN A 1 44 ? -8.758  -4.443  31.767  1.00 85.02  ?  42  GLN A CD   1 
ATOM   697  O  OE1  . GLN A 1 44 ? -9.144  -3.710  32.668  1.00 93.21  ?  42  GLN A OE1  1 
ATOM   698  N  NE2  . GLN A 1 44 ? -9.465  -4.647  30.666  1.00 80.51  ?  42  GLN A NE2  1 
ATOM   699  H  H    . GLN A 1 44 ? -5.379  -4.046  29.579  1.00 91.65  ?  42  GLN A H    1 
ATOM   700  H  HA   . GLN A 1 44 ? -6.253  -2.766  31.260  1.00 88.89  ?  42  GLN A HA   1 
ATOM   701  N  N    . MET B 1 3  ? 17.324  4.544   -22.827 1.00 45.34  ?  1   MET B N    1 
ATOM   702  C  CA   . MET B 1 3  ? 15.870  4.751   -23.070 1.00 55.85  ?  1   MET B CA   1 
ATOM   703  C  C    . MET B 1 3  ? 15.124  3.432   -22.924 1.00 63.51  ?  1   MET B C    1 
ATOM   704  O  O    . MET B 1 3  ? 14.118  3.349   -22.221 1.00 60.22  ?  1   MET B O    1 
ATOM   705  C  CB   . MET B 1 3  ? 15.641  5.347   -24.459 1.00 59.59  ?  1   MET B CB   1 
ATOM   706  C  CG   . MET B 1 3  ? 14.400  6.209   -24.563 1.00 75.51  ?  1   MET B CG   1 
ATOM   707  S  SD   . MET B 1 3  ? 14.455  7.593   -23.407 1.00 81.18  ?  1   MET B SD   1 
ATOM   708  C  CE   . MET B 1 3  ? 13.192  8.649   -24.091 1.00 63.52  ?  1   MET B CE   1 
ATOM   709  H  H    . MET B 1 3  ? 17.743  4.435   -23.605 1.00 54.41  ?  1   MET B H    1 
ATOM   710  H  HA   . MET B 1 3  ? 15.527  5.380   -22.415 1.00 67.02  ?  1   MET B HA   1 
ATOM   711  H  HB2  . MET B 1 3  ? 16.405  5.898   -24.691 1.00 71.50  ?  1   MET B HB2  1 
ATOM   712  H  HB3  . MET B 1 3  ? 15.553  4.622   -25.098 1.00 71.50  ?  1   MET B HB3  1 
ATOM   713  H  HG2  . MET B 1 3  ? 14.333  6.567   -25.462 1.00 90.61  ?  1   MET B HG2  1 
ATOM   714  H  HG3  . MET B 1 3  ? 13.619  5.672   -24.357 1.00 90.61  ?  1   MET B HG3  1 
ATOM   715  H  HE1  . MET B 1 3  ? 12.348  8.172   -24.089 1.00 76.23  ?  1   MET B HE1  1 
ATOM   716  H  HE2  . MET B 1 3  ? 13.121  9.449   -23.547 1.00 76.23  ?  1   MET B HE2  1 
ATOM   717  H  HE3  . MET B 1 3  ? 13.437  8.887   -24.999 1.00 76.23  ?  1   MET B HE3  1 
ATOM   718  N  N    . LYS B 1 4  ? 15.623  2.400   -23.598 1.00 69.29  ?  2   LYS B N    1 
ATOM   719  C  CA   . LYS B 1 4  ? 15.115  1.049   -23.405 1.00 62.63  ?  2   LYS B CA   1 
ATOM   720  C  C    . LYS B 1 4  ? 15.363  0.677   -21.940 1.00 58.95  ?  2   LYS B C    1 
ATOM   721  O  O    . LYS B 1 4  ? 14.513  0.073   -21.267 1.00 56.33  ?  2   LYS B O    1 
ATOM   722  C  CB   . LYS B 1 4  ? 15.801  0.068   -24.361 1.00 64.47  ?  2   LYS B CB   1 
ATOM   723  C  CG   . LYS B 1 4  ? 15.729  0.469   -25.836 1.00 69.51  ?  2   LYS B CG   1 
ATOM   724  C  CD   . LYS B 1 4  ? 14.719  -0.361  -26.620 1.00 74.54  ?  2   LYS B CD   1 
ATOM   725  C  CE   . LYS B 1 4  ? 14.623  0.100   -28.064 1.00 77.44  ?  2   LYS B CE   1 
ATOM   726  N  NZ   . LYS B 1 4  ? 13.585  -0.643  -28.825 1.00 76.40  ?  2   LYS B NZ   1 
ATOM   727  H  H    . LYS B 1 4  ? 16.259  2.457   -24.173 1.00 83.15  ?  2   LYS B H    1 
ATOM   728  H  HA   . LYS B 1 4  ? 14.159  1.031   -23.573 1.00 75.16  ?  2   LYS B HA   1 
ATOM   729  H  HB2  . LYS B 1 4  ? 16.739  0.003   -24.119 1.00 77.36  ?  2   LYS B HB2  1 
ATOM   730  H  HB3  . LYS B 1 4  ? 15.380  -0.801  -24.270 1.00 77.36  ?  2   LYS B HB3  1 
ATOM   731  H  HG2  . LYS B 1 4  ? 15.465  1.400   -25.900 1.00 83.41  ?  2   LYS B HG2  1 
ATOM   732  H  HG3  . LYS B 1 4  ? 16.601  0.343   -26.242 1.00 83.41  ?  2   LYS B HG3  1 
ATOM   733  H  HD2  . LYS B 1 4  ? 14.997  -1.292  -26.615 1.00 89.44  ?  2   LYS B HD2  1 
ATOM   734  H  HD3  . LYS B 1 4  ? 13.844  -0.269  -26.212 1.00 89.44  ?  2   LYS B HD3  1 
ATOM   735  H  HE2  . LYS B 1 4  ? 14.392  1.042   -28.083 1.00 92.93  ?  2   LYS B HE2  1 
ATOM   736  H  HE3  . LYS B 1 4  ? 15.476  -0.044  -28.501 1.00 92.93  ?  2   LYS B HE3  1 
ATOM   737  H  HZ1  . LYS B 1 4  ? 13.775  -1.513  -28.830 1.00 91.68  ?  2   LYS B HZ1  1 
ATOM   738  H  HZ2  . LYS B 1 4  ? 12.788  -0.524  -28.448 1.00 91.68  ?  2   LYS B HZ2  1 
ATOM   739  H  HZ3  . LYS B 1 4  ? 13.555  -0.350  -29.665 1.00 91.68  ?  2   LYS B HZ3  1 
ATOM   740  N  N    . ASN B 1 5  ? 16.537  1.078   -21.453 1.00 67.39  ?  3   ASN B N    1 
ATOM   741  C  CA   . ASN B 1 5  ? 16.891  0.946   -20.042 1.00 66.24  ?  3   ASN B CA   1 
ATOM   742  C  C    . ASN B 1 5  ? 15.864  1.635   -19.163 1.00 53.24  ?  3   ASN B C    1 
ATOM   743  O  O    . ASN B 1 5  ? 15.414  1.080   -18.159 1.00 53.92  ?  3   ASN B O    1 
ATOM   744  C  CB   . ASN B 1 5  ? 18.269  1.553   -19.758 1.00 70.81  ?  3   ASN B CB   1 
ATOM   745  C  CG   . ASN B 1 5  ? 19.308  1.179   -20.793 1.00 81.46  ?  3   ASN B CG   1 
ATOM   746  O  OD1  . ASN B 1 5  ? 19.368  1.771   -21.870 1.00 84.98  ?  3   ASN B OD1  1 
ATOM   747  N  ND2  . ASN B 1 5  ? 20.148  0.204   -20.464 1.00 87.93  ?  3   ASN B ND2  1 
ATOM   748  H  H    . ASN B 1 5  ? 17.156  1.436   -21.930 1.00 80.87  ?  3   ASN B H    1 
ATOM   749  H  HA   . ASN B 1 5  ? 16.916  0.006   -19.803 1.00 79.49  ?  3   ASN B HA   1 
ATOM   750  H  HB2  . ASN B 1 5  ? 18.192  2.521   -19.748 1.00 84.97  ?  3   ASN B HB2  1 
ATOM   751  H  HB3  . ASN B 1 5  ? 18.580  1.238   -18.894 1.00 84.97  ?  3   ASN B HB3  1 
ATOM   752  H  HD21 . ASN B 1 5  ? 20.756  -0.045  -21.018 1.00 105.52 ?  3   ASN B HD21 1 
ATOM   753  H  HD22 . ASN B 1 5  ? 20.083  -0.178  -19.696 1.00 105.52 ?  3   ASN B HD22 1 
ATOM   754  N  N    . LEU B 1 6  ? 15.505  2.853   -19.556 1.00 46.14  ?  4   LEU B N    1 
ATOM   755  C  CA   . LEU B 1 6  ? 14.563  3.664   -18.800 1.00 50.10  ?  4   LEU B CA   1 
ATOM   756  C  C    . LEU B 1 6  ? 13.227  2.934   -18.695 1.00 39.28  ?  4   LEU B C    1 
ATOM   757  O  O    . LEU B 1 6  ? 12.643  2.841   -17.614 1.00 35.29  ?  4   LEU B O    1 
ATOM   758  C  CB   . LEU B 1 6  ? 14.393  5.037   -19.462 1.00 49.83  ?  4   LEU B CB   1 
ATOM   759  C  CG   . LEU B 1 6  ? 13.659  6.123   -18.675 1.00 47.26  ?  4   LEU B CG   1 
ATOM   760  C  CD1  . LEU B 1 6  ? 14.227  6.282   -17.275 1.00 41.89  ?  4   LEU B CD1  1 
ATOM   761  C  CD2  . LEU B 1 6  ? 13.734  7.443   -19.424 1.00 40.79  ?  4   LEU B CD2  1 
ATOM   762  H  H    . LEU B 1 6  ? 15.798  3.237   -20.267 1.00 55.37  ?  4   LEU B H    1 
ATOM   763  H  HA   . LEU B 1 6  ? 14.906  3.800   -17.903 1.00 60.12  ?  4   LEU B HA   1 
ATOM   764  H  HB2  . LEU B 1 6  ? 15.277  5.382   -19.664 1.00 59.79  ?  4   LEU B HB2  1 
ATOM   765  H  HB3  . LEU B 1 6  ? 13.906  4.911   -20.292 1.00 59.79  ?  4   LEU B HB3  1 
ATOM   766  H  HG   . LEU B 1 6  ? 12.725  5.878   -18.594 1.00 56.71  ?  4   LEU B HG   1 
ATOM   767  H  HD11 . LEU B 1 6  ? 14.136  5.440   -16.801 1.00 50.26  ?  4   LEU B HD11 1 
ATOM   768  H  HD12 . LEU B 1 6  ? 15.164  6.526   -17.340 1.00 50.26  ?  4   LEU B HD12 1 
ATOM   769  H  HD13 . LEU B 1 6  ? 13.735  6.977   -16.812 1.00 50.26  ?  4   LEU B HD13 1 
ATOM   770  H  HD21 . LEU B 1 6  ? 13.266  8.122   -18.915 1.00 48.95  ?  4   LEU B HD21 1 
ATOM   771  H  HD22 . LEU B 1 6  ? 14.666  7.693   -19.530 1.00 48.95  ?  4   LEU B HD22 1 
ATOM   772  H  HD23 . LEU B 1 6  ? 13.319  7.336   -20.294 1.00 48.95  ?  4   LEU B HD23 1 
ATOM   773  N  N    . ILE B 1 7  ? 12.762  2.396   -19.819 1.00 41.91  ?  5   ILE B N    1 
ATOM   774  C  CA   . ILE B 1 7  ? 11.532  1.612   -19.845 1.00 46.23  ?  5   ILE B CA   1 
ATOM   775  C  C    . ILE B 1 7  ? 11.645  0.401   -18.921 1.00 45.37  ?  5   ILE B C    1 
ATOM   776  O  O    . ILE B 1 7  ? 10.757  0.155   -18.097 1.00 38.34  ?  5   ILE B O    1 
ATOM   777  C  CB   . ILE B 1 7  ? 11.194  1.157   -21.284 1.00 41.49  ?  5   ILE B CB   1 
ATOM   778  C  CG1  . ILE B 1 7  ? 10.703  2.363   -22.085 1.00 51.19  ?  5   ILE B CG1  1 
ATOM   779  C  CG2  . ILE B 1 7  ? 10.140  0.042   -21.284 1.00 41.17  ?  5   ILE B CG2  1 
ATOM   780  C  CD1  . ILE B 1 7  ? 10.500  2.108   -23.553 1.00 55.88  ?  5   ILE B CD1  1 
ATOM   781  H  H    . ILE B 1 7  ? 13.144  2.471   -20.586 1.00 50.30  ?  5   ILE B H    1 
ATOM   782  H  HA   . ILE B 1 7  ? 10.801  2.164   -19.526 1.00 55.47  ?  5   ILE B HA   1 
ATOM   783  H  HB   . ILE B 1 7  ? 12.002  0.818   -21.699 1.00 49.79  ?  5   ILE B HB   1 
ATOM   784  H  HG12 . ILE B 1 7  ? 9.852   2.652   -21.718 1.00 61.43  ?  5   ILE B HG12 1 
ATOM   785  H  HG13 . ILE B 1 7  ? 11.354  3.077   -21.999 1.00 61.43  ?  5   ILE B HG13 1 
ATOM   786  H  HG21 . ILE B 1 7  ? 9.955   -0.216  -22.200 1.00 49.40  ?  5   ILE B HG21 1 
ATOM   787  H  HG22 . ILE B 1 7  ? 10.485  -0.717  -20.789 1.00 49.40  ?  5   ILE B HG22 1 
ATOM   788  H  HG23 . ILE B 1 7  ? 9.332   0.373   -20.863 1.00 49.40  ?  5   ILE B HG23 1 
ATOM   789  H  HD11 . ILE B 1 7  ? 11.345  1.833   -23.945 1.00 67.06  ?  5   ILE B HD11 1 
ATOM   790  H  HD12 . ILE B 1 7  ? 9.840   1.407   -23.664 1.00 67.06  ?  5   ILE B HD12 1 
ATOM   791  H  HD13 . ILE B 1 7  ? 10.190  2.925   -23.975 1.00 67.06  ?  5   ILE B HD13 1 
ATOM   792  N  N    . ALA B 1 8  ? 12.739  -0.346  -19.053 1.00 45.76  ?  6   ALA B N    1 
ATOM   793  C  CA   . ALA B 1 8  ? 12.952  -1.529  -18.214 1.00 39.93  ?  6   ALA B CA   1 
ATOM   794  C  C    . ALA B 1 8  ? 12.905  -1.187  -16.719 1.00 36.48  ?  6   ALA B C    1 
ATOM   795  O  O    . ALA B 1 8  ? 12.183  -1.822  -15.937 1.00 32.74  ?  6   ALA B O    1 
ATOM   796  C  CB   . ALA B 1 8  ? 14.277  -2.186  -18.563 1.00 37.66  ?  6   ALA B CB   1 
ATOM   797  H  H    . ALA B 1 8  ? 13.372  -0.192  -19.614 1.00 54.91  ?  6   ALA B H    1 
ATOM   798  H  HA   . ALA B 1 8  ? 12.246  -2.170  -18.394 1.00 47.92  ?  6   ALA B HA   1 
ATOM   799  H  HB1  . ALA B 1 8  ? 14.400  -2.967  -17.998 1.00 45.20  ?  6   ALA B HB1  1 
ATOM   800  H  HB2  . ALA B 1 8  ? 14.262  -2.451  -19.496 1.00 45.20  ?  6   ALA B HB2  1 
ATOM   801  H  HB3  . ALA B 1 8  ? 14.994  -1.551  -18.410 1.00 45.20  ?  6   ALA B HB3  1 
ATOM   802  N  N    . GLU B 1 9  ? 13.666  -0.170  -16.329 1.00 42.02  ?  7   GLU B N    1 
ATOM   803  C  CA   . GLU B 1 9  ? 13.754  0.221   -14.928 1.00 42.37  ?  7   GLU B CA   1 
ATOM   804  C  C    . GLU B 1 9  ? 12.424  0.763   -14.416 1.00 38.31  ?  7   GLU B C    1 
ATOM   805  O  O    . GLU B 1 9  ? 12.003  0.449   -13.297 1.00 36.54  ?  7   GLU B O    1 
ATOM   806  C  CB   . GLU B 1 9  ? 14.854  1.259   -14.735 1.00 42.55  ?  7   GLU B CB   1 
ATOM   807  C  CG   . GLU B 1 9  ? 16.254  0.683   -14.856 1.00 64.85  ?  7   GLU B CG   1 
ATOM   808  C  CD   . GLU B 1 9  ? 17.322  1.752   -15.026 1.00 92.01  ?  7   GLU B CD   1 
ATOM   809  O  OE1  . GLU B 1 9  ? 17.006  2.950   -14.865 1.00 95.77  ?  7   GLU B OE1  1 
ATOM   810  O  OE2  . GLU B 1 9  ? 18.480  1.392   -15.334 1.00 96.99  ?  7   GLU B OE2  1 
ATOM   811  H  H    . GLU B 1 9  ? 14.143  0.312   -16.859 1.00 50.42  ?  7   GLU B H    1 
ATOM   812  H  HA   . GLU B 1 9  ? 13.982  -0.558  -14.397 1.00 50.85  ?  7   GLU B HA   1 
ATOM   813  H  HB2  . GLU B 1 9  ? 14.756  1.949   -15.410 1.00 51.06  ?  7   GLU B HB2  1 
ATOM   814  H  HB3  . GLU B 1 9  ? 14.767  1.650   -13.851 1.00 51.06  ?  7   GLU B HB3  1 
ATOM   815  H  HG2  . GLU B 1 9  ? 16.459  0.181   -14.052 1.00 77.83  ?  7   GLU B HG2  1 
ATOM   816  H  HG3  . GLU B 1 9  ? 16.225  -0.097  -15.430 1.00 77.83  ?  7   GLU B HG3  1 
ATOM   817  N  N    . LEU B 1 10 ? 11.769  1.582   -15.236 1.00 37.16  ?  8   LEU B N    1 
ATOM   818  C  CA   . LEU B 1 10 ? 10.426  2.050   -14.924 1.00 41.41  ?  8   LEU B CA   1 
ATOM   819  C  C    . LEU B 1 10 ? 9.511   0.871   -14.644 1.00 41.10  ?  8   LEU B C    1 
ATOM   820  O  O    . LEU B 1 10 ? 8.833   0.832   -13.619 1.00 37.90  ?  8   LEU B O    1 
ATOM   821  C  CB   . LEU B 1 10 ? 9.848   2.882   -16.069 1.00 46.87  ?  8   LEU B CB   1 
ATOM   822  C  CG   . LEU B 1 10 ? 10.239  4.357   -16.134 1.00 56.44  ?  8   LEU B CG   1 
ATOM   823  C  CD1  . LEU B 1 10 ? 9.684   4.983   -17.408 1.00 55.13  ?  8   LEU B CD1  1 
ATOM   824  C  CD2  . LEU B 1 10 ? 9.748   5.103   -14.898 1.00 61.05  ?  8   LEU B CD2  1 
ATOM   825  H  H    . LEU B 1 10 ? 12.082  1.879   -15.979 1.00 44.60  ?  8   LEU B H    1 
ATOM   826  H  HA   . LEU B 1 10 ? 10.457  2.607   -14.129 1.00 49.69  ?  8   LEU B HA   1 
ATOM   827  H  HB2  . LEU B 1 10 ? 10.128  2.477   -16.905 1.00 56.24  ?  8   LEU B HB2  1 
ATOM   828  H  HB3  . LEU B 1 10 ? 8.881   2.846   -16.007 1.00 56.24  ?  8   LEU B HB3  1 
ATOM   829  H  HG   . LEU B 1 10 ? 11.206  4.427   -16.162 1.00 67.73  ?  8   LEU B HG   1 
ATOM   830  H  HD11 . LEU B 1 10 ? 9.939   5.919   -17.437 1.00 66.16  ?  8   LEU B HD11 1 
ATOM   831  H  HD12 . LEU B 1 10 ? 10.050  4.517   -18.175 1.00 66.16  ?  8   LEU B HD12 1 
ATOM   832  H  HD13 . LEU B 1 10 ? 8.716   4.904   -17.403 1.00 66.16  ?  8   LEU B HD13 1 
ATOM   833  H  HD21 . LEU B 1 10 ? 10.008  6.035   -14.966 1.00 73.26  ?  8   LEU B HD21 1 
ATOM   834  H  HD22 . LEU B 1 10 ? 8.780   5.033   -14.852 1.00 73.26  ?  8   LEU B HD22 1 
ATOM   835  H  HD23 . LEU B 1 10 ? 10.146  4.704   -14.109 1.00 73.26  ?  8   LEU B HD23 1 
ATOM   836  N  N    . LEU B 1 11 ? 9.510   -0.095  -15.557 1.00 44.27  ?  9   LEU B N    1 
ATOM   837  C  CA   . LEU B 1 11 ? 8.675   -1.275  -15.410 1.00 42.87  ?  9   LEU B CA   1 
ATOM   838  C  C    . LEU B 1 11 ? 8.995   -2.019  -14.124 1.00 38.64  ?  9   LEU B C    1 
ATOM   839  O  O    . LEU B 1 11 ? 8.089   -2.421  -13.389 1.00 36.38  ?  9   LEU B O    1 
ATOM   840  C  CB   . LEU B 1 11 ? 8.854   -2.209  -16.604 1.00 36.17  ?  9   LEU B CB   1 
ATOM   841  C  CG   . LEU B 1 11 ? 7.797   -3.306  -16.705 1.00 42.50  ?  9   LEU B CG   1 
ATOM   842  C  CD1  . LEU B 1 11 ? 6.405   -2.716  -16.866 1.00 40.76  ?  9   LEU B CD1  1 
ATOM   843  C  CD2  . LEU B 1 11 ? 8.130   -4.195  -17.867 1.00 50.94  ?  9   LEU B CD2  1 
ATOM   844  H  H    . LEU B 1 11 ? 9.988   -0.089  -16.272 1.00 53.13  ?  9   LEU B H    1 
ATOM   845  H  HA   . LEU B 1 11 ? 7.744   -1.003  -15.378 1.00 51.44  ?  9   LEU B HA   1 
ATOM   846  H  HB2  . LEU B 1 11 ? 8.814   -1.684  -17.418 1.00 43.40  ?  9   LEU B HB2  1 
ATOM   847  H  HB3  . LEU B 1 11 ? 9.721   -2.640  -16.534 1.00 43.40  ?  9   LEU B HB3  1 
ATOM   848  H  HG   . LEU B 1 11 ? 7.810   -3.842  -15.897 1.00 51.00  ?  9   LEU B HG   1 
ATOM   849  H  HD11 . LEU B 1 11 ? 5.762   -3.438  -16.928 1.00 48.91  ?  9   LEU B HD11 1 
ATOM   850  H  HD12 . LEU B 1 11 ? 6.207   -2.160  -16.097 1.00 48.91  ?  9   LEU B HD12 1 
ATOM   851  H  HD13 . LEU B 1 11 ? 6.381   -2.181  -17.675 1.00 48.91  ?  9   LEU B HD13 1 
ATOM   852  H  HD21 . LEU B 1 11 ? 7.459   -4.893  -17.932 1.00 61.12  ?  9   LEU B HD21 1 
ATOM   853  H  HD22 . LEU B 1 11 ? 8.136   -3.664  -18.678 1.00 61.12  ?  9   LEU B HD22 1 
ATOM   854  H  HD23 . LEU B 1 11 ? 9.004   -4.589  -17.722 1.00 61.12  ?  9   LEU B HD23 1 
ATOM   855  N  N    . PHE B 1 12 ? 10.282  -2.207  -13.854 1.00 37.98  ?  10  PHE B N    1 
ATOM   856  C  CA   . PHE B 1 12 ? 10.702  -2.883  -12.630 1.00 44.82  ?  10  PHE B CA   1 
ATOM   857  C  C    . PHE B 1 12 ? 10.161  -2.170  -11.390 1.00 46.57  ?  10  PHE B C    1 
ATOM   858  O  O    . PHE B 1 12 ? 9.468   -2.777  -10.554 1.00 43.43  ?  10  PHE B O    1 
ATOM   859  C  CB   . PHE B 1 12 ? 12.225  -2.973  -12.566 1.00 46.28  ?  10  PHE B CB   1 
ATOM   860  C  CG   . PHE B 1 12 ? 12.735  -3.781  -11.405 1.00 53.49  ?  10  PHE B CG   1 
ATOM   861  C  CD1  . PHE B 1 12 ? 12.586  -5.156  -11.389 1.00 60.41  ?  10  PHE B CD1  1 
ATOM   862  C  CD2  . PHE B 1 12 ? 13.361  -3.167  -10.332 1.00 53.91  ?  10  PHE B CD2  1 
ATOM   863  C  CE1  . PHE B 1 12 ? 13.050  -5.906  -10.325 1.00 65.78  ?  10  PHE B CE1  1 
ATOM   864  C  CE2  . PHE B 1 12 ? 13.829  -3.913  -9.265  1.00 56.62  ?  10  PHE B CE2  1 
ATOM   865  C  CZ   . PHE B 1 12 ? 13.674  -5.282  -9.262  1.00 63.77  ?  10  PHE B CZ   1 
ATOM   866  H  H    . PHE B 1 12 ? 10.930  -1.954  -14.361 1.00 45.58  ?  10  PHE B H    1 
ATOM   867  H  HA   . PHE B 1 12 ? 10.348  -3.786  -12.633 1.00 53.78  ?  10  PHE B HA   1 
ATOM   868  H  HB2  . PHE B 1 12 ? 12.549  -3.387  -13.380 1.00 55.53  ?  10  PHE B HB2  1 
ATOM   869  H  HB3  . PHE B 1 12 ? 12.589  -2.077  -12.485 1.00 55.53  ?  10  PHE B HB3  1 
ATOM   870  H  HD1  . PHE B 1 12 ? 12.167  -5.582  -12.103 1.00 72.49  ?  10  PHE B HD1  1 
ATOM   871  H  HD2  . PHE B 1 12 ? 13.468  -2.244  -10.330 1.00 64.69  ?  10  PHE B HD2  1 
ATOM   872  H  HE1  . PHE B 1 12 ? 12.945  -6.830  -10.325 1.00 78.94  ?  10  PHE B HE1  1 
ATOM   873  H  HE2  . PHE B 1 12 ? 14.247  -3.489  -8.551  1.00 67.94  ?  10  PHE B HE2  1 
ATOM   874  H  HZ   . PHE B 1 12 ? 13.987  -5.785  -8.545  1.00 76.53  ?  10  PHE B HZ   1 
ATOM   875  N  N    . LYS B 1 13 ? 10.474  -0.879  -11.285 1.00 46.35  ?  11  LYS B N    1 
ATOM   876  C  CA   . LYS B 1 13 ? 9.981   -0.055  -10.182 1.00 43.83  ?  11  LYS B CA   1 
ATOM   877  C  C    . LYS B 1 13 ? 8.470   -0.214  -10.034 1.00 40.82  ?  11  LYS B C    1 
ATOM   878  O  O    . LYS B 1 13 ? 7.960   -0.471  -8.937  1.00 35.25  ?  11  LYS B O    1 
ATOM   879  C  CB   . LYS B 1 13 ? 10.334  1.417   -10.403 1.00 45.74  ?  11  LYS B CB   1 
ATOM   880  C  CG   . LYS B 1 13 ? 11.566  1.883   -9.651  1.00 54.96  ?  11  LYS B CG   1 
ATOM   881  C  CD   . LYS B 1 13 ? 11.215  2.379   -8.257  1.00 73.99  ?  11  LYS B CD   1 
ATOM   882  C  CE   . LYS B 1 13 ? 12.446  2.913   -7.540  1.00 88.16  ?  11  LYS B CE   1 
ATOM   883  N  NZ   . LYS B 1 13 ? 12.138  3.371   -6.156  1.00 90.61  ?  11  LYS B NZ   1 
ATOM   884  H  H    . LYS B 1 13 ? 10.972  -0.454  -11.842 1.00 55.62  ?  11  LYS B H    1 
ATOM   885  H  HA   . LYS B 1 13 ? 10.397  -0.347  -9.356  1.00 52.60  ?  11  LYS B HA   1 
ATOM   886  H  HB2  . LYS B 1 13 ? 10.494  1.560   -11.349 1.00 54.88  ?  11  LYS B HB2  1 
ATOM   887  H  HB3  . LYS B 1 13 ? 9.587   1.964   -10.112 1.00 54.88  ?  11  LYS B HB3  1 
ATOM   888  H  HG2  . LYS B 1 13 ? 12.185  1.141   -9.563  1.00 65.95  ?  11  LYS B HG2  1 
ATOM   889  H  HG3  . LYS B 1 13 ? 11.981  2.612   -10.138 1.00 65.95  ?  11  LYS B HG3  1 
ATOM   890  H  HD2  . LYS B 1 13 ? 10.566  3.097   -8.324  1.00 88.79  ?  11  LYS B HD2  1 
ATOM   891  H  HD3  . LYS B 1 13 ? 10.853  1.646   -7.735  1.00 88.79  ?  11  LYS B HD3  1 
ATOM   892  H  HE2  . LYS B 1 13 ? 13.111  2.210   -7.483  1.00 105.79 ?  11  LYS B HE2  1 
ATOM   893  H  HE3  . LYS B 1 13 ? 12.801  3.669   -8.034  1.00 105.79 ?  11  LYS B HE3  1 
ATOM   894  H  HZ1  . LYS B 1 13 ? 12.876  3.677   -5.765  1.00 108.73 ?  11  LYS B HZ1  1 
ATOM   895  H  HZ2  . LYS B 1 13 ? 11.531  4.024   -6.179  1.00 108.73 ?  11  LYS B HZ2  1 
ATOM   896  H  HZ3  . LYS B 1 13 ? 11.815  2.694   -5.676  1.00 108.73 ?  11  LYS B HZ3  1 
ATOM   897  N  N    . LEU B 1 14 ? 7.765   -0.077  -11.155 1.00 39.74  ?  12  LEU B N    1 
ATOM   898  C  CA   . LEU B 1 14 ? 6.313   -0.218  -11.177 1.00 39.56  ?  12  LEU B CA   1 
ATOM   899  C  C    . LEU B 1 14 ? 5.892   -1.559  -10.576 1.00 48.50  ?  12  LEU B C    1 
ATOM   900  O  O    . LEU B 1 14 ? 5.022   -1.614  -9.701  1.00 48.06  ?  12  LEU B O    1 
ATOM   901  C  CB   . LEU B 1 14 ? 5.782   -0.108  -12.605 1.00 31.10  ?  12  LEU B CB   1 
ATOM   902  C  CG   . LEU B 1 14 ? 4.493   0.677   -12.860 1.00 33.25  ?  12  LEU B CG   1 
ATOM   903  C  CD1  . LEU B 1 14 ? 3.872   0.195   -14.165 1.00 38.40  ?  12  LEU B CD1  1 
ATOM   904  C  CD2  . LEU B 1 14 ? 3.491   0.586   -11.710 1.00 33.13  ?  12  LEU B CD2  1 
ATOM   905  H  H    . LEU B 1 14 ? 8.109   0.099   -11.924 1.00 47.69  ?  12  LEU B H    1 
ATOM   906  H  HA   . LEU B 1 14 ? 5.915   0.491   -10.649 1.00 47.47  ?  12  LEU B HA   1 
ATOM   907  H  HB2  . LEU B 1 14 ? 6.472   0.308   -13.145 1.00 37.32  ?  12  LEU B HB2  1 
ATOM   908  H  HB3  . LEU B 1 14 ? 5.629   -1.008  -12.933 1.00 37.32  ?  12  LEU B HB3  1 
ATOM   909  H  HG   . LEU B 1 14 ? 4.721   1.614   -12.974 1.00 39.90  ?  12  LEU B HG   1 
ATOM   910  H  HD11 . LEU B 1 14 ? 3.055   0.691   -14.328 1.00 46.09  ?  12  LEU B HD11 1 
ATOM   911  H  HD12 . LEU B 1 14 ? 4.500   0.345   -14.888 1.00 46.09  ?  12  LEU B HD12 1 
ATOM   912  H  HD13 . LEU B 1 14 ? 3.674   -0.752  -14.089 1.00 46.09  ?  12  LEU B HD13 1 
ATOM   913  H  HD21 . LEU B 1 14 ? 2.702   1.103   -11.937 1.00 39.76  ?  12  LEU B HD21 1 
ATOM   914  H  HD22 . LEU B 1 14 ? 3.249   -0.344  -11.575 1.00 39.76  ?  12  LEU B HD22 1 
ATOM   915  H  HD23 . LEU B 1 14 ? 3.901   0.942   -10.906 1.00 39.76  ?  12  LEU B HD23 1 
ATOM   916  N  N    . ALA B 1 15 ? 6.518   -2.636  -11.048 1.00 48.68  ?  13  ALA B N    1 
ATOM   917  C  CA   . ALA B 1 15 ? 6.228   -3.975  -10.536 1.00 43.45  ?  13  ALA B CA   1 
ATOM   918  C  C    . ALA B 1 15 ? 6.392   -4.014  -9.016  1.00 41.31  ?  13  ALA B C    1 
ATOM   919  O  O    . ALA B 1 15 ? 5.502   -4.489  -8.278  1.00 38.62  ?  13  ALA B O    1 
ATOM   920  C  CB   . ALA B 1 15 ? 7.132   -5.005  -11.193 1.00 43.43  ?  13  ALA B CB   1 
ATOM   921  H  H    . ALA B 1 15 ? 7.115   -2.619  -11.667 1.00 58.42  ?  13  ALA B H    1 
ATOM   922  H  HA   . ALA B 1 15 ? 5.308   -4.203  -10.746 1.00 52.14  ?  13  ALA B HA   1 
ATOM   923  H  HB1  . ALA B 1 15 ? 6.921   -5.883  -10.838 1.00 52.11  ?  13  ALA B HB1  1 
ATOM   924  H  HB2  . ALA B 1 15 ? 6.982   -4.992  -12.151 1.00 52.11  ?  13  ALA B HB2  1 
ATOM   925  H  HB3  . ALA B 1 15 ? 8.056   -4.784  -10.998 1.00 52.11  ?  13  ALA B HB3  1 
ATOM   926  N  N    . GLN B 1 16 ? 7.529   -3.496  -8.552  1.00 42.38  ?  14  GLN B N    1 
ATOM   927  C  CA   . GLN B 1 16 ? 7.797   -3.441  -7.118  1.00 44.47  ?  14  GLN B CA   1 
ATOM   928  C  C    . GLN B 1 16 ? 6.681   -2.697  -6.372  1.00 42.64  ?  14  GLN B C    1 
ATOM   929  O  O    . GLN B 1 16 ? 6.149   -3.198  -5.372  1.00 37.41  ?  14  GLN B O    1 
ATOM   930  C  CB   . GLN B 1 16 ? 9.154   -2.782  -6.845  1.00 45.29  ?  14  GLN B CB   1 
ATOM   931  C  CG   . GLN B 1 16 ? 10.328  -3.466  -7.541  1.00 50.91  ?  14  GLN B CG   1 
ATOM   932  C  CD   . GLN B 1 16 ? 11.614  -3.411  -6.735  1.00 59.96  ?  14  GLN B CD   1 
ATOM   933  O  OE1  . GLN B 1 16 ? 12.234  -4.442  -6.470  1.00 63.47  ?  14  GLN B OE1  1 
ATOM   934  N  NE2  . GLN B 1 16 ? 12.033  -2.206  -6.359  1.00 61.21  ?  14  GLN B NE2  1 
ATOM   935  H  H    . GLN B 1 16 ? 8.157   -3.173  -9.044  1.00 50.86  ?  14  GLN B H    1 
ATOM   936  H  HA   . GLN B 1 16 ? 7.832   -4.347  -6.771  1.00 53.36  ?  14  GLN B HA   1 
ATOM   937  H  HB2  . GLN B 1 16 ? 9.122   -1.862  -7.153  1.00 54.35  ?  14  GLN B HB2  1 
ATOM   938  H  HB3  . GLN B 1 16 ? 9.324   -2.801  -5.890  1.00 54.35  ?  14  GLN B HB3  1 
ATOM   939  H  HG2  . GLN B 1 16 ? 10.107  -4.398  -7.688  1.00 61.09  ?  14  GLN B HG2  1 
ATOM   940  H  HG3  . GLN B 1 16 ? 10.489  -3.026  -8.391  1.00 61.09  ?  14  GLN B HG3  1 
ATOM   941  H  HE21 . GLN B 1 16 ? 11.579  -1.508  -6.574  1.00 73.46  ?  14  GLN B HE21 1 
ATOM   942  H  HE22 . GLN B 1 16 ? 12.757  -2.126  -5.902  1.00 73.46  ?  14  GLN B HE22 1 
ATOM   943  N  N    . LYS B 1 17 ? 6.310   -1.518  -6.868  1.00 46.16  ?  15  LYS B N    1 
ATOM   944  C  CA   . LYS B 1 17 ? 5.243   -0.742  -6.232  1.00 45.86  ?  15  LYS B CA   1 
ATOM   945  C  C    . LYS B 1 17 ? 3.910   -1.494  -6.223  1.00 47.44  ?  15  LYS B C    1 
ATOM   946  O  O    . LYS B 1 17 ? 3.188   -1.465  -5.225  1.00 45.68  ?  15  LYS B O    1 
ATOM   947  C  CB   . LYS B 1 17 ? 5.058   0.612   -6.925  1.00 42.25  ?  15  LYS B CB   1 
ATOM   948  C  CG   . LYS B 1 17 ? 6.284   1.512   -6.914  1.00 51.88  ?  15  LYS B CG   1 
ATOM   949  C  CD   . LYS B 1 17 ? 6.879   1.697   -5.522  1.00 55.37  ?  15  LYS B CD   1 
ATOM   950  C  CE   . LYS B 1 17 ? 5.858   2.227   -4.530  1.00 58.72  ?  15  LYS B CE   1 
ATOM   951  N  NZ   . LYS B 1 17 ? 6.513   2.791   -3.315  1.00 62.06  ?  15  LYS B NZ   1 
ATOM   952  H  H    . LYS B 1 17 ? 6.654   -1.148  -7.564  1.00 55.39  ?  15  LYS B H    1 
ATOM   953  H  HA   . LYS B 1 17 ? 5.491   -0.570  -5.310  1.00 55.03  ?  15  LYS B HA   1 
ATOM   954  H  HB2  . LYS B 1 17 ? 4.819   0.454   -7.852  1.00 50.70  ?  15  LYS B HB2  1 
ATOM   955  H  HB3  . LYS B 1 17 ? 4.340   1.090   -6.481  1.00 50.70  ?  15  LYS B HB3  1 
ATOM   956  H  HG2  . LYS B 1 17 ? 6.966   1.120   -7.481  1.00 62.26  ?  15  LYS B HG2  1 
ATOM   957  H  HG3  . LYS B 1 17 ? 6.036   2.387   -7.251  1.00 62.26  ?  15  LYS B HG3  1 
ATOM   958  H  HD2  . LYS B 1 17 ? 7.200   0.842   -5.197  1.00 66.45  ?  15  LYS B HD2  1 
ATOM   959  H  HD3  . LYS B 1 17 ? 7.611   2.331   -5.570  1.00 66.45  ?  15  LYS B HD3  1 
ATOM   960  H  HE2  . LYS B 1 17 ? 5.340   2.932   -4.951  1.00 70.47  ?  15  LYS B HE2  1 
ATOM   961  H  HE3  . LYS B 1 17 ? 5.275   1.503   -4.252  1.00 70.47  ?  15  LYS B HE3  1 
ATOM   962  H  HZ1  . LYS B 1 17 ? 7.050   3.462   -3.544  1.00 74.47  ?  15  LYS B HZ1  1 
ATOM   963  H  HZ2  . LYS B 1 17 ? 5.895   3.095   -2.750  1.00 74.47  ?  15  LYS B HZ2  1 
ATOM   964  H  HZ3  . LYS B 1 17 ? 6.992   2.161   -2.908  1.00 74.47  ?  15  LYS B HZ3  1 
ATOM   965  N  N    . GLU B 1 18 ? 3.577   -2.155  -7.330  1.00 50.07  ?  16  GLU B N    1 
ATOM   966  C  CA   . GLU B 1 18 ? 2.343   -2.935  -7.391  1.00 51.12  ?  16  GLU B CA   1 
ATOM   967  C  C    . GLU B 1 18 ? 2.335   -4.043  -6.333  1.00 54.96  ?  16  GLU B C    1 
ATOM   968  O  O    . GLU B 1 18 ? 1.355   -4.204  -5.586  1.00 51.67  ?  16  GLU B O    1 
ATOM   969  C  CB   . GLU B 1 18 ? 2.155   -3.523  -8.790  1.00 47.89  ?  16  GLU B CB   1 
ATOM   970  C  CG   . GLU B 1 18 ? 1.470   -2.563  -9.759  1.00 61.88  ?  16  GLU B CG   1 
ATOM   971  C  CD   . GLU B 1 18 ? 1.661   -2.938  -11.225 1.00 78.65  ?  16  GLU B CD   1 
ATOM   972  O  OE1  . GLU B 1 18 ? 2.459   -3.857  -11.517 1.00 88.75  ?  16  GLU B OE1  1 
ATOM   973  O  OE2  . GLU B 1 18 ? 1.012   -2.310  -12.091 1.00 72.44  ?  16  GLU B OE2  1 
ATOM   974  H  H    . GLU B 1 18 ? 4.043   -2.170  -8.052  1.00 60.08  ?  16  GLU B H    1 
ATOM   975  H  HA   . GLU B 1 18 ? 1.591   -2.348  -7.212  1.00 61.35  ?  16  GLU B HA   1 
ATOM   976  H  HB2  . GLU B 1 18 ? 3.025   -3.747  -9.157  1.00 57.47  ?  16  GLU B HB2  1 
ATOM   977  H  HB3  . GLU B 1 18 ? 1.608   -4.322  -8.725  1.00 57.47  ?  16  GLU B HB3  1 
ATOM   978  H  HG2  . GLU B 1 18 ? 0.518   -2.558  -9.575  1.00 74.26  ?  16  GLU B HG2  1 
ATOM   979  H  HG3  . GLU B 1 18 ? 1.835   -1.674  -9.629  1.00 74.26  ?  16  GLU B HG3  1 
ATOM   980  N  N    . GLU B 1 19 ? 3.429   -4.800  -6.260  1.00 58.60  ?  17  GLU B N    1 
ATOM   981  C  CA   . GLU B 1 19 ? 3.545   -5.834  -5.227  1.00 59.13  ?  17  GLU B CA   1 
ATOM   982  C  C    . GLU B 1 19 ? 3.427   -5.248  -3.809  1.00 56.92  ?  17  GLU B C    1 
ATOM   983  O  O    . GLU B 1 19 ? 2.699   -5.784  -2.947  1.00 53.02  ?  17  GLU B O    1 
ATOM   984  C  CB   . GLU B 1 19 ? 4.867   -6.590  -5.384  1.00 60.01  ?  17  GLU B CB   1 
ATOM   985  C  CG   . GLU B 1 19 ? 4.853   -7.621  -6.505  1.00 72.07  ?  17  GLU B CG   1 
ATOM   986  C  CD   . GLU B 1 19 ? 3.783   -8.686  -6.308  1.00 83.73  ?  17  GLU B CD   1 
ATOM   987  O  OE1  . GLU B 1 19 ? 3.606   -9.149  -5.161  1.00 83.87  ?  17  GLU B OE1  1 
ATOM   988  O  OE2  . GLU B 1 19 ? 3.110   -9.052  -7.297  1.00 87.56  ?  17  GLU B OE2  1 
ATOM   989  H  H    . GLU B 1 19 ? 4.106   -4.740  -6.786  1.00 70.32  ?  17  GLU B H    1 
ATOM   990  H  HA   . GLU B 1 19 ? 2.824   -6.472  -5.343  1.00 70.95  ?  17  GLU B HA   1 
ATOM   991  H  HB2  . GLU B 1 19 ? 5.571   -5.951  -5.578  1.00 72.01  ?  17  GLU B HB2  1 
ATOM   992  H  HB3  . GLU B 1 19 ? 5.062   -7.054  -4.555  1.00 72.01  ?  17  GLU B HB3  1 
ATOM   993  H  HG2  . GLU B 1 19 ? 4.679   -7.171  -7.346  1.00 86.48  ?  17  GLU B HG2  1 
ATOM   994  H  HG3  . GLU B 1 19 ? 5.715   -8.065  -6.537  1.00 86.48  ?  17  GLU B HG3  1 
ATOM   995  N  N    . GLU B 1 20 ? 4.133   -4.144  -3.569  1.00 53.17  ?  18  GLU B N    1 
ATOM   996  C  CA   . GLU B 1 20 ? 4.043   -3.454  -2.282  1.00 47.10  ?  18  GLU B CA   1 
ATOM   997  C  C    . GLU B 1 20 ? 2.590   -3.094  -1.952  1.00 43.97  ?  18  GLU B C    1 
ATOM   998  O  O    . GLU B 1 20 ? 2.099   -3.390  -0.856  1.00 40.40  ?  18  GLU B O    1 
ATOM   999  C  CB   . GLU B 1 20 ? 4.916   -2.197  -2.284  1.00 49.39  ?  18  GLU B CB   1 
ATOM   1000 C  CG   . GLU B 1 20 ? 4.836   -1.385  -1.002  1.00 57.18  ?  18  GLU B CG   1 
ATOM   1001 C  CD   . GLU B 1 20 ? 5.759   -0.181  -1.021  1.00 61.00  ?  18  GLU B CD   1 
ATOM   1002 O  OE1  . GLU B 1 20 ? 6.181   0.227   -2.123  1.00 60.26  ?  18  GLU B OE1  1 
ATOM   1003 O  OE2  . GLU B 1 20 ? 6.063   0.358   0.064   1.00 64.31  ?  18  GLU B OE2  1 
ATOM   1004 H  H    . GLU B 1 20 ? 4.670   -3.776  -4.131  1.00 63.81  ?  18  GLU B H    1 
ATOM   1005 H  HA   . GLU B 1 20 ? 4.371   -4.044  -1.585  1.00 56.52  ?  18  GLU B HA   1 
ATOM   1006 H  HB2  . GLU B 1 20 ? 5.841   -2.458  -2.411  1.00 59.26  ?  18  GLU B HB2  1 
ATOM   1007 H  HB3  . GLU B 1 20 ? 4.634   -1.623  -3.014  1.00 59.26  ?  18  GLU B HB3  1 
ATOM   1008 H  HG2  . GLU B 1 20 ? 3.928   -1.067  -0.883  1.00 68.62  ?  18  GLU B HG2  1 
ATOM   1009 H  HG3  . GLU B 1 20 ? 5.092   -1.948  -0.254  1.00 68.62  ?  18  GLU B HG3  1 
ATOM   1010 N  N    . SER B 1 21 ? 1.907   -2.457  -2.901  1.00 42.38  ?  19  SER B N    1 
ATOM   1011 C  CA   . SER B 1 21 ? 0.507   -2.088  -2.708  1.00 42.45  ?  19  SER B CA   1 
ATOM   1012 C  C    . SER B 1 21 ? -0.352  -3.316  -2.408  1.00 45.19  ?  19  SER B C    1 
ATOM   1013 O  O    . SER B 1 21 ? -1.206  -3.273  -1.522  1.00 40.66  ?  19  SER B O    1 
ATOM   1014 C  CB   . SER B 1 21 ? -0.038  -1.355  -3.938  1.00 40.62  ?  19  SER B CB   1 
ATOM   1015 O  OG   . SER B 1 21 ? 0.380   -0.001  -3.951  1.00 42.73  ?  19  SER B OG   1 
ATOM   1016 H  H    . SER B 1 21 ? 2.231   -2.226  -3.663  1.00 50.86  ?  19  SER B H    1 
ATOM   1017 H  HA   . SER B 1 21 ? 0.442   -1.487  -1.950  1.00 50.94  ?  19  SER B HA   1 
ATOM   1018 H  HB2  . SER B 1 21 ? 0.292   -1.794  -4.739  1.00 48.75  ?  19  SER B HB2  1 
ATOM   1019 H  HB3  . SER B 1 21 ? -1.007  -1.384  -3.920  1.00 48.75  ?  19  SER B HB3  1 
ATOM   1020 H  HG   . SER B 1 21 ? 1.219   0.040   -3.968  1.00 51.28  ?  19  SER B HG   1 
ATOM   1021 N  N    . LYS B 1 22 ? -0.128  -4.404  -3.142  1.00 48.75  ?  20  LYS B N    1 
ATOM   1022 C  CA   . LYS B 1 22 ? -0.829  -5.663  -2.867  1.00 49.21  ?  20  LYS B CA   1 
ATOM   1023 C  C    . LYS B 1 22 ? -0.648  -6.081  -1.392  1.00 46.94  ?  20  LYS B C    1 
ATOM   1024 O  O    . LYS B 1 22 ? -1.639  -6.251  -0.638  1.00 41.74  ?  20  LYS B O    1 
ATOM   1025 C  CB   . LYS B 1 22 ? -0.329  -6.758  -3.818  1.00 53.60  ?  20  LYS B CB   1 
ATOM   1026 C  CG   . LYS B 1 22 ? -0.993  -8.118  -3.654  1.00 72.01  ?  20  LYS B CG   1 
ATOM   1027 C  CD   . LYS B 1 22 ? -1.726  -8.532  -4.924  1.00 84.77  ?  20  LYS B CD   1 
ATOM   1028 C  CE   . LYS B 1 22 ? -2.161  -9.990  -4.865  1.00 89.79  ?  20  LYS B CE   1 
ATOM   1029 N  NZ   . LYS B 1 22 ? -2.982  -10.402 -6.042  1.00 87.58  ?  20  LYS B NZ   1 
ATOM   1030 H  H    . LYS B 1 22 ? 0.421   -4.443  -3.804  1.00 58.50  ?  20  LYS B H    1 
ATOM   1031 H  HA   . LYS B 1 22 ? -1.778  -5.536  -3.028  1.00 59.05  ?  20  LYS B HA   1 
ATOM   1032 H  HB2  . LYS B 1 22 ? -0.483  -6.466  -4.730  1.00 64.32  ?  20  LYS B HB2  1 
ATOM   1033 H  HB3  . LYS B 1 22 ? 0.623   -6.879  -3.674  1.00 64.32  ?  20  LYS B HB3  1 
ATOM   1034 H  HG2  . LYS B 1 22 ? -0.316  -8.786  -3.462  1.00 86.41  ?  20  LYS B HG2  1 
ATOM   1035 H  HG3  . LYS B 1 22 ? -1.638  -8.076  -2.930  1.00 86.41  ?  20  LYS B HG3  1 
ATOM   1036 H  HD2  . LYS B 1 22 ? -2.519  -7.982  -5.029  1.00 101.72 ?  20  LYS B HD2  1 
ATOM   1037 H  HD3  . LYS B 1 22 ? -1.136  -8.421  -5.685  1.00 101.72 ?  20  LYS B HD3  1 
ATOM   1038 H  HE2  . LYS B 1 22 ? -1.372  -10.553 -4.840  1.00 107.75 ?  20  LYS B HE2  1 
ATOM   1039 H  HE3  . LYS B 1 22 ? -2.693  -10.128 -4.066  1.00 107.75 ?  20  LYS B HE3  1 
ATOM   1040 H  HZ1  . LYS B 1 22 ? -2.515  -10.293 -6.792  1.00 105.09 ?  20  LYS B HZ1  1 
ATOM   1041 H  HZ2  . LYS B 1 22 ? -3.214  -11.257 -5.967  1.00 105.09 ?  20  LYS B HZ2  1 
ATOM   1042 H  HZ3  . LYS B 1 22 ? -3.720  -9.905  -6.087  1.00 105.09 ?  20  LYS B HZ3  1 
ATOM   1043 N  N    . GLU B 1 23 ? 0.612   -6.221  -0.976  1.00 44.31  ?  21  GLU B N    1 
ATOM   1044 C  CA   . GLU B 1 23 ? 0.909   -6.576  0.418   1.00 44.75  ?  21  GLU B CA   1 
ATOM   1045 C  C    . GLU B 1 23 ? 0.206   -5.642  1.421   1.00 47.71  ?  21  GLU B C    1 
ATOM   1046 O  O    . GLU B 1 23 ? -0.497  -6.097  2.342   1.00 46.71  ?  21  GLU B O    1 
ATOM   1047 C  CB   . GLU B 1 23 ? 2.421   -6.557  0.665   1.00 51.09  ?  21  GLU B CB   1 
ATOM   1048 C  CG   . GLU B 1 23 ? 3.105   -7.904  0.498   1.00 73.96  ?  21  GLU B CG   1 
ATOM   1049 C  CD   . GLU B 1 23 ? 4.348   -7.832  -0.369  1.00 88.20  ?  21  GLU B CD   1 
ATOM   1050 O  OE1  . GLU B 1 23 ? 5.235   -7.000  -0.077  1.00 86.21  ?  21  GLU B OE1  1 
ATOM   1051 O  OE2  . GLU B 1 23 ? 4.437   -8.607  -1.346  1.00 92.50  ?  21  GLU B OE2  1 
ATOM   1052 H  H    . GLU B 1 23 ? 1.308   -6.118  -1.473  1.00 53.17  ?  21  GLU B H    1 
ATOM   1053 H  HA   . GLU B 1 23 ? 0.593   -7.478  0.584   1.00 53.70  ?  21  GLU B HA   1 
ATOM   1054 H  HB2  . GLU B 1 23 ? 2.829   -5.940  0.038   1.00 61.31  ?  21  GLU B HB2  1 
ATOM   1055 H  HB3  . GLU B 1 23 ? 2.583   -6.255  1.573   1.00 61.31  ?  21  GLU B HB3  1 
ATOM   1056 H  HG2  . GLU B 1 23 ? 3.366   -8.235  1.371   1.00 88.75  ?  21  GLU B HG2  1 
ATOM   1057 H  HG3  . GLU B 1 23 ? 2.485   -8.522  0.081   1.00 88.75  ?  21  GLU B HG3  1 
ATOM   1058 N  N    . LEU B 1 24 ? 0.390   -4.337  1.234   1.00 47.37  ?  22  LEU B N    1 
ATOM   1059 C  CA   . LEU B 1 24 ? -0.206  -3.350  2.133   1.00 40.39  ?  22  LEU B CA   1 
ATOM   1060 C  C    . LEU B 1 24 ? -1.729  -3.489  2.201   1.00 41.21  ?  22  LEU B C    1 
ATOM   1061 O  O    . LEU B 1 24 ? -2.310  -3.484  3.290   1.00 44.41  ?  22  LEU B O    1 
ATOM   1062 C  CB   . LEU B 1 24 ? 0.189   -1.938  1.695   1.00 34.27  ?  22  LEU B CB   1 
ATOM   1063 C  CG   . LEU B 1 24 ? 1.687   -1.646  1.823   1.00 37.51  ?  22  LEU B CG   1 
ATOM   1064 C  CD1  . LEU B 1 24 ? 2.027   -0.330  1.144   1.00 44.91  ?  22  LEU B CD1  1 
ATOM   1065 C  CD2  . LEU B 1 24 ? 2.120   -1.627  3.286   1.00 32.42  ?  22  LEU B CD2  1 
ATOM   1066 H  H    . LEU B 1 24 ? 0.854   -3.997  0.595   1.00 56.85  ?  22  LEU B H    1 
ATOM   1067 H  HA   . LEU B 1 24 ? 0.144   -3.491  3.026   1.00 48.47  ?  22  LEU B HA   1 
ATOM   1068 H  HB2  . LEU B 1 24 ? -0.058  -1.819  0.765   1.00 41.12  ?  22  LEU B HB2  1 
ATOM   1069 H  HB3  . LEU B 1 24 ? -0.286  -1.296  2.246   1.00 41.12  ?  22  LEU B HB3  1 
ATOM   1070 H  HG   . LEU B 1 24 ? 2.183   -2.350  1.376   1.00 45.01  ?  22  LEU B HG   1 
ATOM   1071 H  HD11 . LEU B 1 24 ? 2.978   -0.164  1.236   1.00 53.89  ?  22  LEU B HD11 1 
ATOM   1072 H  HD12 . LEU B 1 24 ? 1.790   -0.391  0.205   1.00 53.89  ?  22  LEU B HD12 1 
ATOM   1073 H  HD13 . LEU B 1 24 ? 1.523   0.383   1.567   1.00 53.89  ?  22  LEU B HD13 1 
ATOM   1074 H  HD21 . LEU B 1 24 ? 3.070   -1.440  3.331   1.00 38.90  ?  22  LEU B HD21 1 
ATOM   1075 H  HD22 . LEU B 1 24 ? 1.624   -0.936  3.753   1.00 38.90  ?  22  LEU B HD22 1 
ATOM   1076 H  HD23 . LEU B 1 24 ? 1.933   -2.493  3.682   1.00 38.90  ?  22  LEU B HD23 1 
ATOM   1077 N  N    . SER B 1 25 ? -2.365  -3.621  1.041   1.00 40.89  ?  23  SER B N    1 
ATOM   1078 C  CA   . SER B 1 25 ? -3.807  -3.820  0.979   1.00 40.80  ?  23  SER B CA   1 
ATOM   1079 C  C    . SER B 1 25 ? -4.218  -5.039  1.798   1.00 45.40  ?  23  SER B C    1 
ATOM   1080 O  O    . SER B 1 25 ? -5.182  -4.986  2.576   1.00 46.40  ?  23  SER B O    1 
ATOM   1081 C  CB   A SER B 1 25 ? -4.259  -3.991  -0.469  0.50 38.26  ?  23  SER B CB   1 
ATOM   1082 C  CB   B SER B 1 25 ? -4.293  -3.947  -0.455  0.50 38.48  ?  23  SER B CB   1 
ATOM   1083 O  OG   A SER B 1 25 ? -5.667  -3.894  -0.580  0.50 35.77  ?  23  SER B OG   1 
ATOM   1084 O  OG   B SER B 1 25 ? -3.950  -2.798  -1.209  0.50 41.69  ?  23  SER B OG   1 
ATOM   1085 H  H    . SER B 1 25 ? -1.981  -3.599  0.272   1.00 49.07  ?  23  SER B H    1 
ATOM   1086 H  HA   . SER B 1 25 ? -4.254  -3.041  1.347   1.00 48.96  ?  23  SER B HA   1 
ATOM   1087 H  HB2  A SER B 1 25 ? -3.852  -3.295  -1.010  0.50 45.91  ?  23  SER B HB2  1 
ATOM   1088 H  HB2  B SER B 1 25 ? -3.873  -4.724  -0.856  0.50 46.18  ?  23  SER B HB2  1 
ATOM   1089 H  HB3  A SER B 1 25 ? -3.977  -4.863  -0.787  0.50 45.91  ?  23  SER B HB3  1 
ATOM   1090 H  HB3  B SER B 1 25 ? -5.256  -4.058  -0.463  0.50 46.18  ?  23  SER B HB3  1 
ATOM   1091 H  HG   A SER B 1 25 ? -5.925  -3.143  -0.308  0.50 42.92  ?  23  SER B HG   1 
ATOM   1092 H  HG   B SER B 1 25 ? -3.532  -3.025  -1.904  0.50 50.03  ?  23  SER B HG   1 
ATOM   1093 N  N    . ALA B 1 26 ? -3.497  -6.137  1.611   1.00 42.65  ?  24  ALA B N    1 
ATOM   1094 C  CA   . ALA B 1 26 ? -3.727  -7.346  2.409   1.00 44.02  ?  24  ALA B CA   1 
ATOM   1095 C  C    . ALA B 1 26 ? -3.663  -7.024  3.913   1.00 43.69  ?  24  ALA B C    1 
ATOM   1096 O  O    . ALA B 1 26 ? -4.561  -7.388  4.697   1.00 39.09  ?  24  ALA B O    1 
ATOM   1097 C  CB   . ALA B 1 26 ? -2.724  -8.429  2.052   1.00 41.40  ?  24  ALA B CB   1 
ATOM   1098 H  H    . ALA B 1 26 ? -2.868  -6.213  1.030   1.00 51.18  ?  24  ALA B H    1 
ATOM   1099 H  HA   . ALA B 1 26 ? -4.615  -7.687  2.215   1.00 52.83  ?  24  ALA B HA   1 
ATOM   1100 H  HB1  . ALA B 1 26 ? -2.901  -9.214  2.593   1.00 49.67  ?  24  ALA B HB1  1 
ATOM   1101 H  HB2  . ALA B 1 26 ? -2.818  -8.648  1.112   1.00 49.67  ?  24  ALA B HB2  1 
ATOM   1102 H  HB3  . ALA B 1 26 ? -1.829  -8.100  2.227   1.00 49.67  ?  24  ALA B HB3  1 
ATOM   1103 N  N    . GLN B 1 27 ? -2.599  -6.324  4.308   1.00 44.32  ?  25  GLN B N    1 
ATOM   1104 C  CA   . GLN B 1 27 ? -2.468  -5.891  5.706   1.00 37.94  ?  25  GLN B CA   1 
ATOM   1105 C  C    . GLN B 1 27 ? -3.655  -5.052  6.192   1.00 36.82  ?  25  GLN B C    1 
ATOM   1106 O  O    . GLN B 1 27 ? -4.174  -5.289  7.286   1.00 36.46  ?  25  GLN B O    1 
ATOM   1107 C  CB   . GLN B 1 27 ? -1.177  -5.103  5.912   1.00 29.90  ?  25  GLN B CB   1 
ATOM   1108 C  CG   . GLN B 1 27 ? 0.075   -5.934  5.711   1.00 37.28  ?  25  GLN B CG   1 
ATOM   1109 C  CD   . GLN B 1 27 ? 1.343   -5.204  6.102   1.00 54.68  ?  25  GLN B CD   1 
ATOM   1110 O  OE1  . GLN B 1 27 ? 1.395   -4.520  7.124   1.00 63.00  ?  25  GLN B OE1  1 
ATOM   1111 N  NE2  . GLN B 1 27 ? 2.379   -5.351  5.284   1.00 57.36  ?  25  GLN B NE2  1 
ATOM   1112 H  H    . GLN B 1 27 ? -1.947  -6.090  3.799   1.00 53.18  ?  25  GLN B H    1 
ATOM   1113 H  HA   . GLN B 1 27 ? -2.422  -6.681  6.268   1.00 45.53  ?  25  GLN B HA   1 
ATOM   1114 H  HB2  . GLN B 1 27 ? -1.152  -4.371  5.277   1.00 35.88  ?  25  GLN B HB2  1 
ATOM   1115 H  HB3  . GLN B 1 27 ? -1.162  -4.757  6.817   1.00 35.88  ?  25  GLN B HB3  1 
ATOM   1116 H  HG2  . GLN B 1 27 ? 0.012   -6.735  6.256   1.00 44.73  ?  25  GLN B HG2  1 
ATOM   1117 H  HG3  . GLN B 1 27 ? 0.145   -6.177  4.775   1.00 44.73  ?  25  GLN B HG3  1 
ATOM   1118 H  HE21 . GLN B 1 27 ? 2.306   -5.839  4.581   1.00 68.83  ?  25  GLN B HE21 1 
ATOM   1119 H  HE22 . GLN B 1 27 ? 3.123   -4.958  5.459   1.00 68.83  ?  25  GLN B HE22 1 
ATOM   1120 N  N    . VAL B 1 28 ? -4.082  -4.071  5.398   1.00 41.96  ?  26  VAL B N    1 
ATOM   1121 C  CA   . VAL B 1 28 ? -5.221  -3.242  5.791   1.00 42.99  ?  26  VAL B CA   1 
ATOM   1122 C  C    . VAL B 1 28 ? -6.464  -4.117  5.968   1.00 41.59  ?  26  VAL B C    1 
ATOM   1123 O  O    . VAL B 1 28 ? -7.206  -3.955  6.942   1.00 37.27  ?  26  VAL B O    1 
ATOM   1124 C  CB   . VAL B 1 28 ? -5.502  -2.119  4.766   1.00 40.72  ?  26  VAL B CB   1 
ATOM   1125 C  CG1  . VAL B 1 28 ? -6.787  -1.357  5.118   1.00 47.60  ?  26  VAL B CG1  1 
ATOM   1126 C  CG2  . VAL B 1 28 ? -4.323  -1.164  4.709   1.00 29.95  ?  26  VAL B CG2  1 
ATOM   1127 H  H    . VAL B 1 28 ? -3.734  -3.867  4.638   1.00 50.36  ?  26  VAL B H    1 
ATOM   1128 H  HA   . VAL B 1 28 ? -5.026  -2.825  6.645   1.00 51.59  ?  26  VAL B HA   1 
ATOM   1129 H  HB   . VAL B 1 28 ? -5.615  -2.512  3.887   1.00 48.86  ?  26  VAL B HB   1 
ATOM   1130 H  HG11 . VAL B 1 28 ? -6.931  -0.662  4.456   1.00 57.12  ?  26  VAL B HG11 1 
ATOM   1131 H  HG12 . VAL B 1 28 ? -7.532  -1.977  5.114   1.00 57.12  ?  26  VAL B HG12 1 
ATOM   1132 H  HG13 . VAL B 1 28 ? -6.688  -0.961  5.997   1.00 57.12  ?  26  VAL B HG13 1 
ATOM   1133 H  HG21 . VAL B 1 28 ? -4.515  -0.466  4.062   1.00 35.95  ?  26  VAL B HG21 1 
ATOM   1134 H  HG22 . VAL B 1 28 ? -4.189  -0.775  5.586   1.00 35.95  ?  26  VAL B HG22 1 
ATOM   1135 H  HG23 . VAL B 1 28 ? -3.531  -1.656  4.440   1.00 35.95  ?  26  VAL B HG23 1 
ATOM   1136 N  N    . GLU B 1 29 ? -6.691  -5.045  5.041   1.00 48.52  ?  27  GLU B N    1 
ATOM   1137 C  CA   . GLU B 1 29 ? -7.795  -5.990  5.212   1.00 51.06  ?  27  GLU B CA   1 
ATOM   1138 C  C    . GLU B 1 29 ? -7.708  -6.736  6.556   1.00 45.97  ?  27  GLU B C    1 
ATOM   1139 O  O    . GLU B 1 29 ? -8.662  -6.722  7.361   1.00 42.64  ?  27  GLU B O    1 
ATOM   1140 C  CB   . GLU B 1 29 ? -7.826  -6.999  4.064   1.00 51.49  ?  27  GLU B CB   1 
ATOM   1141 C  CG   . GLU B 1 29 ? -8.712  -6.596  2.889   1.00 68.72  ?  27  GLU B CG   1 
ATOM   1142 C  CD   . GLU B 1 29 ? -9.446  -7.783  2.281   1.00 89.35  ?  27  GLU B CD   1 
ATOM   1143 O  OE1  . GLU B 1 29 ? -10.278 -8.396  2.984   1.00 92.42  ?  27  GLU B OE1  1 
ATOM   1144 O  OE2  . GLU B 1 29 ? -9.185  -8.109  1.103   1.00 94.90  ?  27  GLU B OE2  1 
ATOM   1145 H  H    . GLU B 1 29 ? -6.233  -5.149  4.320   1.00 58.23  ?  27  GLU B H    1 
ATOM   1146 H  HA   . GLU B 1 29 ? -8.631  -5.500  5.199   1.00 61.28  ?  27  GLU B HA   1 
ATOM   1147 H  HB2  . GLU B 1 29 ? -6.924  -7.112  3.727   1.00 61.79  ?  27  GLU B HB2  1 
ATOM   1148 H  HB3  . GLU B 1 29 ? -8.156  -7.846  4.404   1.00 61.79  ?  27  GLU B HB3  1 
ATOM   1149 H  HG2  . GLU B 1 29 ? -9.375  -5.958  3.196   1.00 82.47  ?  27  GLU B HG2  1 
ATOM   1150 H  HG3  . GLU B 1 29 ? -8.160  -6.197  2.198   1.00 82.47  ?  27  GLU B HG3  1 
ATOM   1151 N  N    . ALA B 1 30 ? -6.567  -7.388  6.792   1.00 41.58  ?  28  ALA B N    1 
ATOM   1152 C  CA   . ALA B 1 30 ? -6.360  -8.126  8.041   1.00 38.77  ?  28  ALA B CA   1 
ATOM   1153 C  C    . ALA B 1 30 ? -6.662  -7.250  9.263   1.00 40.90  ?  28  ALA B C    1 
ATOM   1154 O  O    . ALA B 1 30 ? -7.460  -7.615  10.141  1.00 40.51  ?  28  ALA B O    1 
ATOM   1155 C  CB   . ALA B 1 30 ? -4.928  -8.661  8.113   1.00 38.15  ?  28  ALA B CB   1 
ATOM   1156 H  H    . ALA B 1 30 ? -5.901  -7.417  6.249   1.00 49.90  ?  28  ALA B H    1 
ATOM   1157 H  HA   . ALA B 1 30 ? -6.964  -8.885  8.061   1.00 46.52  ?  28  ALA B HA   1 
ATOM   1158 H  HB1  . ALA B 1 30 ? -4.814  -9.145  8.945   1.00 45.78  ?  28  ALA B HB1  1 
ATOM   1159 H  HB2  . ALA B 1 30 ? -4.776  -9.254  7.360   1.00 45.78  ?  28  ALA B HB2  1 
ATOM   1160 H  HB3  . ALA B 1 30 ? -4.311  -7.915  8.076   1.00 45.78  ?  28  ALA B HB3  1 
ATOM   1161 N  N    . LEU B 1 31 ? -6.036  -6.077  9.299   1.00 43.21  ?  29  LEU B N    1 
ATOM   1162 C  CA   . LEU B 1 31 ? -6.175  -5.168  10.431  1.00 35.00  ?  29  LEU B CA   1 
ATOM   1163 C  C    . LEU B 1 31 ? -7.610  -4.682  10.593  1.00 32.85  ?  29  LEU B C    1 
ATOM   1164 O  O    . LEU B 1 31 ? -8.086  -4.518  11.714  1.00 30.21  ?  29  LEU B O    1 
ATOM   1165 C  CB   . LEU B 1 31 ? -5.228  -3.980  10.268  1.00 33.63  ?  29  LEU B CB   1 
ATOM   1166 C  CG   . LEU B 1 31 ? -3.759  -4.388  10.354  1.00 30.19  ?  29  LEU B CG   1 
ATOM   1167 C  CD1  . LEU B 1 31 ? -2.842  -3.327  9.773   1.00 28.38  ?  29  LEU B CD1  1 
ATOM   1168 C  CD2  . LEU B 1 31 ? -3.378  -4.683  11.796  1.00 24.61  ?  29  LEU B CD2  1 
ATOM   1169 H  H    . LEU B 1 31 ? -5.520  -5.784  8.676   1.00 51.85  ?  29  LEU B H    1 
ATOM   1170 H  HA   . LEU B 1 31 ? -5.927  -5.637  11.243  1.00 42.01  ?  29  LEU B HA   1 
ATOM   1171 H  HB2  . LEU B 1 31 ? -5.378  -3.573  9.400   1.00 40.35  ?  29  LEU B HB2  1 
ATOM   1172 H  HB3  . LEU B 1 31 ? -5.403  -3.337  10.972  1.00 40.35  ?  29  LEU B HB3  1 
ATOM   1173 H  HG   . LEU B 1 31 ? -3.631  -5.202  9.842   1.00 36.23  ?  29  LEU B HG   1 
ATOM   1174 H  HD11 . LEU B 1 31 ? -2.961  -2.502  10.268  1.00 34.06  ?  29  LEU B HD11 1 
ATOM   1175 H  HD12 . LEU B 1 31 ? -1.923  -3.629  9.849   1.00 34.06  ?  29  LEU B HD12 1 
ATOM   1176 H  HD13 . LEU B 1 31 ? -3.069  -3.190  8.841   1.00 34.06  ?  29  LEU B HD13 1 
ATOM   1177 H  HD21 . LEU B 1 31 ? -2.443  -4.940  11.829  1.00 29.54  ?  29  LEU B HD21 1 
ATOM   1178 H  HD22 . LEU B 1 31 ? -3.522  -3.885  12.329  1.00 29.54  ?  29  LEU B HD22 1 
ATOM   1179 H  HD23 . LEU B 1 31 ? -3.933  -5.407  12.126  1.00 29.54  ?  29  LEU B HD23 1 
ATOM   1180 N  N    . GLU B 1 32 ? -8.301  -4.457  9.482   1.00 37.62  ?  30  GLU B N    1 
ATOM   1181 C  CA   . GLU B 1 32 ? -9.699  -4.046  9.551   1.00 41.34  ?  30  GLU B CA   1 
ATOM   1182 C  C    . GLU B 1 32 ? -10.546 -5.158  10.172  1.00 42.68  ?  30  GLU B C    1 
ATOM   1183 O  O    . GLU B 1 32 ? -11.341 -4.901  11.091  1.00 36.05  ?  30  GLU B O    1 
ATOM   1184 C  CB   . GLU B 1 32 ? -10.209 -3.663  8.162   1.00 44.38  ?  30  GLU B CB   1 
ATOM   1185 C  CG   . GLU B 1 32 ? -9.750  -2.283  7.722   1.00 46.79  ?  30  GLU B CG   1 
ATOM   1186 C  CD   . GLU B 1 32 ? -10.219 -1.917  6.326   1.00 52.03  ?  30  GLU B CD   1 
ATOM   1187 O  OE1  . GLU B 1 32 ? -10.531 -2.834  5.538   1.00 57.94  ?  30  GLU B OE1  1 
ATOM   1188 O  OE2  . GLU B 1 32 ? -10.276 -0.710  6.016   1.00 51.03  ?  30  GLU B OE2  1 
ATOM   1189 H  H    . GLU B 1 32 ? -7.990  -4.535  8.684   1.00 45.14  ?  30  GLU B H    1 
ATOM   1190 H  HA   . GLU B 1 32 ? -9.769  -3.264  10.120  1.00 49.61  ?  30  GLU B HA   1 
ATOM   1191 H  HB2  . GLU B 1 32 ? -9.878  -4.308  7.516   1.00 53.25  ?  30  GLU B HB2  1 
ATOM   1192 H  HB3  . GLU B 1 32 ? -11.179 -3.669  8.168   1.00 53.25  ?  30  GLU B HB3  1 
ATOM   1193 H  HG2  . GLU B 1 32 ? -10.105 -1.622  8.338   1.00 56.14  ?  30  GLU B HG2  1 
ATOM   1194 H  HG3  . GLU B 1 32 ? -8.781  -2.255  7.729   1.00 56.14  ?  30  GLU B HG3  1 
ATOM   1195 N  N    . ILE B 1 33 ? -10.352 -6.392  9.703   1.00 46.38  ?  31  ILE B N    1 
ATOM   1196 C  CA   . ILE B 1 33 ? -11.041 -7.529  10.325  1.00 50.34  ?  31  ILE B CA   1 
ATOM   1197 C  C    . ILE B 1 33 ? -10.747 -7.574  11.831  1.00 48.88  ?  31  ILE B C    1 
ATOM   1198 O  O    . ILE B 1 33 ? -11.668 -7.674  12.659  1.00 43.38  ?  31  ILE B O    1 
ATOM   1199 C  CB   . ILE B 1 33 ? -10.645 -8.867  9.672   1.00 52.71  ?  31  ILE B CB   1 
ATOM   1200 C  CG1  . ILE B 1 33 ? -11.201 -8.917  8.248   1.00 55.51  ?  31  ILE B CG1  1 
ATOM   1201 C  CG2  . ILE B 1 33 ? -11.205 -10.042 10.474  1.00 58.93  ?  31  ILE B CG2  1 
ATOM   1202 C  CD1  . ILE B 1 33 ? -10.676 -10.056 7.406   1.00 44.97  ?  31  ILE B CD1  1 
ATOM   1203 H  H    . ILE B 1 33 ? -9.841  -6.597  9.043   1.00 55.65  ?  31  ILE B H    1 
ATOM   1204 H  HA   . ILE B 1 33 ? -11.998 -7.414  10.212  1.00 60.41  ?  31  ILE B HA   1 
ATOM   1205 H  HB   . ILE B 1 33 ? -9.679  -8.934  9.641   1.00 63.26  ?  31  ILE B HB   1 
ATOM   1206 H  HG12 . ILE B 1 33 ? -12.165 -9.006  8.293   1.00 66.61  ?  31  ILE B HG12 1 
ATOM   1207 H  HG13 . ILE B 1 33 ? -10.971 -8.089  7.797   1.00 66.61  ?  31  ILE B HG13 1 
ATOM   1208 H  HG21 . ILE B 1 33 ? -10.943 -10.871 10.043  1.00 70.71  ?  31  ILE B HG21 1 
ATOM   1209 H  HG22 . ILE B 1 33 ? -10.846 -10.008 11.374  1.00 70.71  ?  31  ILE B HG22 1 
ATOM   1210 H  HG23 . ILE B 1 33 ? -12.172 -9.974  10.500  1.00 70.71  ?  31  ILE B HG23 1 
ATOM   1211 H  HD11 . ILE B 1 33 ? -9.712  -9.977  7.334   1.00 53.96  ?  31  ILE B HD11 1 
ATOM   1212 H  HD12 . ILE B 1 33 ? -10.909 -10.896 7.832   1.00 53.96  ?  31  ILE B HD12 1 
ATOM   1213 H  HD13 . ILE B 1 33 ? -11.078 -10.009 6.525   1.00 53.96  ?  31  ILE B HD13 1 
ATOM   1214 N  N    . ILE B 1 34 ? -9.467  -7.477  12.185  1.00 51.51  ?  32  ILE B N    1 
ATOM   1215 C  CA   . ILE B 1 34 ? -9.066  -7.502  13.592  1.00 45.47  ?  32  ILE B CA   1 
ATOM   1216 C  C    . ILE B 1 34 ? -9.760  -6.414  14.416  1.00 44.50  ?  32  ILE B C    1 
ATOM   1217 O  O    . ILE B 1 34 ? -10.371 -6.703  15.451  1.00 43.48  ?  32  ILE B O    1 
ATOM   1218 C  CB   . ILE B 1 34 ? -7.539  -7.343  13.740  1.00 40.20  ?  32  ILE B CB   1 
ATOM   1219 C  CG1  . ILE B 1 34 ? -6.844  -8.616  13.259  1.00 38.50  ?  32  ILE B CG1  1 
ATOM   1220 C  CG2  . ILE B 1 34 ? -7.159  -7.057  15.192  1.00 41.72  ?  32  ILE B CG2  1 
ATOM   1221 C  CD1  . ILE B 1 34 ? -5.331  -8.518  13.176  1.00 29.43  ?  32  ILE B CD1  1 
ATOM   1222 H  H    . ILE B 1 34 ? -8.813  -7.397  11.632  1.00 61.81  ?  32  ILE B H    1 
ATOM   1223 H  HA   . ILE B 1 34 ? -9.311  -8.360  13.970  1.00 54.56  ?  32  ILE B HA   1 
ATOM   1224 H  HB   . ILE B 1 34 ? -7.248  -6.600  13.189  1.00 48.24  ?  32  ILE B HB   1 
ATOM   1225 H  HG12 . ILE B 1 34 ? -7.058  -9.336  13.874  1.00 46.19  ?  32  ILE B HG12 1 
ATOM   1226 H  HG13 . ILE B 1 34 ? -7.174  -8.833  12.373  1.00 46.19  ?  32  ILE B HG13 1 
ATOM   1227 H  HG21 . ILE B 1 34 ? -6.197  -6.963  15.252  1.00 50.06  ?  32  ILE B HG21 1 
ATOM   1228 H  HG22 . ILE B 1 34 ? -7.591  -6.237  15.475  1.00 50.06  ?  32  ILE B HG22 1 
ATOM   1229 H  HG23 . ILE B 1 34 ? -7.455  -7.796  15.746  1.00 50.06  ?  32  ILE B HG23 1 
ATOM   1230 H  HD11 . ILE B 1 34 ? -4.976  -9.365  12.865  1.00 35.32  ?  32  ILE B HD11 1 
ATOM   1231 H  HD12 . ILE B 1 34 ? -5.095  -7.811  12.554  1.00 35.32  ?  32  ILE B HD12 1 
ATOM   1232 H  HD13 . ILE B 1 34 ? -4.979  -8.314  14.057  1.00 35.32  ?  32  ILE B HD13 1 
ATOM   1233 N  N    . VAL B 1 35 ? -9.661  -5.168  13.962  1.00 45.42  ?  33  VAL B N    1 
ATOM   1234 C  CA   . VAL B 1 35 ? -10.240 -4.049  14.694  1.00 44.34  ?  33  VAL B CA   1 
ATOM   1235 C  C    . VAL B 1 35 ? -11.743 -4.264  14.839  1.00 40.27  ?  33  VAL B C    1 
ATOM   1236 O  O    . VAL B 1 35 ? -12.300 -4.067  15.920  1.00 35.67  ?  33  VAL B O    1 
ATOM   1237 C  CB   . VAL B 1 35 ? -9.949  -2.698  14.000  1.00 40.06  ?  33  VAL B CB   1 
ATOM   1238 C  CG1  . VAL B 1 35 ? -10.805 -1.579  14.594  1.00 44.21  ?  33  VAL B CG1  1 
ATOM   1239 C  CG2  . VAL B 1 35 ? -8.473  -2.362  14.121  1.00 40.99  ?  33  VAL B CG2  1 
ATOM   1240 H  H    . VAL B 1 35 ? -9.263  -4.945  13.233  1.00 54.51  ?  33  VAL B H    1 
ATOM   1241 H  HA   . VAL B 1 35 ? -9.854  -4.018  15.583  1.00 53.21  ?  33  VAL B HA   1 
ATOM   1242 H  HB   . VAL B 1 35 ? -10.165 -2.773  13.057  1.00 48.07  ?  33  VAL B HB   1 
ATOM   1243 H  HG11 . VAL B 1 35 ? -10.598 -0.748  14.137  1.00 53.06  ?  33  VAL B HG11 1 
ATOM   1244 H  HG12 . VAL B 1 35 ? -11.742 -1.800  14.473  1.00 53.06  ?  33  VAL B HG12 1 
ATOM   1245 H  HG13 . VAL B 1 35 ? -10.604 -1.497  15.539  1.00 53.06  ?  33  VAL B HG13 1 
ATOM   1246 H  HG21 . VAL B 1 35 ? -8.305  -1.515  13.682  1.00 49.19  ?  33  VAL B HG21 1 
ATOM   1247 H  HG22 . VAL B 1 35 ? -8.239  -2.302  15.060  1.00 49.19  ?  33  VAL B HG22 1 
ATOM   1248 H  HG23 . VAL B 1 35 ? -7.954  -3.064  13.696  1.00 49.19  ?  33  VAL B HG23 1 
ATOM   1249 N  N    . THR B 1 36 ? -12.395 -4.685  13.759  1.00 40.75  ?  34  THR B N    1 
ATOM   1250 C  CA   . THR B 1 36 ? -13.814 -5.019  13.834  1.00 46.89  ?  34  THR B CA   1 
ATOM   1251 C  C    . THR B 1 36 ? -14.080 -6.047  14.933  1.00 55.22  ?  34  THR B C    1 
ATOM   1252 O  O    . THR B 1 36 ? -14.978 -5.860  15.763  1.00 57.47  ?  34  THR B O    1 
ATOM   1253 C  CB   . THR B 1 36 ? -14.337 -5.566  12.493  1.00 47.46  ?  34  THR B CB   1 
ATOM   1254 O  OG1  . THR B 1 36 ? -14.215 -4.555  11.486  1.00 43.52  ?  34  THR B OG1  1 
ATOM   1255 C  CG2  . THR B 1 36 ? -15.805 -5.982  12.607  1.00 50.17  ?  34  THR B CG2  1 
ATOM   1256 H  H    . THR B 1 36 ? -12.045 -4.785  12.980  1.00 48.90  ?  34  THR B H    1 
ATOM   1257 H  HA   . THR B 1 36 ? -14.317 -4.216  14.046  1.00 56.26  ?  34  THR B HA   1 
ATOM   1258 H  HB   . THR B 1 36 ? -13.817 -6.343  12.237  1.00 56.96  ?  34  THR B HB   1 
ATOM   1259 H  HG1  . THR B 1 36 ? -13.410 -4.333  11.399  1.00 52.23  ?  34  THR B HG1  1 
ATOM   1260 H  HG21 . THR B 1 36 ? -16.119 -6.324  11.755  1.00 60.20  ?  34  THR B HG21 1 
ATOM   1261 H  HG22 . THR B 1 36 ? -15.902 -6.675  13.279  1.00 60.20  ?  34  THR B HG22 1 
ATOM   1262 H  HG23 . THR B 1 36 ? -16.347 -5.220  12.860  1.00 60.20  ?  34  THR B HG23 1 
ATOM   1263 N  N    . ALA B 1 37 ? -13.305 -7.130  14.940  1.00 59.03  ?  35  ALA B N    1 
ATOM   1264 C  CA   . ALA B 1 37 ? -13.475 -8.166  15.960  1.00 61.77  ?  35  ALA B CA   1 
ATOM   1265 C  C    . ALA B 1 37 ? -13.308 -7.604  17.378  1.00 55.75  ?  35  ALA B C    1 
ATOM   1266 O  O    . ALA B 1 37 ? -14.171 -7.798  18.247  1.00 51.23  ?  35  ALA B O    1 
ATOM   1267 C  CB   . ALA B 1 37 ? -12.492 -9.303  15.726  1.00 58.39  ?  35  ALA B CB   1 
ATOM   1268 H  H    . ALA B 1 37 ? -12.680 -7.289  14.371  1.00 70.84  ?  35  ALA B H    1 
ATOM   1269 H  HA   . ALA B 1 37 ? -14.371 -8.530  15.889  1.00 74.13  ?  35  ALA B HA   1 
ATOM   1270 H  HB1  . ALA B 1 37 ? -12.621 -9.978  16.412  1.00 70.07  ?  35  ALA B HB1  1 
ATOM   1271 H  HB2  . ALA B 1 37 ? -12.655 -9.687  14.851  1.00 70.07  ?  35  ALA B HB2  1 
ATOM   1272 H  HB3  . ALA B 1 37 ? -11.589 -8.953  15.773  1.00 70.07  ?  35  ALA B HB3  1 
ATOM   1273 N  N    . MET B 1 38 ? -12.203 -6.900  17.607  1.00 54.50  ?  36  MET B N    1 
ATOM   1274 C  CA   . MET B 1 38 ? -11.916 -6.364  18.935  1.00 54.03  ?  36  MET B CA   1 
ATOM   1275 C  C    . MET B 1 38 ? -12.955 -5.333  19.362  1.00 56.52  ?  36  MET B C    1 
ATOM   1276 O  O    . MET B 1 38 ? -13.246 -5.198  20.549  1.00 54.76  ?  36  MET B O    1 
ATOM   1277 C  CB   . MET B 1 38 ? -10.521 -5.738  18.976  1.00 46.72  ?  36  MET B CB   1 
ATOM   1278 C  CG   . MET B 1 38 ? -9.386  -6.752  18.911  1.00 46.84  ?  36  MET B CG   1 
ATOM   1279 S  SD   . MET B 1 38 ? -7.886  -6.178  19.728  1.00 52.49  ?  36  MET B SD   1 
ATOM   1280 C  CE   . MET B 1 38 ? -7.455  -4.767  18.715  1.00 53.84  ?  36  MET B CE   1 
ATOM   1281 H  H    . MET B 1 38 ? -11.606 -6.720  17.014  1.00 65.40  ?  36  MET B H    1 
ATOM   1282 H  HA   . MET B 1 38 ? -11.927 -7.095  19.573  1.00 64.84  ?  36  MET B HA   1 
ATOM   1283 H  HB2  . MET B 1 38 ? -10.426 -5.139  18.219  1.00 56.07  ?  36  MET B HB2  1 
ATOM   1284 H  HB3  . MET B 1 38 ? -10.425 -5.240  19.802  1.00 56.07  ?  36  MET B HB3  1 
ATOM   1285 H  HG2  . MET B 1 38 ? -9.670  -7.571  19.346  1.00 56.21  ?  36  MET B HG2  1 
ATOM   1286 H  HG3  . MET B 1 38 ? -9.173  -6.928  17.981  1.00 56.21  ?  36  MET B HG3  1 
ATOM   1287 H  HE1  . MET B 1 38 ? -6.645  -4.364  19.063  1.00 64.61  ?  36  MET B HE1  1 
ATOM   1288 H  HE2  . MET B 1 38 ? -7.311  -5.065  17.803  1.00 64.61  ?  36  MET B HE2  1 
ATOM   1289 H  HE3  . MET B 1 38 ? -8.182  -4.125  18.742  1.00 64.61  ?  36  MET B HE3  1 
ATOM   1290 N  N    . LEU B 1 39 ? -13.507 -4.603  18.394  1.00 61.44  ?  37  LEU B N    1 
ATOM   1291 C  CA   . LEU B 1 39 ? -14.591 -3.667  18.676  1.00 67.29  ?  37  LEU B CA   1 
ATOM   1292 C  C    . LEU B 1 39 ? -15.853 -4.416  19.082  1.00 69.20  ?  37  LEU B C    1 
ATOM   1293 O  O    . LEU B 1 39 ? -16.458 -4.108  20.110  1.00 65.55  ?  37  LEU B O    1 
ATOM   1294 C  CB   . LEU B 1 39 ? -14.877 -2.781  17.464  1.00 61.17  ?  37  LEU B CB   1 
ATOM   1295 C  CG   . LEU B 1 39 ? -13.852 -1.682  17.187  1.00 52.33  ?  37  LEU B CG   1 
ATOM   1296 C  CD1  . LEU B 1 39 ? -14.077 -1.116  15.803  1.00 51.49  ?  37  LEU B CD1  1 
ATOM   1297 C  CD2  . LEU B 1 39 ? -13.934 -0.577  18.233  1.00 50.63  ?  37  LEU B CD2  1 
ATOM   1298 H  H    . LEU B 1 39 ? -13.270 -4.632  17.568  1.00 73.72  ?  37  LEU B H    1 
ATOM   1299 H  HA   . LEU B 1 39 ? -14.331 -3.093  19.414  1.00 80.74  ?  37  LEU B HA   1 
ATOM   1300 H  HB2  . LEU B 1 39 ? -14.917 -3.345  16.675  1.00 73.40  ?  37  LEU B HB2  1 
ATOM   1301 H  HB3  . LEU B 1 39 ? -15.736 -2.350  17.595  1.00 73.40  ?  37  LEU B HB3  1 
ATOM   1302 H  HG   . LEU B 1 39 ? -12.961 -2.062  17.218  1.00 62.80  ?  37  LEU B HG   1 
ATOM   1303 H  HD11 . LEU B 1 39 ? -13.423 -0.420  15.637  1.00 61.79  ?  37  LEU B HD11 1 
ATOM   1304 H  HD12 . LEU B 1 39 ? -13.977 -1.828  15.151  1.00 61.79  ?  37  LEU B HD12 1 
ATOM   1305 H  HD13 . LEU B 1 39 ? -14.973 -0.747  15.754  1.00 61.79  ?  37  LEU B HD13 1 
ATOM   1306 H  HD21 . LEU B 1 39 ? -14.823 -0.190  18.212  1.00 60.75  ?  37  LEU B HD21 1 
ATOM   1307 H  HD22 . LEU B 1 39 ? -13.759 -0.957  19.107  1.00 60.75  ?  37  LEU B HD22 1 
ATOM   1308 H  HD23 . LEU B 1 39 ? -13.272 0.101   18.027  1.00 60.75  ?  37  LEU B HD23 1 
ATOM   1309 N  N    . ARG B 1 40 ? -16.251 -5.395  18.272  1.00 71.43  ?  38  ARG B N    1 
ATOM   1310 C  CA   . ARG B 1 40 ? -17.409 -6.219  18.606  1.00 72.70  ?  38  ARG B CA   1 
ATOM   1311 C  C    . ARG B 1 40 ? -17.207 -6.884  19.967  1.00 77.52  ?  38  ARG B C    1 
ATOM   1312 O  O    . ARG B 1 40 ? -18.168 -7.122  20.700  1.00 73.34  ?  38  ARG B O    1 
ATOM   1313 C  CB   . ARG B 1 40 ? -17.670 -7.274  17.525  1.00 72.53  ?  38  ARG B CB   1 
ATOM   1314 C  CG   . ARG B 1 40 ? -18.570 -6.773  16.395  1.00 76.49  ?  38  ARG B CG   1 
ATOM   1315 C  CD   . ARG B 1 40 ? -18.904 -7.855  15.367  1.00 88.00  ?  38  ARG B CD   1 
ATOM   1316 N  NE   . ARG B 1 40 ? -19.477 -9.059  15.967  1.00 96.52  ?  38  ARG B NE   1 
ATOM   1317 C  CZ   . ARG B 1 40 ? -20.174 -9.974  15.299  1.00 97.35  ?  38  ARG B CZ   1 
ATOM   1318 N  NH1  . ARG B 1 40 ? -20.404 -9.827  13.999  1.00 95.37  ?  38  ARG B NH1  1 
ATOM   1319 N  NH2  . ARG B 1 40 ? -20.651 -11.039 15.932  1.00 98.83  ?  38  ARG B NH2  1 
ATOM   1320 H  H    . ARG B 1 40 ? -15.871 -5.600  17.529  1.00 85.72  ?  38  ARG B H    1 
ATOM   1321 H  HA   . ARG B 1 40 ? -18.193 -5.652  18.665  1.00 87.24  ?  38  ARG B HA   1 
ATOM   1322 H  HB2  . ARG B 1 40 ? -16.822 -7.541  17.135  1.00 87.04  ?  38  ARG B HB2  1 
ATOM   1323 H  HB3  . ARG B 1 40 ? -18.103 -8.041  17.932  1.00 87.04  ?  38  ARG B HB3  1 
ATOM   1324 H  HG2  . ARG B 1 40 ? -19.402 -6.453  16.774  1.00 91.79  ?  38  ARG B HG2  1 
ATOM   1325 H  HG3  . ARG B 1 40 ? -18.118 -6.051  15.931  1.00 91.79  ?  38  ARG B HG3  1 
ATOM   1326 H  HD2  . ARG B 1 40 ? -19.548 -7.501  14.735  1.00 105.60 ?  38  ARG B HD2  1 
ATOM   1327 H  HD3  . ARG B 1 40 ? -18.092 -8.111  14.903  1.00 105.60 ?  38  ARG B HD3  1 
ATOM   1328 H  HE   . ARG B 1 40 ? -19.356 -9.185  16.810  1.00 115.83 ?  38  ARG B HE   1 
ATOM   1329 H  HH11 . ARG B 1 40 ? -20.096 -9.141  13.583  1.00 114.45 ?  38  ARG B HH11 1 
ATOM   1330 H  HH12 . ARG B 1 40 ? -20.856 -10.421 13.573  1.00 114.45 ?  38  ARG B HH12 1 
ATOM   1331 H  HH21 . ARG B 1 40 ? -20.508 -11.138 16.775  1.00 118.60 ?  38  ARG B HH21 1 
ATOM   1332 H  HH22 . ARG B 1 40 ? -21.105 -11.629 15.501  1.00 118.60 ?  38  ARG B HH22 1 
ATOM   1333 N  N    . ASN B 1 41 ? -15.953 -7.176  20.306  1.00 83.19  ?  39  ASN B N    1 
ATOM   1334 C  CA   . ASN B 1 41 ? -15.636 -7.700  21.634  1.00 84.62  ?  39  ASN B CA   1 
ATOM   1335 C  C    . ASN B 1 41 ? -15.902 -6.705  22.766  1.00 84.71  ?  39  ASN B C    1 
ATOM   1336 O  O    . ASN B 1 41 ? -16.548 -7.051  23.758  1.00 83.25  ?  39  ASN B O    1 
ATOM   1337 C  CB   . ASN B 1 41 ? -14.175 -8.150  21.689  1.00 84.18  ?  39  ASN B CB   1 
ATOM   1338 C  CG   . ASN B 1 41 ? -14.043 -9.640  21.880  1.00 86.09  ?  39  ASN B CG   1 
ATOM   1339 O  OD1  . ASN B 1 41 ? -13.335 -10.107 22.772  1.00 88.85  ?  39  ASN B OD1  1 
ATOM   1340 N  ND2  . ASN B 1 41 ? -14.753 -10.400 21.058  1.00 83.60  ?  39  ASN B ND2  1 
ATOM   1341 H  H    . ASN B 1 41 ? -15.272 -7.080  19.789  1.00 99.83  ?  39  ASN B H    1 
ATOM   1342 H  HA   . ASN B 1 41 ? -16.188 -8.480  21.796  1.00 101.54 ?  39  ASN B HA   1 
ATOM   1343 H  HB2  . ASN B 1 41 ? -13.738 -7.912  20.856  1.00 101.01 ?  39  ASN B HB2  1 
ATOM   1344 H  HB3  . ASN B 1 41 ? -13.736 -7.710  22.434  1.00 101.01 ?  39  ASN B HB3  1 
ATOM   1345 H  HD21 . ASN B 1 41 ? -14.716 -11.256 21.123  1.00 100.31 ?  39  ASN B HD21 1 
ATOM   1346 H  HD22 . ASN B 1 41 ? -15.253 -10.036 20.458  1.00 100.31 ?  39  ASN B HD22 1 
ATOM   1347 N  N    . MET B 1 42 ? -15.408 -5.479  22.622  1.00 80.80  ?  40  MET B N    1 
ATOM   1348 C  CA   . MET B 1 42 ? -15.547 -4.481  23.681  1.00 71.75  ?  40  MET B CA   1 
ATOM   1349 C  C    . MET B 1 42 ? -16.968 -3.928  23.748  1.00 69.83  ?  40  MET B C    1 
ATOM   1350 O  O    . MET B 1 42 ? -17.652 -3.810  22.732  1.00 68.82  ?  40  MET B O    1 
ATOM   1351 C  CB   . MET B 1 42 ? -14.553 -3.336  23.476  1.00 65.85  ?  40  MET B CB   1 
ATOM   1352 C  CG   . MET B 1 42 ? -13.137 -3.670  23.900  1.00 67.68  ?  40  MET B CG   1 
ATOM   1353 S  SD   . MET B 1 42 ? -11.949 -2.421  23.374  1.00 68.66  ?  40  MET B SD   1 
ATOM   1354 C  CE   . MET B 1 42 ? -10.453 -3.044  24.131  1.00 55.36  ?  40  MET B CE   1 
ATOM   1355 H  H    . MET B 1 42 ? -14.991 -5.199  21.925  1.00 96.96  ?  40  MET B H    1 
ATOM   1356 H  HA   . MET B 1 42 ? -15.339 -4.900  24.530  1.00 86.10  ?  40  MET B HA   1 
ATOM   1357 H  HB2  . MET B 1 42 ? -14.533 -3.105  22.534  1.00 79.02  ?  40  MET B HB2  1 
ATOM   1358 H  HB3  . MET B 1 42 ? -14.846 -2.572  23.995  1.00 79.02  ?  40  MET B HB3  1 
ATOM   1359 H  HG2  . MET B 1 42 ? -13.102 -3.730  24.867  1.00 81.22  ?  40  MET B HG2  1 
ATOM   1360 H  HG3  . MET B 1 42 ? -12.878 -4.517  23.504  1.00 81.22  ?  40  MET B HG3  1 
ATOM   1361 H  HE1  . MET B 1 42 ? -10.269 -3.931  23.784  1.00 66.44  ?  40  MET B HE1  1 
ATOM   1362 H  HE2  . MET B 1 42 ? -9.719  -2.448  23.919  1.00 66.44  ?  40  MET B HE2  1 
ATOM   1363 H  HE3  . MET B 1 42 ? -10.580 -3.086  25.092  1.00 66.44  ?  40  MET B HE3  1 
HETATM 1364 C  C10  . EPE C 2 .  ? 9.293   5.737   -30.758 1.00 71.57  ?  101 EPE A C10  1 
HETATM 1365 S  S    . EPE C 2 .  ? 9.438   7.357   -29.955 1.00 72.95  ?  101 EPE A S    1 
HETATM 1366 O  O1S  . EPE C 2 .  ? 8.432   7.547   -28.972 1.00 72.60  ?  101 EPE A O1S  1 
HETATM 1367 O  O2S  . EPE C 2 .  ? 9.028   8.328   -31.051 1.00 67.87  -1 101 EPE A O2S  1 
HETATM 1368 O  O3S  . EPE C 2 .  ? 10.798  7.703   -29.720 1.00 67.13  ?  101 EPE A O3S  1 
HETATM 1369 H  H101 . EPE C 2 .  ? 9.958   5.700   -31.622 1.00 85.88  ?  101 EPE A H101 1 
HETATM 1370 H  H102 . EPE C 2 .  ? 8.264   5.587   -31.087 1.00 85.88  ?  101 EPE A H102 1 
HETATM 1371 C  C1   . EDO D 3 .  ? 0.970   -6.736  17.450  1.00 68.08  ?  102 EDO A C1   1 
HETATM 1372 O  O1   . EDO D 3 .  ? 0.554   -8.098  17.282  1.00 57.09  ?  102 EDO A O1   1 
HETATM 1373 C  C2   . EDO D 3 .  ? 0.094   -5.819  16.604  1.00 70.62  ?  102 EDO A C2   1 
HETATM 1374 O  O2   . EDO D 3 .  ? 0.679   -4.513  16.552  1.00 66.31  ?  102 EDO A O2   1 
HETATM 1375 H  H11  . EDO D 3 .  ? 2.014   -6.630  17.150  1.00 81.69  ?  102 EDO A H11  1 
HETATM 1376 H  H12  . EDO D 3 .  ? 0.888   -6.454  18.503  1.00 81.69  ?  102 EDO A H12  1 
HETATM 1377 H  HO1  . EDO D 3 .  ? 1.113   -8.674  17.820  1.00 68.50  ?  102 EDO A HO1  1 
HETATM 1378 H  H21  . EDO D 3 .  ? -0.906  -5.759  17.038  1.00 84.74  ?  102 EDO A H21  1 
HETATM 1379 H  H22  . EDO D 3 .  ? 0.004   -6.224  15.594  1.00 84.74  ?  102 EDO A H22  1 
HETATM 1380 H  HO2  . EDO D 3 .  ? 0.123   -3.932  16.015  1.00 79.57  ?  102 EDO A HO2  1 
HETATM 1381 C  C1   . EDO E 3 .  ? -3.948  -1.612  -12.352 1.00 85.69  ?  103 EDO A C1   1 
HETATM 1382 O  O1   . EDO E 3 .  ? -4.365  -1.396  -10.999 1.00 87.89  ?  103 EDO A O1   1 
HETATM 1383 C  C2   . EDO E 3 .  ? -4.319  -0.398  -13.197 1.00 79.61  ?  103 EDO A C2   1 
HETATM 1384 O  O2   . EDO E 3 .  ? -3.838  -0.562  -14.535 1.00 77.85  ?  103 EDO A O2   1 
HETATM 1385 H  H11  . EDO E 3 .  ? -4.437  -2.503  -12.751 1.00 102.83 ?  103 EDO A H11  1 
HETATM 1386 H  H12  . EDO E 3 .  ? -2.869  -1.771  -12.385 1.00 102.83 ?  103 EDO A H12  1 
HETATM 1387 H  HO1  . EDO E 3 .  ? -4.131  -2.166  -10.462 1.00 105.47 ?  103 EDO A HO1  1 
HETATM 1388 H  H21  . EDO E 3 .  ? -3.882  0.502   -12.758 1.00 95.53  ?  103 EDO A H21  1 
HETATM 1389 H  H22  . EDO E 3 .  ? -5.404  -0.276  -13.208 1.00 95.53  ?  103 EDO A H22  1 
HETATM 1390 H  HO2  . EDO E 3 .  ? -4.078  0.212   -15.062 1.00 93.43  ?  103 EDO A HO2  1 
HETATM 1391 C  C1   . EDO F 3 .  ? 1.306   3.035   18.966  1.00 61.88  ?  104 EDO A C1   1 
HETATM 1392 O  O1   . EDO F 3 .  ? 2.312   4.008   18.685  1.00 68.49  ?  104 EDO A O1   1 
HETATM 1393 C  C2   . EDO F 3 .  ? 0.917   3.061   20.446  1.00 61.45  ?  104 EDO A C2   1 
HETATM 1394 O  O2   . EDO F 3 .  ? -0.511  3.018   20.596  1.00 59.03  ?  104 EDO A O2   1 
HETATM 1395 H  H11  . EDO F 3 .  ? 0.423   3.257   18.368  1.00 74.26  ?  104 EDO A H11  1 
HETATM 1396 H  H12  . EDO F 3 .  ? 1.679   2.048   18.699  1.00 74.26  ?  104 EDO A H12  1 
HETATM 1397 H  HO1  . EDO F 3 .  ? 2.521   3.961   17.743  1.00 82.19  ?  104 EDO A HO1  1 
HETATM 1398 H  H21  . EDO F 3 .  ? 1.366   2.217   20.970  1.00 73.74  ?  104 EDO A H21  1 
HETATM 1399 H  H22  . EDO F 3 .  ? 1.291   3.982   20.892  1.00 73.74  ?  104 EDO A H22  1 
HETATM 1400 H  HO2  . EDO F 3 .  ? -0.705  3.037   21.543  1.00 70.83  ?  104 EDO A HO2  1 
HETATM 1401 CL CL   . CL  G 4 .  ? 0.738   0.951   -19.735 1.00 93.65  ?  105 CL  A CL   1 
HETATM 1402 CL CL   . CL  H 4 .  ? -0.140  12.490  -10.102 1.00 64.48  ?  106 CL  A CL   1 
HETATM 1403 CL CL   . CL  I 4 .  ? 0.055   -6.625  25.995  1.00 68.15  ?  107 CL  A CL   1 
HETATM 1404 CL CL   . CL  J 4 .  ? -0.530  7.753   10.921  1.00 81.89  ?  108 CL  A CL   1 
HETATM 1405 CL CL   . CL  K 4 .  ? -6.367  3.278   -1.179  1.00 65.91  ?  109 CL  A CL   1 
HETATM 1406 C  C    . TRS L 5 .  ? 13.711  5.811   -12.504 1.00 64.94  ?  101 TRS B C    1 
HETATM 1407 C  C1   . TRS L 5 .  ? 13.986  4.613   -13.415 1.00 70.19  ?  101 TRS B C1   1 
HETATM 1408 C  C2   . TRS L 5 .  ? 14.346  7.061   -13.104 1.00 53.73  ?  101 TRS B C2   1 
HETATM 1409 C  C3   . TRS L 5 .  ? 14.185  5.584   -11.071 1.00 75.88  ?  101 TRS B C3   1 
HETATM 1410 N  N    . TRS L 5 .  ? 12.260  6.007   -12.456 1.00 62.20  ?  101 TRS B N    1 
HETATM 1411 O  O1   . TRS L 5 .  ? 15.172  3.909   -13.096 1.00 73.96  ?  101 TRS B O1   1 
HETATM 1412 O  O2   . TRS L 5 .  ? 14.645  7.995   -12.093 1.00 47.53  ?  101 TRS B O2   1 
HETATM 1413 O  O3   . TRS L 5 .  ? 13.948  4.245   -10.695 1.00 81.30  ?  101 TRS B O3   1 
HETATM 1414 H  H11  . TRS L 5 .  ? 14.050  4.962   -14.445 1.00 84.23  ?  101 TRS B H11  1 
HETATM 1415 H  H12  . TRS L 5 .  ? 13.142  3.925   -13.356 1.00 84.23  ?  101 TRS B H12  1 
HETATM 1416 H  H21  . TRS L 5 .  ? 13.660  7.509   -13.824 1.00 64.47  ?  101 TRS B H21  1 
HETATM 1417 H  H22  . TRS L 5 .  ? 15.259  6.790   -13.632 1.00 64.47  ?  101 TRS B H22  1 
HETATM 1418 H  H31  . TRS L 5 .  ? 13.653  6.254   -10.397 1.00 91.06  ?  101 TRS B H31  1 
HETATM 1419 H  H32  . TRS L 5 .  ? 15.250  5.804   -10.997 1.00 91.06  ?  101 TRS B H32  1 
HETATM 1420 H  HN1  . TRS L 5 .  ? 11.970  6.800   -11.893 1.00 74.64  ?  101 TRS B HN1  1 
HETATM 1421 H  HN2  . TRS L 5 .  ? 11.737  5.158   -12.270 1.00 74.64  ?  101 TRS B HN2  1 
HETATM 1422 H  HN3  . TRS L 5 .  ? 12.007  6.259   -13.399 1.00 74.64  ?  101 TRS B HN3  1 
HETATM 1423 H  HO1  . TRS L 5 .  ? 15.608  4.334   -12.329 1.00 88.75  ?  101 TRS B HO1  1 
HETATM 1424 H  HO2  . TRS L 5 .  ? 15.051  8.793   -12.494 1.00 57.03  ?  101 TRS B HO2  1 
HETATM 1425 H  HO3  . TRS L 5 .  ? 14.255  4.104   -9.775  1.00 97.56  ?  101 TRS B HO3  1 
HETATM 1426 CL CL   . CL  M 4 .  ? 16.963  3.746   -27.354 1.00 77.68  ?  102 CL  B CL   1 
HETATM 1427 CL CL   . CL  N 4 .  ? -1.120  -10.080 5.940   1.00 79.65  ?  103 CL  B CL   1 
HETATM 1428 CL CL   . CL  O 4 .  ? -12.718 -0.260  10.801  1.00 72.64  ?  104 CL  B CL   1 
HETATM 1429 O  O    . HOH P 6 .  ? -3.817  3.728   -7.636  1.00 53.62  ?  201 HOH A O    1 
HETATM 1430 O  O    . HOH P 6 .  ? 9.334   4.466   -5.959  1.00 79.21  ?  202 HOH A O    1 
HETATM 1431 O  O    . HOH P 6 .  ? -0.873  9.825   -1.741  1.00 60.68  ?  203 HOH A O    1 
HETATM 1432 O  O    . HOH P 6 .  ? 0.595   -5.296  10.053  1.00 58.05  ?  204 HOH A O    1 
HETATM 1433 O  O    . HOH P 6 .  ? 2.704   6.796   4.290   1.00 51.71  ?  205 HOH A O    1 
HETATM 1434 O  O    . HOH P 6 .  ? -7.878  0.651   1.688   1.00 53.98  ?  206 HOH A O    1 
HETATM 1435 O  O    . HOH P 6 .  ? -5.135  7.293   -4.347  1.00 46.85  ?  207 HOH A O    1 
HETATM 1436 O  O    . HOH P 6 .  ? 2.707   6.215   6.903   1.00 45.51  ?  208 HOH A O    1 
HETATM 1437 O  O    . HOH P 6 .  ? 3.711   1.198   7.449   1.00 49.88  ?  209 HOH A O    1 
HETATM 1438 O  O    . HOH P 6 .  ? 2.300   3.697   -27.207 1.00 70.92  ?  210 HOH A O    1 
HETATM 1439 O  O    . HOH P 6 .  ? 4.096   10.086  -3.122  1.00 54.03  ?  211 HOH A O    1 
HETATM 1440 O  O    . HOH P 6 .  ? 7.382   11.844  -32.276 1.00 45.67  ?  212 HOH A O    1 
HETATM 1441 O  O    . HOH P 6 .  ? -1.142  5.620   -17.466 1.00 41.22  ?  213 HOH A O    1 
HETATM 1442 O  O    . HOH P 6 .  ? -5.282  2.057   -15.773 1.00 86.87  ?  214 HOH A O    1 
HETATM 1443 O  O    . HOH P 6 .  ? -1.690  9.368   -27.234 1.00 59.77  ?  215 HOH A O    1 
HETATM 1444 O  O    . HOH P 6 .  ? -3.212  2.459   -10.651 1.00 50.40  ?  216 HOH A O    1 
HETATM 1445 O  O    . HOH P 6 .  ? -9.018  6.410   4.651   1.00 64.17  ?  217 HOH A O    1 
HETATM 1446 O  O    . HOH P 6 .  ? -4.131  1.051   29.585  0.50 46.72  ?  218 HOH A O    1 
HETATM 1447 O  O    . HOH P 6 .  ? 1.136   5.666   -29.165 1.00 62.27  ?  219 HOH A O    1 
HETATM 1448 O  O    . HOH P 6 .  ? 0.581   -2.602  -20.017 1.00 47.99  ?  220 HOH A O    1 
HETATM 1449 O  O    . HOH Q 6 .  ? 2.813   -9.149  -2.931  1.00 60.52  ?  201 HOH B O    1 
HETATM 1450 O  O    . HOH Q 6 .  ? 5.527   4.932   -2.642  1.00 48.51  ?  202 HOH B O    1 
HETATM 1451 O  O    . HOH Q 6 .  ? 19.416  0.780   -17.529 1.00 79.34  ?  203 HOH B O    1 
HETATM 1452 O  O    . HOH Q 6 .  ? 11.027  -0.767  -28.473 1.00 47.09  ?  204 HOH B O    1 
HETATM 1453 O  O    . HOH Q 6 .  ? 18.185  2.416   -24.697 1.00 96.64  ?  205 HOH B O    1 
HETATM 1454 O  O    . HOH Q 6 .  ? -7.093  -6.774  -0.325  1.00 58.53  ?  206 HOH B O    1 
HETATM 1455 O  O    . HOH Q 6 .  ? 2.679   -6.647  -10.355 1.00 52.00  ?  207 HOH B O    1 
HETATM 1456 O  O    . HOH Q 6 .  ? -7.596  -1.728  0.775   1.00 53.85  ?  208 HOH B O    1 
HETATM 1457 O  O    . HOH Q 6 .  ? -13.614 -5.650  8.293   1.00 53.80  ?  209 HOH B O    1 
HETATM 1458 O  O    . HOH Q 6 .  ? -6.565  -10.229 4.537   1.00 43.63  ?  210 HOH B O    1 
# 
